data_3IK9
#
_entry.id   3IK9
#
_cell.length_a   95.889
_cell.length_b   114.658
_cell.length_c   96.239
_cell.angle_alpha   90.000
_cell.angle_beta   117.760
_cell.angle_gamma   90.000
#
_symmetry.space_group_name_H-M   'P 1 21 1'
#
loop_
_entity.id
_entity.type
_entity.pdbx_description
1 polymer 'Glutathione S-transferase A1'
2 non-polymer '(S)-2-amino-5-((R)-1-(carboxymethylamino)-3-((3S,4R)-1,4-dihydroxynonan-3-ylthio)-1-oxopropan-2-ylamino)-5-oxopentanoic acid'
3 water water
#
_entity_poly.entity_id   1
_entity_poly.type   'polypeptide(L)'
_entity_poly.pdbx_seq_one_letter_code
;MAEKPKLHYFNGRGRMESTRWLLAAAGVEFEEKFIKSAEDLDKLRNDGYLMFQQVPMVEIDGMKLVQTRAILNYIASKYN
LYGKDIKERALIDMYIEGIADLGEMIIMLPFCPPEEKDAKLALIKEKIKNRYFPAFEKVLKSHGQDYLVGNKLSRADIHL
VELLYYVEELDSSLISSFPLLKALKTRISNLPTVKKFLQPGSPRKPPPDEIYVRTVYNIFRP
;
_entity_poly.pdbx_strand_id   A,B,C,D,E,F,G,H
#
loop_
_chem_comp.id
_chem_comp.type
_chem_comp.name
_chem_comp.formula
BOB non-polymer '(S)-2-amino-5-((R)-1-(carboxymethylamino)-3-((3S,4R)-1,4-dihydroxynonan-3-ylthio)-1-oxopropan-2-ylamino)-5-oxopentanoic acid' 'C19 H35 N3 O8 S'
#
# COMPACT_ATOMS: atom_id res chain seq x y z
N ALA A 2 11.91 4.99 -10.43
CA ALA A 2 12.39 6.40 -10.57
C ALA A 2 13.20 6.81 -9.34
N GLU A 3 13.47 8.11 -9.21
CA GLU A 3 14.19 8.65 -8.06
C GLU A 3 13.22 9.00 -6.90
N LYS A 4 13.77 9.32 -5.72
CA LYS A 4 13.02 10.00 -4.67
C LYS A 4 12.60 11.41 -5.15
N PRO A 5 11.40 11.88 -4.77
CA PRO A 5 11.05 13.27 -5.00
C PRO A 5 12.04 14.21 -4.33
N LYS A 6 12.57 15.19 -5.05
CA LYS A 6 13.51 16.15 -4.47
C LYS A 6 12.93 17.58 -4.33
N LEU A 7 12.91 18.08 -3.11
CA LEU A 7 12.34 19.39 -2.78
C LEU A 7 13.34 20.56 -2.73
N HIS A 8 13.16 21.53 -3.63
CA HIS A 8 13.99 22.75 -3.59
C HIS A 8 13.27 23.88 -2.87
N TYR A 9 13.84 24.30 -1.74
CA TYR A 9 13.25 25.34 -0.90
C TYR A 9 14.26 25.84 0.09
N PHE A 10 13.91 26.92 0.79
CA PHE A 10 14.67 27.31 1.97
C PHE A 10 14.54 26.19 3.01
N ASN A 11 15.46 26.18 3.95
CA ASN A 11 15.38 25.30 5.09
C ASN A 11 14.42 25.93 6.07
N GLY A 12 13.13 25.65 5.89
CA GLY A 12 12.09 26.22 6.73
C GLY A 12 10.73 25.85 6.16
N ARG A 13 9.69 26.35 6.80
CA ARG A 13 8.33 25.99 6.47
C ARG A 13 7.86 26.65 5.19
N GLY A 14 7.49 27.91 5.31
CA GLY A 14 6.76 28.62 4.26
C GLY A 14 5.88 27.79 3.33
N ARG A 15 6.16 27.92 2.05
CA ARG A 15 5.29 27.36 1.01
C ARG A 15 5.62 25.92 0.68
N MET A 16 6.67 25.36 1.27
CA MET A 16 7.00 23.96 1.00
C MET A 16 6.45 22.98 2.04
N GLU A 17 6.07 23.52 3.19
CA GLU A 17 5.74 22.68 4.35
C GLU A 17 4.56 21.79 4.10
N SER A 18 3.50 22.31 3.46
CA SER A 18 2.30 21.50 3.24
C SER A 18 2.63 20.25 2.45
N THR A 19 3.57 20.36 1.52
CA THR A 19 4.05 19.24 0.70
C THR A 19 4.87 18.24 1.52
N ARG A 20 5.65 18.73 2.48
CA ARG A 20 6.47 17.84 3.29
C ARG A 20 5.49 16.94 4.07
N TRP A 21 4.52 17.57 4.72
CA TRP A 21 3.40 16.89 5.36
C TRP A 21 2.68 15.87 4.52
N LEU A 22 2.30 16.24 3.28
CA LEU A 22 1.53 15.36 2.41
C LEU A 22 2.36 14.18 1.93
N LEU A 23 3.59 14.44 1.53
CA LEU A 23 4.47 13.31 1.16
C LEU A 23 4.72 12.36 2.39
N ALA A 24 5.08 12.92 3.54
CA ALA A 24 5.27 12.11 4.76
C ALA A 24 3.96 11.44 5.15
N ALA A 25 2.83 12.12 4.95
CA ALA A 25 1.53 11.54 5.27
C ALA A 25 1.19 10.37 4.36
N ALA A 26 1.69 10.43 3.14
CA ALA A 26 1.53 9.37 2.15
C ALA A 26 2.61 8.31 2.26
N GLY A 27 3.56 8.47 3.18
CA GLY A 27 4.62 7.48 3.40
C GLY A 27 5.69 7.45 2.32
N VAL A 28 6.04 8.63 1.81
CA VAL A 28 6.96 8.77 0.66
C VAL A 28 8.28 9.37 1.17
N GLU A 29 9.39 8.65 1.01
CA GLU A 29 10.70 9.18 1.36
C GLU A 29 11.02 10.20 0.30
N PHE A 30 11.52 11.35 0.71
CA PHE A 30 11.96 12.36 -0.25
C PHE A 30 13.27 12.95 0.21
N GLU A 31 13.90 13.69 -0.66
CA GLU A 31 15.17 14.34 -0.33
C GLU A 31 14.96 15.84 -0.52
N GLU A 32 15.78 16.63 0.13
CA GLU A 32 15.66 18.06 0.03
C GLU A 32 17.01 18.62 -0.40
N LYS A 33 16.99 19.56 -1.32
CA LYS A 33 18.17 20.34 -1.67
C LYS A 33 17.91 21.75 -1.20
N PHE A 34 18.59 22.19 -0.16
CA PHE A 34 18.25 23.47 0.44
C PHE A 34 18.82 24.70 -0.27
N ILE A 35 17.96 25.67 -0.47
CA ILE A 35 18.33 26.98 -1.00
C ILE A 35 18.79 27.84 0.17
N LYS A 36 20.10 28.07 0.23
CA LYS A 36 20.78 28.73 1.37
C LYS A 36 21.18 30.19 1.11
N SER A 37 21.17 30.61 -0.15
CA SER A 37 21.56 31.97 -0.53
C SER A 37 20.82 32.43 -1.81
N ALA A 38 20.90 33.72 -2.11
CA ALA A 38 20.45 34.23 -3.42
C ALA A 38 21.09 33.47 -4.59
N GLU A 39 22.33 33.05 -4.40
CA GLU A 39 23.07 32.36 -5.45
C GLU A 39 22.51 30.97 -5.72
N ASP A 40 22.08 30.26 -4.70
CA ASP A 40 21.40 28.99 -4.96
C ASP A 40 20.13 29.25 -5.79
N LEU A 41 19.36 30.27 -5.41
CA LEU A 41 18.13 30.58 -6.13
C LEU A 41 18.47 30.93 -7.56
N ASP A 42 19.40 31.85 -7.75
CA ASP A 42 19.73 32.28 -9.11
C ASP A 42 20.34 31.21 -10.02
N LYS A 43 21.04 30.22 -9.48
CA LYS A 43 21.52 29.09 -10.28
C LYS A 43 20.36 28.25 -10.79
N LEU A 44 19.39 27.98 -9.92
CA LEU A 44 18.14 27.31 -10.30
C LEU A 44 17.37 28.13 -11.35
N ARG A 45 17.18 29.42 -11.09
CA ARG A 45 16.52 30.26 -12.08
C ARG A 45 17.25 30.11 -13.42
N ASN A 46 18.55 30.35 -13.40
CA ASN A 46 19.32 30.44 -14.63
C ASN A 46 19.61 29.09 -15.30
N ASP A 47 19.56 27.99 -14.56
CA ASP A 47 19.62 26.65 -15.17
C ASP A 47 18.29 26.25 -15.79
N GLY A 48 17.27 27.10 -15.61
CA GLY A 48 15.97 26.86 -16.21
C GLY A 48 15.11 25.84 -15.49
N TYR A 49 15.34 25.68 -14.19
CA TYR A 49 14.59 24.72 -13.37
C TYR A 49 13.22 25.28 -12.92
N LEU A 50 13.08 26.61 -12.92
CA LEU A 50 11.97 27.31 -12.31
C LEU A 50 11.15 28.12 -13.33
N MET A 51 10.05 27.53 -13.80
CA MET A 51 9.24 28.16 -14.86
C MET A 51 8.89 29.64 -14.62
N PHE A 52 8.53 30.01 -13.40
CA PHE A 52 8.18 31.41 -13.12
C PHE A 52 9.20 32.09 -12.24
N GLN A 53 10.39 31.50 -12.16
CA GLN A 53 11.52 32.02 -11.35
C GLN A 53 11.33 31.97 -9.84
N GLN A 54 10.47 31.06 -9.37
CA GLN A 54 10.09 30.96 -7.95
C GLN A 54 10.20 29.53 -7.48
N VAL A 55 10.31 29.39 -6.18
CA VAL A 55 10.20 28.13 -5.47
C VAL A 55 8.97 28.25 -4.59
N PRO A 56 8.41 27.12 -4.12
CA PRO A 56 8.85 25.72 -4.22
C PRO A 56 9.00 25.20 -5.61
N MET A 57 9.91 24.25 -5.72
CA MET A 57 10.01 23.38 -6.87
C MET A 57 10.29 21.98 -6.36
N VAL A 58 9.67 21.00 -6.98
CA VAL A 58 9.85 19.61 -6.61
C VAL A 58 10.13 18.85 -7.89
N GLU A 59 11.27 18.16 -7.94
CA GLU A 59 11.54 17.22 -9.04
C GLU A 59 10.92 15.91 -8.62
N ILE A 60 10.02 15.42 -9.44
CA ILE A 60 9.24 14.27 -9.09
C ILE A 60 8.81 13.68 -10.40
N ASP A 61 9.11 12.39 -10.58
CA ASP A 61 8.76 11.66 -11.80
C ASP A 61 9.15 12.41 -13.06
N GLY A 62 10.40 12.86 -13.13
CA GLY A 62 10.95 13.42 -14.35
C GLY A 62 10.44 14.79 -14.75
N MET A 63 9.62 15.40 -13.89
CA MET A 63 9.11 16.74 -14.13
C MET A 63 9.72 17.68 -13.12
N LYS A 64 9.89 18.94 -13.51
CA LYS A 64 10.25 19.99 -12.57
C LYS A 64 9.01 20.83 -12.26
N LEU A 65 8.39 20.58 -11.11
CA LEU A 65 7.08 21.15 -10.80
C LEU A 65 7.19 22.35 -9.88
N VAL A 66 6.68 23.48 -10.33
CA VAL A 66 6.61 24.66 -9.52
C VAL A 66 5.14 24.95 -9.27
N GLN A 67 4.88 25.94 -8.43
CA GLN A 67 3.54 26.22 -7.92
C GLN A 67 3.04 25.14 -6.95
N THR A 68 2.83 25.60 -5.70
CA THR A 68 2.45 24.74 -4.55
C THR A 68 1.27 23.87 -4.86
N ARG A 69 0.23 24.48 -5.43
CA ARG A 69 -0.98 23.73 -5.77
C ARG A 69 -0.78 22.66 -6.79
N ALA A 70 0.06 22.89 -7.79
CA ALA A 70 0.29 21.86 -8.81
C ALA A 70 1.09 20.73 -8.16
N ILE A 71 2.06 21.11 -7.34
CA ILE A 71 2.87 20.16 -6.60
C ILE A 71 1.93 19.29 -5.81
N LEU A 72 1.14 19.91 -4.95
CA LEU A 72 0.19 19.20 -4.11
C LEU A 72 -0.86 18.37 -4.84
N ASN A 73 -1.45 18.95 -5.89
CA ASN A 73 -2.49 18.27 -6.64
C ASN A 73 -1.93 16.99 -7.25
N TYR A 74 -0.74 17.08 -7.81
CA TYR A 74 -0.09 15.89 -8.36
C TYR A 74 0.14 14.81 -7.27
N ILE A 75 0.69 15.24 -6.14
CA ILE A 75 1.03 14.31 -5.06
C ILE A 75 -0.27 13.71 -4.54
N ALA A 76 -1.24 14.55 -4.19
CA ALA A 76 -2.60 14.08 -3.77
C ALA A 76 -3.19 13.02 -4.69
N SER A 77 -3.15 13.29 -5.98
CA SER A 77 -3.77 12.39 -6.94
C SER A 77 -2.94 11.10 -7.14
N LYS A 78 -1.62 11.23 -7.17
CA LYS A 78 -0.74 10.05 -7.29
C LYS A 78 -0.93 9.04 -6.16
N TYR A 79 -1.07 9.51 -4.93
CA TYR A 79 -1.17 8.62 -3.78
C TYR A 79 -2.62 8.51 -3.23
N ASN A 80 -3.61 8.81 -4.07
CA ASN A 80 -5.05 8.62 -3.78
C ASN A 80 -5.57 9.34 -2.54
N LEU A 81 -5.05 10.52 -2.31
CA LEU A 81 -5.48 11.39 -1.25
C LEU A 81 -6.32 12.57 -1.82
N TYR A 82 -6.78 12.43 -3.06
CA TYR A 82 -7.62 13.46 -3.72
C TYR A 82 -9.05 12.94 -3.96
N GLY A 83 -9.59 12.16 -3.04
CA GLY A 83 -10.93 11.60 -3.20
C GLY A 83 -11.06 10.61 -4.34
N LYS A 84 -12.27 10.11 -4.54
CA LYS A 84 -12.52 9.04 -5.52
C LYS A 84 -13.39 9.51 -6.71
N ASP A 85 -13.98 10.69 -6.61
CA ASP A 85 -14.78 11.19 -7.71
C ASP A 85 -14.81 12.71 -7.75
N ILE A 86 -15.35 13.21 -8.86
CA ILE A 86 -15.39 14.63 -9.16
C ILE A 86 -16.11 15.47 -8.10
N LYS A 87 -17.13 14.91 -7.46
CA LYS A 87 -17.82 15.62 -6.37
C LYS A 87 -17.02 15.62 -5.03
N GLU A 88 -16.28 14.55 -4.76
CA GLU A 88 -15.40 14.57 -3.59
C GLU A 88 -14.28 15.59 -3.76
N ARG A 89 -13.75 15.71 -4.98
CA ARG A 89 -12.72 16.72 -5.24
C ARG A 89 -13.27 18.14 -5.11
N ALA A 90 -14.54 18.35 -5.44
CA ALA A 90 -15.14 19.65 -5.27
C ALA A 90 -15.18 20.00 -3.80
N LEU A 91 -15.64 19.07 -3.00
CA LEU A 91 -15.66 19.26 -1.56
C LEU A 91 -14.24 19.47 -1.05
N ILE A 92 -13.32 18.63 -1.50
CA ILE A 92 -11.94 18.71 -1.03
C ILE A 92 -11.33 20.04 -1.43
N ASP A 93 -11.55 20.47 -2.67
CA ASP A 93 -10.93 21.72 -3.14
C ASP A 93 -11.47 22.91 -2.40
N MET A 94 -12.76 22.89 -2.19
CA MET A 94 -13.41 23.95 -1.48
C MET A 94 -12.84 24.04 -0.06
N TYR A 95 -12.61 22.89 0.57
CA TYR A 95 -12.04 22.85 1.94
C TYR A 95 -10.59 23.34 1.98
N ILE A 96 -9.76 22.74 1.14
CA ILE A 96 -8.34 23.02 1.19
C ILE A 96 -8.05 24.44 0.69
N GLU A 97 -8.96 25.04 -0.09
CA GLU A 97 -8.79 26.44 -0.50
C GLU A 97 -9.12 27.40 0.65
N GLY A 98 -10.13 27.05 1.42
CA GLY A 98 -10.37 27.78 2.68
C GLY A 98 -9.16 27.65 3.61
N ILE A 99 -8.54 26.48 3.69
CA ILE A 99 -7.36 26.28 4.58
C ILE A 99 -6.18 27.10 4.05
N ALA A 100 -5.95 27.03 2.73
CA ALA A 100 -4.85 27.75 2.10
C ALA A 100 -5.00 29.25 2.23
N ASP A 101 -6.21 29.77 2.18
CA ASP A 101 -6.46 31.20 2.49
C ASP A 101 -5.97 31.56 3.90
N LEU A 102 -6.45 30.83 4.90
CA LEU A 102 -5.98 31.03 6.27
C LEU A 102 -4.47 30.84 6.34
N GLY A 103 -4.03 29.71 5.82
CA GLY A 103 -2.61 29.32 5.88
C GLY A 103 -1.70 30.33 5.24
N GLU A 104 -2.18 30.98 4.18
CA GLU A 104 -1.47 32.06 3.53
C GLU A 104 -1.20 33.22 4.47
N MET A 105 -2.15 33.51 5.35
CA MET A 105 -1.98 34.61 6.29
C MET A 105 -0.90 34.26 7.31
N ILE A 106 -0.86 33.00 7.71
CA ILE A 106 0.16 32.54 8.66
C ILE A 106 1.55 32.53 8.01
N ILE A 107 1.63 32.21 6.73
CA ILE A 107 2.92 32.28 6.03
C ILE A 107 3.42 33.71 5.92
N MET A 108 2.53 34.68 5.69
CA MET A 108 3.00 36.04 5.46
C MET A 108 3.30 36.79 6.75
N LEU A 109 2.69 36.36 7.86
CA LEU A 109 2.77 37.03 9.16
C LEU A 109 4.19 37.47 9.56
N PRO A 110 5.20 36.59 9.37
CA PRO A 110 6.56 37.00 9.76
C PRO A 110 7.22 38.00 8.83
N PHE A 111 6.55 38.44 7.78
CA PHE A 111 7.12 39.39 6.84
C PHE A 111 6.53 40.77 6.92
N CYS A 112 5.36 40.94 7.53
CA CYS A 112 4.79 42.28 7.60
C CYS A 112 5.61 43.11 8.60
N PRO A 113 5.51 44.45 8.51
CA PRO A 113 6.29 45.28 9.41
C PRO A 113 5.96 44.99 10.88
N PRO A 114 6.97 45.03 11.77
CA PRO A 114 6.75 44.69 13.18
C PRO A 114 5.51 45.35 13.77
N GLU A 115 5.35 46.65 13.51
CA GLU A 115 4.23 47.43 14.05
C GLU A 115 2.84 46.96 13.61
N GLU A 116 2.77 46.19 12.53
CA GLU A 116 1.51 45.66 12.00
C GLU A 116 1.23 44.24 12.47
N LYS A 117 2.17 43.62 13.17
CA LYS A 117 2.12 42.17 13.41
C LYS A 117 0.95 41.76 14.32
N ASP A 118 0.69 42.54 15.36
CA ASP A 118 -0.36 42.23 16.33
C ASP A 118 -1.74 42.43 15.72
N ALA A 119 -1.87 43.49 14.93
CA ALA A 119 -3.10 43.73 14.18
C ALA A 119 -3.42 42.50 13.36
N LYS A 120 -2.49 42.08 12.50
CA LYS A 120 -2.74 40.90 11.65
C LYS A 120 -3.00 39.64 12.47
N LEU A 121 -2.30 39.46 13.58
CA LEU A 121 -2.49 38.28 14.41
C LEU A 121 -3.89 38.23 15.02
N ALA A 122 -4.35 39.35 15.57
CA ALA A 122 -5.72 39.48 16.05
C ALA A 122 -6.73 39.30 14.92
N LEU A 123 -6.39 39.73 13.71
CA LEU A 123 -7.28 39.48 12.58
C LEU A 123 -7.34 37.99 12.30
N ILE A 124 -6.19 37.36 12.15
CA ILE A 124 -6.12 35.92 11.91
C ILE A 124 -6.93 35.17 12.96
N LYS A 125 -6.58 35.39 14.23
CA LYS A 125 -7.28 34.77 15.34
C LYS A 125 -8.78 34.90 15.20
N GLU A 126 -9.23 36.09 14.88
CA GLU A 126 -10.66 36.32 14.74
C GLU A 126 -11.24 35.50 13.58
N LYS A 127 -10.51 35.39 12.48
CA LYS A 127 -10.94 34.58 11.37
C LYS A 127 -10.97 33.10 11.72
N ILE A 128 -9.97 32.65 12.47
CA ILE A 128 -10.00 31.29 12.99
C ILE A 128 -11.29 31.05 13.81
N LYS A 129 -11.55 31.90 14.80
CA LYS A 129 -12.66 31.65 15.73
C LYS A 129 -14.03 31.80 15.06
N ASN A 130 -14.14 32.78 14.17
CA ASN A 130 -15.42 33.18 13.64
C ASN A 130 -15.74 32.64 12.25
N ARG A 131 -14.72 32.28 11.48
CA ARG A 131 -14.96 31.80 10.13
C ARG A 131 -14.50 30.36 9.98
N TYR A 132 -13.19 30.16 10.03
CA TYR A 132 -12.62 28.90 9.54
C TYR A 132 -12.88 27.71 10.43
N PHE A 133 -12.60 27.83 11.71
CA PHE A 133 -12.91 26.73 12.65
C PHE A 133 -14.41 26.38 12.69
N PRO A 134 -15.30 27.38 12.81
CA PRO A 134 -16.75 27.06 12.69
C PRO A 134 -17.09 26.27 11.45
N ALA A 135 -16.54 26.70 10.31
CA ALA A 135 -16.82 26.02 9.05
C ALA A 135 -16.36 24.59 9.12
N PHE A 136 -15.13 24.36 9.59
CA PHE A 136 -14.68 22.97 9.57
C PHE A 136 -15.31 22.09 10.65
N GLU A 137 -15.59 22.66 11.81
CA GLU A 137 -16.35 21.96 12.84
C GLU A 137 -17.70 21.60 12.26
N LYS A 138 -18.38 22.58 11.69
CA LYS A 138 -19.68 22.36 11.05
C LYS A 138 -19.64 21.16 10.12
N VAL A 139 -18.59 21.02 9.30
CA VAL A 139 -18.45 19.87 8.38
C VAL A 139 -18.35 18.52 9.08
N LEU A 140 -17.54 18.46 10.14
CA LEU A 140 -17.36 17.22 10.85
C LEU A 140 -18.61 16.91 11.66
N LYS A 141 -19.24 17.96 12.17
CA LYS A 141 -20.42 17.82 13.02
C LYS A 141 -21.57 17.27 12.21
N SER A 142 -21.79 17.85 11.04
CA SER A 142 -22.87 17.45 10.15
C SER A 142 -22.87 15.96 9.82
N HIS A 143 -21.75 15.44 9.27
CA HIS A 143 -21.72 14.02 8.88
C HIS A 143 -21.27 13.04 9.96
N GLY A 144 -20.78 13.54 11.10
CA GLY A 144 -20.29 12.69 12.20
C GLY A 144 -19.04 11.82 11.97
N GLN A 145 -18.50 11.81 10.75
CA GLN A 145 -17.43 10.88 10.39
C GLN A 145 -16.02 11.33 10.84
N ASP A 146 -15.09 10.38 10.87
CA ASP A 146 -13.72 10.64 11.33
C ASP A 146 -12.87 11.44 10.34
N TYR A 147 -13.32 11.52 9.09
CA TYR A 147 -12.61 12.26 8.08
C TYR A 147 -13.50 13.33 7.49
N LEU A 148 -12.87 14.30 6.84
CA LEU A 148 -13.59 15.43 6.27
C LEU A 148 -14.47 15.03 5.12
N VAL A 149 -13.97 14.16 4.24
CA VAL A 149 -14.70 13.85 3.02
C VAL A 149 -14.64 12.38 2.72
N GLY A 150 -15.77 11.81 2.33
CA GLY A 150 -15.81 10.42 1.88
C GLY A 150 -15.53 9.38 2.95
N ASN A 151 -15.63 9.77 4.21
CA ASN A 151 -15.41 8.84 5.31
C ASN A 151 -14.11 8.02 5.24
N LYS A 152 -13.10 8.55 4.57
CA LYS A 152 -11.74 8.01 4.67
C LYS A 152 -10.76 9.16 4.56
N LEU A 153 -9.48 8.85 4.73
CA LEU A 153 -8.42 9.84 4.79
C LEU A 153 -8.22 10.50 3.43
N SER A 154 -8.16 11.82 3.44
CA SER A 154 -7.77 12.60 2.27
C SER A 154 -6.80 13.72 2.64
N ARG A 155 -6.29 14.39 1.61
CA ARG A 155 -5.44 15.55 1.78
C ARG A 155 -6.05 16.66 2.60
N ALA A 156 -7.37 16.70 2.72
CA ALA A 156 -8.02 17.78 3.43
C ALA A 156 -7.83 17.61 4.92
N ASP A 157 -7.87 16.36 5.38
CA ASP A 157 -7.58 16.07 6.79
C ASP A 157 -6.14 16.39 7.05
N ILE A 158 -5.28 15.97 6.13
CA ILE A 158 -3.88 16.27 6.23
C ILE A 158 -3.65 17.77 6.30
N HIS A 159 -4.17 18.56 5.35
CA HIS A 159 -3.86 20.01 5.36
C HIS A 159 -4.52 20.68 6.54
N LEU A 160 -5.70 20.21 6.93
CA LEU A 160 -6.37 20.82 8.08
C LEU A 160 -5.51 20.63 9.34
N VAL A 161 -5.09 19.40 9.61
CA VAL A 161 -4.38 19.17 10.89
C VAL A 161 -3.04 19.91 10.89
N GLU A 162 -2.30 19.85 9.78
CA GLU A 162 -1.11 20.70 9.66
C GLU A 162 -1.38 22.08 10.23
N LEU A 163 -2.49 22.67 9.80
CA LEU A 163 -2.86 24.03 10.21
C LEU A 163 -3.29 24.11 11.67
N LEU A 164 -3.91 23.05 12.19
CA LEU A 164 -4.28 23.04 13.62
C LEU A 164 -3.02 23.13 14.46
N TYR A 165 -1.98 22.41 14.06
CA TYR A 165 -0.68 22.56 14.73
C TYR A 165 -0.23 24.01 14.72
N TYR A 166 -0.26 24.68 13.58
CA TYR A 166 0.27 26.06 13.53
C TYR A 166 -0.57 26.97 14.41
N VAL A 167 -1.86 26.70 14.49
CA VAL A 167 -2.77 27.51 15.28
C VAL A 167 -2.54 27.26 16.76
N GLU A 168 -2.28 26.00 17.12
CA GLU A 168 -1.80 25.67 18.47
C GLU A 168 -0.56 26.49 18.86
N GLU A 169 0.38 26.68 17.92
CA GLU A 169 1.59 27.52 18.16
C GLU A 169 1.27 28.99 18.39
N LEU A 170 0.32 29.52 17.62
CA LEU A 170 -0.11 30.90 17.77
C LEU A 170 -0.79 31.08 19.12
N ASP A 171 -1.79 30.26 19.38
CA ASP A 171 -2.55 30.36 20.62
C ASP A 171 -3.39 29.11 20.80
N SER A 172 -3.19 28.42 21.91
CA SER A 172 -3.70 27.07 22.07
C SER A 172 -5.12 27.02 22.57
N SER A 173 -5.70 28.17 22.93
CA SER A 173 -7.11 28.23 23.36
C SER A 173 -8.09 28.40 22.19
N LEU A 174 -7.58 28.46 20.96
CA LEU A 174 -8.45 28.69 19.80
C LEU A 174 -9.29 27.46 19.43
N ILE A 175 -8.66 26.28 19.41
CA ILE A 175 -9.40 25.05 19.12
C ILE A 175 -10.32 24.59 20.27
N SER A 176 -10.35 25.29 21.40
CA SER A 176 -10.94 24.77 22.64
C SER A 176 -12.43 24.51 22.53
N SER A 177 -13.17 25.46 21.96
CA SER A 177 -14.61 25.26 21.76
C SER A 177 -14.90 24.39 20.54
N PHE A 178 -13.90 23.73 20.00
CA PHE A 178 -14.07 22.93 18.79
C PHE A 178 -13.64 21.49 19.02
N PRO A 179 -14.49 20.71 19.74
CA PRO A 179 -14.26 19.32 20.06
C PRO A 179 -13.80 18.49 18.89
N LEU A 180 -14.52 18.55 17.79
CA LEU A 180 -14.25 17.66 16.66
C LEU A 180 -12.93 18.03 15.96
N LEU A 181 -12.56 19.30 15.94
CA LEU A 181 -11.26 19.67 15.42
C LEU A 181 -10.16 19.04 16.28
N LYS A 182 -10.33 19.11 17.60
CA LYS A 182 -9.42 18.45 18.53
C LYS A 182 -9.33 16.98 18.25
N ALA A 183 -10.49 16.34 18.17
CA ALA A 183 -10.51 14.90 17.99
C ALA A 183 -9.78 14.53 16.69
N LEU A 184 -10.10 15.22 15.61
CA LEU A 184 -9.45 15.01 14.31
C LEU A 184 -7.93 15.11 14.41
N LYS A 185 -7.46 16.12 15.13
CA LYS A 185 -6.02 16.33 15.29
C LYS A 185 -5.34 15.12 15.95
N THR A 186 -6.00 14.52 16.93
CA THR A 186 -5.45 13.38 17.65
C THR A 186 -5.42 12.16 16.74
N ARG A 187 -6.56 11.81 16.17
CA ARG A 187 -6.63 10.64 15.28
C ARG A 187 -5.63 10.69 14.13
N ILE A 188 -5.58 11.81 13.41
CA ILE A 188 -4.67 11.93 12.28
C ILE A 188 -3.20 11.95 12.77
N SER A 189 -2.91 12.68 13.86
CA SER A 189 -1.60 12.57 14.52
C SER A 189 -1.20 11.14 14.92
N ASN A 190 -2.19 10.27 15.15
CA ASN A 190 -1.94 8.85 15.48
C ASN A 190 -1.70 7.93 14.31
N LEU A 191 -1.90 8.38 13.07
CA LEU A 191 -1.60 7.52 11.92
C LEU A 191 -0.10 7.29 11.90
N PRO A 192 0.31 6.02 11.67
CA PRO A 192 1.74 5.70 11.59
C PRO A 192 2.56 6.69 10.77
N THR A 193 2.16 6.98 9.53
CA THR A 193 2.95 7.89 8.69
C THR A 193 3.12 9.27 9.35
N VAL A 194 2.05 9.83 9.87
CA VAL A 194 2.07 11.18 10.43
C VAL A 194 2.76 11.21 11.82
N LYS A 195 2.41 10.25 12.65
CA LYS A 195 3.11 10.01 13.92
C LYS A 195 4.61 10.04 13.76
N LYS A 196 5.08 9.31 12.75
CA LYS A 196 6.47 9.27 12.37
C LYS A 196 6.99 10.66 12.01
N PHE A 197 6.23 11.40 11.19
CA PHE A 197 6.64 12.71 10.72
C PHE A 197 6.60 13.69 11.88
N LEU A 198 5.76 13.43 12.88
CA LEU A 198 5.65 14.34 14.02
C LEU A 198 6.74 14.18 15.09
N GLN A 199 7.54 13.13 14.97
CA GLN A 199 8.57 12.88 15.96
C GLN A 199 9.80 13.70 15.65
N PRO A 200 10.65 13.93 16.65
CA PRO A 200 11.93 14.61 16.44
C PRO A 200 12.76 13.99 15.33
N GLY A 201 13.49 14.82 14.60
CA GLY A 201 14.38 14.36 13.54
C GLY A 201 13.75 14.15 12.17
N SER A 202 12.44 14.39 12.03
CA SER A 202 11.75 14.27 10.72
C SER A 202 12.11 15.45 9.80
N PRO A 203 11.70 15.39 8.53
CA PRO A 203 11.93 16.55 7.68
C PRO A 203 10.99 17.75 7.99
N ARG A 204 10.14 17.61 9.00
CA ARG A 204 9.24 18.68 9.47
C ARG A 204 10.03 19.87 9.95
N LYS A 205 9.49 21.08 9.76
CA LYS A 205 10.24 22.28 10.01
C LYS A 205 9.60 23.05 11.13
N PRO A 206 10.40 23.86 11.85
CA PRO A 206 9.93 24.69 12.95
C PRO A 206 9.27 25.98 12.48
N PRO A 207 8.66 26.73 13.40
CA PRO A 207 8.16 28.03 13.05
C PRO A 207 9.28 28.88 12.49
N PRO A 208 8.93 29.93 11.75
CA PRO A 208 9.93 30.89 11.33
C PRO A 208 10.45 31.65 12.55
N ASP A 209 11.77 31.79 12.62
CA ASP A 209 12.46 32.46 13.71
C ASP A 209 13.28 33.58 13.10
N GLU A 210 13.93 34.38 13.95
CA GLU A 210 14.77 35.50 13.48
C GLU A 210 15.79 35.15 12.39
N ILE A 211 16.40 33.97 12.46
CA ILE A 211 17.39 33.52 11.45
C ILE A 211 16.72 33.33 10.09
N TYR A 212 15.68 32.50 10.06
CA TYR A 212 14.98 32.15 8.82
C TYR A 212 14.34 33.38 8.15
N VAL A 213 13.89 34.33 8.95
CA VAL A 213 13.21 35.49 8.42
C VAL A 213 14.17 36.35 7.61
N ARG A 214 15.31 36.73 8.17
CA ARG A 214 16.26 37.55 7.43
C ARG A 214 17.01 36.74 6.39
N THR A 215 17.13 35.42 6.57
CA THR A 215 17.65 34.56 5.51
C THR A 215 16.80 34.80 4.28
N VAL A 216 15.48 34.65 4.45
CA VAL A 216 14.54 34.85 3.36
C VAL A 216 14.65 36.24 2.72
N TYR A 217 14.78 37.29 3.52
CA TYR A 217 15.06 38.63 3.00
C TYR A 217 16.38 38.67 2.24
N ASN A 218 17.46 38.16 2.83
CA ASN A 218 18.76 38.11 2.14
C ASN A 218 18.68 37.27 0.87
N ILE A 219 17.53 37.35 0.21
CA ILE A 219 17.34 36.89 -1.17
C ILE A 219 16.50 37.94 -1.94
N PHE A 220 15.41 38.42 -1.32
CA PHE A 220 14.47 39.36 -1.97
C PHE A 220 14.46 40.73 -1.31
N ALA B 2 -29.48 19.11 -13.83
CA ALA B 2 -30.78 19.58 -14.40
C ALA B 2 -30.66 20.98 -15.03
N GLU B 3 -30.45 21.98 -14.19
CA GLU B 3 -30.53 23.39 -14.63
C GLU B 3 -29.19 23.96 -15.10
N LYS B 4 -29.22 25.22 -15.51
CA LYS B 4 -28.02 25.96 -15.83
C LYS B 4 -27.24 26.22 -14.55
N PRO B 5 -25.90 26.19 -14.63
CA PRO B 5 -25.14 26.72 -13.52
C PRO B 5 -25.62 28.13 -13.19
N LYS B 6 -25.65 28.50 -11.91
CA LYS B 6 -25.98 29.87 -11.55
C LYS B 6 -24.80 30.53 -10.81
N LEU B 7 -24.31 31.63 -11.40
CA LEU B 7 -23.22 32.43 -10.85
C LEU B 7 -23.69 33.57 -9.92
N HIS B 8 -23.21 33.54 -8.68
CA HIS B 8 -23.51 34.55 -7.68
C HIS B 8 -22.28 35.37 -7.47
N TYR B 9 -22.27 36.55 -8.08
CA TYR B 9 -21.16 37.47 -7.96
C TYR B 9 -21.64 38.89 -8.13
N PHE B 10 -20.75 39.85 -7.95
CA PHE B 10 -21.00 41.21 -8.37
C PHE B 10 -21.17 41.26 -9.89
N ASN B 11 -21.61 42.42 -10.34
CA ASN B 11 -21.87 42.62 -11.74
C ASN B 11 -20.61 43.15 -12.33
N GLY B 12 -19.73 42.24 -12.71
CA GLY B 12 -18.39 42.61 -13.10
C GLY B 12 -17.49 41.38 -13.16
N ARG B 13 -16.24 41.64 -13.51
CA ARG B 13 -15.21 40.59 -13.63
C ARG B 13 -14.81 39.93 -12.30
N GLY B 14 -14.00 40.62 -11.51
CA GLY B 14 -13.30 40.05 -10.37
C GLY B 14 -12.95 38.58 -10.43
N ARG B 15 -13.36 37.86 -9.40
CA ARG B 15 -12.99 36.46 -9.23
C ARG B 15 -13.94 35.52 -9.98
N MET B 16 -14.97 36.07 -10.61
CA MET B 16 -15.94 35.23 -11.28
C MET B 16 -15.62 35.15 -12.76
N GLU B 17 -14.85 36.12 -13.28
CA GLU B 17 -14.72 36.23 -14.72
C GLU B 17 -14.14 34.99 -15.38
N SER B 18 -13.18 34.29 -14.75
CA SER B 18 -12.49 33.20 -15.42
C SER B 18 -13.39 31.99 -15.48
N THR B 19 -14.38 31.94 -14.60
CA THR B 19 -15.43 30.95 -14.63
C THR B 19 -16.39 31.22 -15.79
N ARG B 20 -16.64 32.48 -16.06
CA ARG B 20 -17.54 32.85 -17.17
C ARG B 20 -16.86 32.36 -18.47
N TRP B 21 -15.58 32.68 -18.64
CA TRP B 21 -14.81 32.23 -19.83
C TRP B 21 -14.83 30.75 -19.99
N LEU B 22 -14.61 30.03 -18.90
CA LEU B 22 -14.44 28.58 -18.94
C LEU B 22 -15.72 27.84 -19.24
N LEU B 23 -16.82 28.26 -18.63
CA LEU B 23 -18.14 27.69 -18.98
C LEU B 23 -18.54 28.00 -20.43
N ALA B 24 -18.43 29.27 -20.80
CA ALA B 24 -18.56 29.72 -22.20
C ALA B 24 -17.71 28.83 -23.09
N ALA B 25 -16.42 28.72 -22.81
CA ALA B 25 -15.51 27.90 -23.62
C ALA B 25 -15.96 26.44 -23.69
N ALA B 26 -16.49 25.92 -22.58
CA ALA B 26 -17.12 24.60 -22.55
C ALA B 26 -18.49 24.54 -23.25
N GLY B 27 -19.02 25.67 -23.71
CA GLY B 27 -20.33 25.70 -24.37
C GLY B 27 -21.52 25.57 -23.43
N VAL B 28 -21.37 26.07 -22.22
CA VAL B 28 -22.39 25.88 -21.20
C VAL B 28 -23.06 27.23 -20.94
N GLU B 29 -24.36 27.31 -21.21
CA GLU B 29 -25.15 28.49 -20.86
C GLU B 29 -25.29 28.54 -19.35
N PHE B 30 -25.28 29.74 -18.80
CA PHE B 30 -25.44 29.91 -17.37
C PHE B 30 -26.24 31.14 -17.07
N GLU B 31 -26.84 31.16 -15.88
CA GLU B 31 -27.60 32.28 -15.37
C GLU B 31 -26.69 32.99 -14.43
N GLU B 32 -26.96 34.26 -14.19
CA GLU B 32 -26.17 35.02 -13.25
C GLU B 32 -27.11 35.69 -12.27
N LYS B 33 -26.85 35.55 -10.98
CA LYS B 33 -27.59 36.34 -10.01
C LYS B 33 -26.60 37.30 -9.39
N PHE B 34 -26.80 38.59 -9.60
CA PHE B 34 -25.87 39.61 -9.20
C PHE B 34 -26.15 40.10 -7.80
N ILE B 35 -25.07 40.39 -7.06
CA ILE B 35 -25.15 40.88 -5.72
C ILE B 35 -25.00 42.39 -5.81
N LYS B 36 -26.07 43.12 -5.49
CA LYS B 36 -26.11 44.57 -5.67
C LYS B 36 -25.85 45.29 -4.36
N SER B 37 -26.18 44.64 -3.25
CA SER B 37 -26.19 45.28 -1.96
C SER B 37 -25.70 44.34 -0.87
N ALA B 38 -25.41 44.92 0.29
CA ALA B 38 -25.00 44.16 1.48
C ALA B 38 -26.10 43.19 1.89
N GLU B 39 -27.34 43.61 1.69
CA GLU B 39 -28.47 42.76 1.91
C GLU B 39 -28.41 41.50 1.05
N ASP B 40 -28.13 41.63 -0.24
CA ASP B 40 -28.05 40.44 -1.11
C ASP B 40 -27.02 39.45 -0.59
N LEU B 41 -25.89 39.97 -0.11
CA LEU B 41 -24.81 39.15 0.43
C LEU B 41 -25.29 38.47 1.70
N ASP B 42 -25.91 39.24 2.60
CA ASP B 42 -26.39 38.65 3.85
C ASP B 42 -27.47 37.59 3.68
N LYS B 43 -28.28 37.70 2.63
CA LYS B 43 -29.23 36.62 2.32
C LYS B 43 -28.50 35.29 2.00
N LEU B 44 -27.41 35.36 1.23
CA LEU B 44 -26.65 34.17 0.86
C LEU B 44 -25.97 33.56 2.06
N ARG B 45 -25.35 34.42 2.88
CA ARG B 45 -24.69 34.01 4.12
C ARG B 45 -25.70 33.35 5.07
N ASN B 46 -26.81 34.04 5.31
CA ASN B 46 -27.87 33.53 6.17
C ASN B 46 -28.51 32.26 5.70
N ASP B 47 -28.72 32.11 4.40
CA ASP B 47 -29.14 30.79 3.87
C ASP B 47 -28.11 29.66 4.07
N GLY B 48 -26.91 29.97 4.54
CA GLY B 48 -25.90 28.95 4.79
C GLY B 48 -25.24 28.47 3.50
N TYR B 49 -25.26 29.33 2.48
CA TYR B 49 -24.81 28.96 1.15
C TYR B 49 -23.34 29.32 0.85
N LEU B 50 -22.74 30.21 1.65
CA LEU B 50 -21.31 30.52 1.54
C LEU B 50 -20.45 29.95 2.70
N MET B 51 -19.76 28.85 2.42
CA MET B 51 -18.99 28.13 3.47
C MET B 51 -17.99 29.00 4.23
N PHE B 52 -17.38 29.98 3.56
CA PHE B 52 -16.43 30.89 4.24
C PHE B 52 -16.95 32.30 4.25
N GLN B 53 -18.26 32.45 4.07
CA GLN B 53 -18.93 33.75 4.02
C GLN B 53 -18.47 34.64 2.87
N GLN B 54 -17.88 34.03 1.82
CA GLN B 54 -17.37 34.73 0.65
C GLN B 54 -17.99 34.22 -0.60
N VAL B 55 -17.92 35.06 -1.63
CA VAL B 55 -18.28 34.71 -3.00
C VAL B 55 -16.98 34.86 -3.81
N PRO B 56 -16.89 34.28 -5.04
CA PRO B 56 -17.81 33.64 -5.97
C PRO B 56 -18.50 32.46 -5.37
N MET B 57 -19.74 32.26 -5.77
CA MET B 57 -20.44 31.03 -5.51
C MET B 57 -21.15 30.69 -6.80
N VAL B 58 -21.10 29.43 -7.16
CA VAL B 58 -21.70 28.91 -8.33
C VAL B 58 -22.55 27.76 -7.85
N GLU B 59 -23.84 27.81 -8.15
CA GLU B 59 -24.72 26.69 -7.91
C GLU B 59 -24.62 25.88 -9.15
N ILE B 60 -24.30 24.61 -9.01
CA ILE B 60 -24.08 23.75 -10.16
C ILE B 60 -24.17 22.30 -9.73
N ASP B 61 -24.94 21.50 -10.47
CA ASP B 61 -25.19 20.07 -10.22
C ASP B 61 -25.53 19.76 -8.76
N GLY B 62 -26.40 20.57 -8.20
CA GLY B 62 -26.91 20.34 -6.85
C GLY B 62 -26.05 20.90 -5.73
N MET B 63 -24.81 21.23 -6.03
CA MET B 63 -23.87 21.73 -5.02
C MET B 63 -23.84 23.22 -5.06
N LYS B 64 -23.32 23.79 -4.01
CA LYS B 64 -23.06 25.21 -3.95
C LYS B 64 -21.55 25.40 -3.72
N LEU B 65 -20.81 25.61 -4.79
CA LEU B 65 -19.35 25.65 -4.75
C LEU B 65 -18.82 27.06 -4.53
N VAL B 66 -17.98 27.22 -3.51
CA VAL B 66 -17.28 28.46 -3.25
C VAL B 66 -15.81 28.13 -3.43
N GLN B 67 -14.98 29.17 -3.43
CA GLN B 67 -13.58 29.11 -3.80
C GLN B 67 -13.40 28.95 -5.30
N THR B 68 -12.88 30.01 -5.90
CA THR B 68 -12.67 30.05 -7.34
C THR B 68 -12.09 28.75 -7.85
N ARG B 69 -10.96 28.30 -7.27
CA ARG B 69 -10.28 27.15 -7.82
C ARG B 69 -11.08 25.87 -7.70
N ALA B 70 -11.93 25.77 -6.67
CA ALA B 70 -12.80 24.62 -6.55
C ALA B 70 -13.83 24.61 -7.67
N ILE B 71 -14.37 25.78 -7.93
CA ILE B 71 -15.34 25.95 -9.00
C ILE B 71 -14.73 25.52 -10.35
N LEU B 72 -13.56 26.08 -10.65
CA LEU B 72 -12.90 25.92 -11.95
C LEU B 72 -12.45 24.51 -12.24
N ASN B 73 -11.88 23.87 -11.21
CA ASN B 73 -11.49 22.44 -11.27
C ASN B 73 -12.70 21.54 -11.55
N TYR B 74 -13.83 21.85 -10.91
CA TYR B 74 -15.03 21.05 -11.16
C TYR B 74 -15.53 21.19 -12.60
N ILE B 75 -15.59 22.42 -13.07
CA ILE B 75 -16.04 22.71 -14.43
C ILE B 75 -15.04 22.09 -15.39
N ALA B 76 -13.75 22.35 -15.11
CA ALA B 76 -12.65 21.88 -15.94
C ALA B 76 -12.73 20.39 -16.14
N SER B 77 -12.92 19.68 -15.04
CA SER B 77 -12.95 18.24 -15.05
C SER B 77 -14.25 17.73 -15.69
N LYS B 78 -15.37 18.39 -15.37
CA LYS B 78 -16.66 17.97 -15.92
C LYS B 78 -16.66 18.00 -17.45
N TYR B 79 -16.12 19.08 -18.03
CA TYR B 79 -16.22 19.27 -19.47
C TYR B 79 -14.93 18.91 -20.19
N ASN B 80 -14.15 18.00 -19.58
CA ASN B 80 -12.92 17.47 -20.20
C ASN B 80 -11.90 18.52 -20.63
N LEU B 81 -11.84 19.62 -19.89
CA LEU B 81 -10.85 20.65 -20.15
C LEU B 81 -9.66 20.59 -19.18
N TYR B 82 -9.48 19.45 -18.52
CA TYR B 82 -8.41 19.29 -17.50
C TYR B 82 -7.32 18.29 -17.91
N GLY B 83 -7.11 18.15 -19.22
CA GLY B 83 -6.12 17.21 -19.74
C GLY B 83 -6.61 15.79 -19.60
N LYS B 84 -5.80 14.83 -20.02
CA LYS B 84 -6.24 13.43 -20.07
C LYS B 84 -5.66 12.57 -18.95
N ASP B 85 -4.52 12.95 -18.40
CA ASP B 85 -3.88 12.17 -17.33
C ASP B 85 -3.24 13.06 -16.29
N ILE B 86 -2.70 12.43 -15.24
CA ILE B 86 -2.17 13.12 -14.08
C ILE B 86 -1.03 14.07 -14.42
N LYS B 87 -0.14 13.65 -15.33
CA LYS B 87 0.98 14.49 -15.74
C LYS B 87 0.52 15.71 -16.51
N GLU B 88 -0.53 15.56 -17.32
CA GLU B 88 -1.06 16.71 -18.05
C GLU B 88 -1.65 17.70 -17.06
N ARG B 89 -2.42 17.18 -16.11
CA ARG B 89 -2.95 17.98 -15.03
C ARG B 89 -1.91 18.78 -14.30
N ALA B 90 -0.74 18.19 -14.11
CA ALA B 90 0.33 18.85 -13.41
C ALA B 90 0.90 20.04 -14.22
N LEU B 91 1.06 19.86 -15.52
CA LEU B 91 1.47 20.98 -16.38
C LEU B 91 0.39 22.05 -16.43
N ILE B 92 -0.87 21.62 -16.60
CA ILE B 92 -1.98 22.58 -16.64
C ILE B 92 -2.00 23.40 -15.36
N ASP B 93 -1.89 22.74 -14.21
CA ASP B 93 -1.92 23.42 -12.91
C ASP B 93 -0.71 24.33 -12.71
N MET B 94 0.46 23.84 -13.07
CA MET B 94 1.62 24.70 -12.95
C MET B 94 1.31 25.96 -13.78
N TYR B 95 0.96 25.75 -15.06
CA TYR B 95 0.70 26.87 -15.97
C TYR B 95 -0.35 27.82 -15.39
N ILE B 96 -1.52 27.31 -15.03
CA ILE B 96 -2.62 28.20 -14.60
C ILE B 96 -2.42 28.86 -13.24
N GLU B 97 -1.57 28.28 -12.38
CA GLU B 97 -1.26 28.95 -11.10
C GLU B 97 -0.35 30.16 -11.31
N GLY B 98 0.51 30.07 -12.32
CA GLY B 98 1.27 31.26 -12.75
C GLY B 98 0.32 32.35 -13.23
N ILE B 99 -0.73 31.95 -13.95
CA ILE B 99 -1.73 32.89 -14.46
C ILE B 99 -2.54 33.45 -13.30
N ALA B 100 -2.91 32.56 -12.38
CA ALA B 100 -3.61 32.93 -11.16
C ALA B 100 -2.89 33.95 -10.32
N ASP B 101 -1.57 33.83 -10.20
CA ASP B 101 -0.77 34.80 -9.44
C ASP B 101 -0.83 36.20 -10.02
N LEU B 102 -0.63 36.31 -11.33
CA LEU B 102 -0.78 37.58 -12.03
C LEU B 102 -2.24 38.08 -11.90
N GLY B 103 -3.21 37.20 -12.13
CA GLY B 103 -4.63 37.52 -12.11
C GLY B 103 -5.09 38.08 -10.79
N GLU B 104 -4.58 37.48 -9.70
CA GLU B 104 -4.77 38.03 -8.38
C GLU B 104 -4.32 39.49 -8.25
N MET B 105 -3.19 39.84 -8.85
CA MET B 105 -2.70 41.23 -8.79
C MET B 105 -3.62 42.16 -9.59
N ILE B 106 -4.09 41.66 -10.72
CA ILE B 106 -5.04 42.41 -11.55
C ILE B 106 -6.40 42.58 -10.83
N ILE B 107 -6.89 41.51 -10.20
CA ILE B 107 -8.16 41.54 -9.46
C ILE B 107 -8.16 42.56 -8.30
N MET B 108 -7.06 42.62 -7.56
CA MET B 108 -6.94 43.53 -6.42
C MET B 108 -6.61 44.96 -6.79
N LEU B 109 -6.02 45.17 -7.96
CA LEU B 109 -5.48 46.48 -8.37
C LEU B 109 -6.49 47.66 -8.24
N PRO B 110 -7.78 47.44 -8.54
CA PRO B 110 -8.75 48.55 -8.35
C PRO B 110 -9.04 48.93 -6.90
N PHE B 111 -8.79 48.04 -5.95
CA PHE B 111 -9.01 48.34 -4.53
C PHE B 111 -7.73 48.69 -3.80
N CYS B 112 -6.83 49.37 -4.51
CA CYS B 112 -5.62 49.92 -3.91
C CYS B 112 -5.90 51.35 -3.55
N PRO B 113 -5.17 51.89 -2.56
CA PRO B 113 -5.11 53.34 -2.49
C PRO B 113 -4.25 53.84 -3.67
N PRO B 114 -4.48 55.07 -4.15
CA PRO B 114 -3.80 55.57 -5.36
C PRO B 114 -2.27 55.62 -5.24
N GLU B 115 -1.79 56.09 -4.09
CA GLU B 115 -0.37 56.05 -3.74
C GLU B 115 0.30 54.70 -4.05
N GLU B 116 -0.44 53.60 -3.88
CA GLU B 116 0.05 52.25 -4.18
C GLU B 116 -0.19 51.81 -5.63
N LYS B 117 -1.15 52.45 -6.31
CA LYS B 117 -1.62 51.97 -7.62
C LYS B 117 -0.58 52.07 -8.72
N ASP B 118 0.26 53.08 -8.63
CA ASP B 118 1.31 53.32 -9.61
C ASP B 118 2.26 52.14 -9.64
N ALA B 119 2.89 51.89 -8.50
CA ALA B 119 3.87 50.84 -8.34
C ALA B 119 3.25 49.49 -8.71
N LYS B 120 2.08 49.22 -8.14
CA LYS B 120 1.35 48.00 -8.43
C LYS B 120 1.15 47.81 -9.96
N LEU B 121 0.84 48.88 -10.67
CA LEU B 121 0.60 48.80 -12.10
C LEU B 121 1.90 48.58 -12.85
N ALA B 122 2.97 49.22 -12.41
CA ALA B 122 4.30 48.97 -12.94
C ALA B 122 4.69 47.50 -12.74
N LEU B 123 4.52 47.00 -11.52
CA LEU B 123 4.88 45.63 -11.20
C LEU B 123 4.16 44.64 -12.14
N ILE B 124 2.88 44.90 -12.41
CA ILE B 124 2.09 44.01 -13.27
C ILE B 124 2.68 43.93 -14.68
N LYS B 125 3.02 45.08 -15.24
CA LYS B 125 3.66 45.18 -16.57
C LYS B 125 5.03 44.51 -16.63
N GLU B 126 5.86 44.81 -15.64
CA GLU B 126 7.16 44.16 -15.46
C GLU B 126 7.04 42.63 -15.53
N LYS B 127 6.16 42.08 -14.71
CA LYS B 127 5.99 40.63 -14.63
C LYS B 127 5.39 40.02 -15.89
N ILE B 128 4.47 40.74 -16.52
CA ILE B 128 3.90 40.28 -17.77
C ILE B 128 5.04 40.14 -18.76
N LYS B 129 5.91 41.13 -18.75
CA LYS B 129 6.94 41.29 -19.77
C LYS B 129 8.10 40.35 -19.51
N ASN B 130 8.53 40.30 -18.25
CA ASN B 130 9.78 39.64 -17.88
C ASN B 130 9.63 38.21 -17.34
N ARG B 131 8.44 37.84 -16.87
CA ARG B 131 8.23 36.52 -16.27
C ARG B 131 7.19 35.71 -17.01
N TYR B 132 5.96 36.21 -17.11
CA TYR B 132 4.85 35.36 -17.54
C TYR B 132 4.76 35.13 -19.03
N PHE B 133 4.87 36.17 -19.84
CA PHE B 133 4.82 36.00 -21.29
C PHE B 133 6.01 35.16 -21.80
N PRO B 134 7.23 35.46 -21.31
CA PRO B 134 8.37 34.62 -21.72
C PRO B 134 8.15 33.18 -21.31
N ALA B 135 7.60 32.98 -20.12
CA ALA B 135 7.33 31.63 -19.66
C ALA B 135 6.37 30.86 -20.57
N PHE B 136 5.27 31.48 -20.98
CA PHE B 136 4.33 30.77 -21.85
C PHE B 136 4.78 30.70 -23.32
N GLU B 137 5.46 31.74 -23.78
CA GLU B 137 6.07 31.73 -25.12
C GLU B 137 7.00 30.53 -25.22
N LYS B 138 7.84 30.35 -24.20
CA LYS B 138 8.80 29.26 -24.17
C LYS B 138 8.09 27.91 -24.28
N VAL B 139 7.02 27.73 -23.51
CA VAL B 139 6.21 26.51 -23.60
C VAL B 139 5.70 26.29 -25.02
N LEU B 140 5.19 27.34 -25.63
CA LEU B 140 4.67 27.20 -26.98
C LEU B 140 5.80 26.87 -27.96
N LYS B 141 6.95 27.54 -27.82
CA LYS B 141 8.12 27.24 -28.63
C LYS B 141 8.61 25.81 -28.38
N SER B 142 8.49 25.37 -27.14
CA SER B 142 8.99 24.07 -26.72
C SER B 142 8.43 22.97 -27.60
N HIS B 143 7.14 23.03 -27.94
CA HIS B 143 6.50 21.97 -28.72
C HIS B 143 5.87 22.39 -30.07
N GLY B 144 5.73 23.68 -30.34
CA GLY B 144 5.20 24.20 -31.63
C GLY B 144 3.75 23.89 -31.93
N GLN B 145 3.06 23.27 -30.97
CA GLN B 145 1.67 22.92 -31.12
C GLN B 145 0.70 24.08 -30.86
N ASP B 146 -0.54 23.85 -31.25
CA ASP B 146 -1.62 24.83 -31.18
C ASP B 146 -2.05 25.15 -29.77
N TYR B 147 -1.94 24.13 -28.90
CA TYR B 147 -2.40 24.23 -27.53
C TYR B 147 -1.23 24.10 -26.54
N LEU B 148 -1.38 24.78 -25.40
CA LEU B 148 -0.38 24.69 -24.34
C LEU B 148 0.00 23.27 -23.90
N VAL B 149 -0.97 22.37 -23.75
CA VAL B 149 -0.73 21.06 -23.17
C VAL B 149 -1.44 19.99 -23.96
N GLY B 150 -0.73 18.88 -24.17
CA GLY B 150 -1.33 17.67 -24.73
C GLY B 150 -1.86 17.80 -26.14
N ASN B 151 -1.64 18.94 -26.79
CA ASN B 151 -2.18 19.17 -28.13
C ASN B 151 -3.69 18.95 -28.24
N LYS B 152 -4.42 19.31 -27.18
CA LYS B 152 -5.83 19.59 -27.30
C LYS B 152 -6.21 20.70 -26.36
N LEU B 153 -7.33 21.34 -26.67
CA LEU B 153 -7.79 22.50 -25.94
C LEU B 153 -7.90 22.12 -24.47
N SER B 154 -7.25 22.89 -23.63
CA SER B 154 -7.46 22.76 -22.19
C SER B 154 -7.81 24.11 -21.61
N ARG B 155 -8.23 24.08 -20.36
CA ARG B 155 -8.46 25.26 -19.56
C ARG B 155 -7.28 26.19 -19.52
N ALA B 156 -6.09 25.67 -19.79
CA ALA B 156 -4.88 26.48 -19.74
C ALA B 156 -4.82 27.45 -20.89
N ASP B 157 -5.43 27.09 -22.03
CA ASP B 157 -5.46 28.02 -23.18
C ASP B 157 -6.46 29.12 -22.94
N ILE B 158 -7.62 28.77 -22.36
CA ILE B 158 -8.67 29.75 -22.03
C ILE B 158 -8.26 30.76 -20.96
N HIS B 159 -7.68 30.29 -19.86
CA HIS B 159 -7.19 31.22 -18.80
C HIS B 159 -6.09 32.10 -19.34
N LEU B 160 -5.21 31.53 -20.17
CA LEU B 160 -4.07 32.28 -20.72
C LEU B 160 -4.55 33.31 -21.74
N VAL B 161 -5.49 32.91 -22.57
CA VAL B 161 -6.08 33.85 -23.56
C VAL B 161 -6.92 34.89 -22.86
N GLU B 162 -7.60 34.52 -21.77
CA GLU B 162 -8.36 35.52 -21.07
C GLU B 162 -7.38 36.58 -20.63
N LEU B 163 -6.22 36.14 -20.12
CA LEU B 163 -5.18 37.04 -19.66
C LEU B 163 -4.67 37.94 -20.77
N LEU B 164 -4.48 37.37 -21.97
CA LEU B 164 -3.99 38.14 -23.12
C LEU B 164 -4.99 39.23 -23.49
N TYR B 165 -6.28 38.94 -23.48
CA TYR B 165 -7.26 40.05 -23.61
C TYR B 165 -7.11 41.16 -22.59
N TYR B 166 -6.77 40.82 -21.33
CA TYR B 166 -6.63 41.85 -20.26
C TYR B 166 -5.36 42.66 -20.45
N VAL B 167 -4.32 42.00 -20.89
CA VAL B 167 -3.03 42.67 -21.09
C VAL B 167 -3.11 43.61 -22.32
N GLU B 168 -3.83 43.18 -23.35
CA GLU B 168 -4.16 44.08 -24.46
C GLU B 168 -4.88 45.36 -23.97
N GLU B 169 -5.91 45.22 -23.15
CA GLU B 169 -6.62 46.44 -22.67
C GLU B 169 -5.69 47.30 -21.86
N LEU B 170 -4.81 46.66 -21.11
CA LEU B 170 -3.84 47.35 -20.28
C LEU B 170 -2.89 48.14 -21.15
N ASP B 171 -2.26 47.43 -22.08
CA ASP B 171 -1.16 47.96 -22.89
C ASP B 171 -0.96 46.99 -24.05
N SER B 172 -1.32 47.42 -25.25
CA SER B 172 -1.29 46.54 -26.40
C SER B 172 0.11 46.23 -26.93
N SER B 173 1.15 46.89 -26.40
CA SER B 173 2.51 46.67 -26.88
C SER B 173 3.20 45.53 -26.17
N LEU B 174 2.62 45.04 -25.08
CA LEU B 174 3.26 43.99 -24.26
C LEU B 174 3.34 42.68 -25.01
N ILE B 175 2.28 42.31 -25.68
CA ILE B 175 2.26 41.10 -26.46
C ILE B 175 3.07 41.21 -27.77
N SER B 176 3.59 42.39 -28.13
CA SER B 176 4.15 42.60 -29.50
C SER B 176 5.33 41.68 -29.81
N SER B 177 6.18 41.48 -28.80
CA SER B 177 7.38 40.66 -28.95
C SER B 177 7.13 39.18 -28.68
N PHE B 178 5.87 38.76 -28.67
CA PHE B 178 5.52 37.39 -28.33
C PHE B 178 4.62 36.80 -29.41
N PRO B 179 5.18 36.59 -30.61
CA PRO B 179 4.41 36.12 -31.76
C PRO B 179 3.61 34.85 -31.50
N LEU B 180 4.14 33.93 -30.72
CA LEU B 180 3.44 32.67 -30.51
C LEU B 180 2.22 32.88 -29.59
N LEU B 181 2.32 33.84 -28.67
CA LEU B 181 1.21 34.17 -27.79
C LEU B 181 0.09 34.83 -28.61
N LYS B 182 0.46 35.70 -29.55
CA LYS B 182 -0.53 36.31 -30.46
C LYS B 182 -1.20 35.23 -31.25
N ALA B 183 -0.43 34.29 -31.76
CA ALA B 183 -1.01 33.28 -32.62
C ALA B 183 -2.06 32.50 -31.85
N LEU B 184 -1.73 32.09 -30.62
CA LEU B 184 -2.69 31.36 -29.79
C LEU B 184 -3.96 32.19 -29.53
N LYS B 185 -3.80 33.44 -29.17
CA LYS B 185 -4.93 34.31 -28.92
C LYS B 185 -5.90 34.25 -30.10
N THR B 186 -5.36 34.35 -31.31
CA THR B 186 -6.17 34.35 -32.53
C THR B 186 -6.87 33.01 -32.70
N ARG B 187 -6.13 31.91 -32.64
CA ARG B 187 -6.75 30.58 -32.83
C ARG B 187 -7.84 30.26 -31.81
N ILE B 188 -7.59 30.59 -30.53
CA ILE B 188 -8.55 30.30 -29.47
C ILE B 188 -9.81 31.16 -29.61
N SER B 189 -9.61 32.45 -29.88
CA SER B 189 -10.70 33.40 -30.18
C SER B 189 -11.58 32.96 -31.35
N ASN B 190 -11.04 32.12 -32.22
CA ASN B 190 -11.78 31.65 -33.37
C ASN B 190 -12.29 30.25 -33.19
N LEU B 191 -12.32 29.75 -31.95
CA LEU B 191 -13.06 28.52 -31.70
C LEU B 191 -14.53 28.91 -31.43
N PRO B 192 -15.48 28.09 -31.92
CA PRO B 192 -16.90 28.43 -31.87
C PRO B 192 -17.40 28.94 -30.50
N THR B 193 -17.11 28.18 -29.44
CA THR B 193 -17.61 28.54 -28.13
C THR B 193 -16.99 29.85 -27.69
N VAL B 194 -15.69 30.03 -27.92
CA VAL B 194 -14.98 31.25 -27.51
C VAL B 194 -15.35 32.42 -28.38
N LYS B 195 -15.47 32.19 -29.69
CA LYS B 195 -15.95 33.25 -30.59
C LYS B 195 -17.28 33.79 -30.07
N LYS B 196 -18.20 32.90 -29.72
CA LYS B 196 -19.49 33.30 -29.23
C LYS B 196 -19.43 34.19 -27.99
N PHE B 197 -18.56 33.84 -27.04
CA PHE B 197 -18.40 34.57 -25.80
C PHE B 197 -17.74 35.91 -26.02
N LEU B 198 -16.91 36.01 -27.03
CA LEU B 198 -16.17 37.27 -27.26
C LEU B 198 -16.98 38.31 -27.99
N GLN B 199 -18.07 37.87 -28.64
CA GLN B 199 -18.91 38.81 -29.35
C GLN B 199 -19.62 39.78 -28.39
N PRO B 200 -19.96 40.98 -28.88
CA PRO B 200 -20.69 41.94 -28.06
C PRO B 200 -21.98 41.35 -27.56
N GLY B 201 -22.40 41.77 -26.36
CA GLY B 201 -23.64 41.31 -25.80
C GLY B 201 -23.56 39.98 -25.08
N SER B 202 -22.35 39.42 -24.93
CA SER B 202 -22.19 38.17 -24.17
C SER B 202 -22.17 38.49 -22.67
N PRO B 203 -22.15 37.45 -21.83
CA PRO B 203 -21.93 37.67 -20.42
C PRO B 203 -20.49 38.15 -20.06
N ARG B 204 -19.58 38.19 -21.02
CA ARG B 204 -18.24 38.69 -20.78
C ARG B 204 -18.41 40.08 -20.23
N LYS B 205 -17.62 40.43 -19.21
CA LYS B 205 -17.80 41.65 -18.46
C LYS B 205 -16.76 42.70 -18.81
N PRO B 206 -17.07 43.98 -18.59
CA PRO B 206 -16.14 45.07 -18.92
C PRO B 206 -15.02 45.21 -17.91
N PRO B 207 -14.01 46.04 -18.19
CA PRO B 207 -13.01 46.28 -17.17
C PRO B 207 -13.62 46.97 -15.98
N PRO B 208 -13.13 46.69 -14.78
CA PRO B 208 -13.68 47.41 -13.64
C PRO B 208 -13.66 48.90 -13.88
N ASP B 209 -14.75 49.57 -13.55
CA ASP B 209 -14.79 51.02 -13.52
C ASP B 209 -15.09 51.41 -12.10
N GLU B 210 -15.42 52.68 -11.87
CA GLU B 210 -15.62 53.16 -10.53
C GLU B 210 -16.99 52.81 -9.93
N ILE B 211 -17.99 52.60 -10.77
CA ILE B 211 -19.27 52.14 -10.24
C ILE B 211 -19.12 50.72 -9.67
N TYR B 212 -18.24 49.92 -10.25
CA TYR B 212 -17.93 48.61 -9.75
C TYR B 212 -17.20 48.71 -8.42
N VAL B 213 -16.24 49.63 -8.32
CA VAL B 213 -15.40 49.71 -7.15
C VAL B 213 -16.21 50.17 -5.95
N ARG B 214 -17.09 51.16 -6.17
CA ARG B 214 -17.87 51.68 -5.07
C ARG B 214 -19.03 50.73 -4.73
N THR B 215 -19.50 49.97 -5.72
CA THR B 215 -20.47 48.91 -5.47
C THR B 215 -19.92 47.88 -4.49
N VAL B 216 -18.67 47.47 -4.70
CA VAL B 216 -18.05 46.45 -3.86
C VAL B 216 -17.76 47.04 -2.48
N TYR B 217 -17.18 48.23 -2.41
CA TYR B 217 -17.00 48.87 -1.11
C TYR B 217 -18.31 48.94 -0.35
N ASN B 218 -19.38 49.38 -1.00
CA ASN B 218 -20.65 49.59 -0.31
C ASN B 218 -21.27 48.28 0.18
N ILE B 219 -20.93 47.17 -0.48
CA ILE B 219 -21.44 45.87 -0.09
C ILE B 219 -20.73 45.32 1.14
N PHE B 220 -19.42 45.55 1.26
CA PHE B 220 -18.62 45.05 2.38
C PHE B 220 -18.38 46.08 3.47
N ARG B 221 -18.47 47.35 3.11
CA ARG B 221 -18.25 48.43 4.07
C ARG B 221 -19.26 49.55 3.86
N PRO B 222 -20.57 49.24 4.05
CA PRO B 222 -21.69 50.19 3.84
C PRO B 222 -21.50 51.58 4.44
N ALA C 2 33.52 76.51 -7.37
CA ALA C 2 32.74 75.25 -7.47
C ALA C 2 31.45 75.47 -8.29
N GLU C 3 31.48 75.04 -9.56
CA GLU C 3 30.32 75.16 -10.48
C GLU C 3 30.28 74.03 -11.54
N LYS C 4 31.12 74.13 -12.58
CA LYS C 4 31.25 73.08 -13.58
C LYS C 4 32.46 72.23 -13.24
N PRO C 5 32.30 70.90 -13.27
CA PRO C 5 33.47 70.04 -13.18
C PRO C 5 34.37 70.22 -14.40
N LYS C 6 35.68 70.10 -14.18
CA LYS C 6 36.68 70.30 -15.21
C LYS C 6 37.50 69.03 -15.35
N LEU C 7 37.49 68.45 -16.56
CA LEU C 7 38.10 67.16 -16.84
C LEU C 7 39.46 67.29 -17.53
N HIS C 8 40.52 66.85 -16.87
CA HIS C 8 41.87 66.90 -17.44
C HIS C 8 42.21 65.55 -18.00
N TYR C 9 42.33 65.50 -19.32
CA TYR C 9 42.62 64.26 -20.00
C TYR C 9 42.95 64.56 -21.45
N PHE C 10 43.29 63.52 -22.19
CA PHE C 10 43.51 63.64 -23.63
C PHE C 10 42.17 63.81 -24.32
N ASN C 11 42.17 64.43 -25.49
CA ASN C 11 40.97 64.45 -26.31
C ASN C 11 40.69 63.06 -26.87
N GLY C 12 39.95 62.27 -26.09
CA GLY C 12 39.72 60.87 -26.44
C GLY C 12 39.09 60.16 -25.25
N ARG C 13 38.71 58.91 -25.46
CA ARG C 13 37.97 58.14 -24.46
C ARG C 13 38.91 57.71 -23.33
N GLY C 14 39.67 56.63 -23.60
CA GLY C 14 40.55 56.04 -22.59
C GLY C 14 39.87 55.86 -21.25
N ARG C 15 40.38 56.53 -20.22
CA ARG C 15 39.96 56.31 -18.82
C ARG C 15 39.11 57.45 -18.34
N MET C 16 38.95 58.50 -19.15
CA MET C 16 38.07 59.58 -18.82
C MET C 16 36.61 59.37 -19.25
N GLU C 17 36.37 58.45 -20.17
CA GLU C 17 35.11 58.35 -20.86
C GLU C 17 33.99 58.00 -19.89
N SER C 18 34.21 56.98 -19.06
CA SER C 18 33.16 56.51 -18.13
C SER C 18 32.63 57.66 -17.27
N THR C 19 33.50 58.61 -16.96
CA THR C 19 33.14 59.78 -16.14
C THR C 19 32.34 60.82 -16.96
N ARG C 20 32.66 60.93 -18.26
CA ARG C 20 31.89 61.83 -19.12
C ARG C 20 30.49 61.26 -19.19
N TRP C 21 30.39 60.01 -19.62
CA TRP C 21 29.14 59.29 -19.53
C TRP C 21 28.38 59.43 -18.23
N LEU C 22 29.05 59.35 -17.08
CA LEU C 22 28.30 59.40 -15.79
C LEU C 22 27.80 60.80 -15.49
N LEU C 23 28.63 61.80 -15.75
CA LEU C 23 28.24 63.21 -15.54
C LEU C 23 27.11 63.69 -16.49
N ALA C 24 27.17 63.21 -17.72
CA ALA C 24 26.15 63.48 -18.70
C ALA C 24 24.84 62.87 -18.20
N ALA C 25 24.87 61.57 -17.92
CA ALA C 25 23.70 60.84 -17.44
C ALA C 25 22.97 61.52 -16.29
N ALA C 26 23.72 62.20 -15.42
CA ALA C 26 23.13 62.84 -14.24
C ALA C 26 22.83 64.32 -14.48
N GLY C 27 23.02 64.75 -15.73
CA GLY C 27 22.67 66.09 -16.16
C GLY C 27 23.57 67.18 -15.63
N VAL C 28 24.86 66.89 -15.49
CA VAL C 28 25.82 67.89 -15.04
C VAL C 28 26.64 68.36 -16.23
N GLU C 29 26.69 69.67 -16.44
CA GLU C 29 27.53 70.23 -17.48
C GLU C 29 28.97 70.26 -16.98
N PHE C 30 29.90 69.93 -17.85
CA PHE C 30 31.29 70.05 -17.46
C PHE C 30 32.18 70.64 -18.53
N GLU C 31 33.33 71.18 -18.11
CA GLU C 31 34.39 71.58 -19.04
C GLU C 31 35.42 70.47 -19.18
N GLU C 32 36.25 70.59 -20.21
CA GLU C 32 37.36 69.71 -20.43
C GLU C 32 38.52 70.56 -20.85
N LYS C 33 39.67 70.41 -20.19
CA LYS C 33 40.93 70.94 -20.72
C LYS C 33 41.73 69.77 -21.22
N PHE C 34 41.91 69.71 -22.53
CA PHE C 34 42.62 68.58 -23.11
C PHE C 34 44.13 68.70 -22.93
N ILE C 35 44.72 67.57 -22.56
CA ILE C 35 46.16 67.36 -22.56
C ILE C 35 46.57 67.01 -23.98
N LYS C 36 47.21 67.96 -24.66
CA LYS C 36 47.54 67.80 -26.07
C LYS C 36 48.98 67.41 -26.35
N SER C 37 49.86 67.55 -25.35
CA SER C 37 51.26 67.11 -25.47
C SER C 37 51.86 66.57 -24.15
N ALA C 38 53.08 66.02 -24.24
CA ALA C 38 53.86 65.69 -23.05
C ALA C 38 54.06 66.89 -22.13
N GLU C 39 54.15 68.09 -22.69
CA GLU C 39 54.46 69.25 -21.86
C GLU C 39 53.24 69.65 -21.02
N ASP C 40 52.03 69.49 -21.57
CA ASP C 40 50.78 69.73 -20.84
C ASP C 40 50.67 68.80 -19.64
N LEU C 41 50.97 67.52 -19.86
CA LEU C 41 51.04 66.56 -18.78
C LEU C 41 52.08 66.97 -17.73
N ASP C 42 53.27 67.38 -18.15
CA ASP C 42 54.32 67.71 -17.18
C ASP C 42 54.03 69.01 -16.40
N LYS C 43 53.30 69.92 -17.02
CA LYS C 43 52.87 71.15 -16.33
C LYS C 43 51.93 70.75 -15.19
N LEU C 44 50.93 69.94 -15.49
CA LEU C 44 50.03 69.40 -14.46
C LEU C 44 50.83 68.69 -13.35
N ARG C 45 51.68 67.75 -13.75
CA ARG C 45 52.49 67.03 -12.74
C ARG C 45 53.26 68.00 -11.87
N ASN C 46 54.02 68.89 -12.52
CA ASN C 46 54.91 69.79 -11.81
C ASN C 46 54.26 70.82 -10.92
N ASP C 47 53.03 71.21 -11.22
CA ASP C 47 52.29 72.11 -10.34
C ASP C 47 51.59 71.35 -9.22
N GLY C 48 51.83 70.04 -9.14
CA GLY C 48 51.29 69.21 -8.07
C GLY C 48 49.79 69.04 -8.15
N TYR C 49 49.26 68.90 -9.36
CA TYR C 49 47.84 68.73 -9.57
C TYR C 49 47.50 67.24 -9.62
N LEU C 50 48.53 66.41 -9.80
CA LEU C 50 48.36 64.98 -10.02
C LEU C 50 49.07 64.19 -8.93
N MET C 51 48.31 63.85 -7.88
CA MET C 51 48.86 63.13 -6.72
C MET C 51 49.83 62.00 -7.11
N PHE C 52 49.49 61.18 -8.11
CA PHE C 52 50.34 60.05 -8.53
C PHE C 52 50.91 60.25 -9.90
N GLN C 53 51.09 61.50 -10.29
CA GLN C 53 51.73 61.85 -11.56
C GLN C 53 50.95 61.47 -12.80
N GLN C 54 49.69 61.05 -12.65
CA GLN C 54 48.90 60.50 -13.75
C GLN C 54 47.54 61.16 -13.89
N VAL C 55 46.98 61.03 -15.10
CA VAL C 55 45.58 61.37 -15.38
C VAL C 55 44.79 60.06 -15.62
N PRO C 56 43.46 60.10 -15.52
CA PRO C 56 42.58 61.25 -15.39
C PRO C 56 42.67 62.06 -14.11
N MET C 57 42.41 63.35 -14.23
CA MET C 57 42.19 64.22 -13.07
C MET C 57 40.93 65.03 -13.30
N VAL C 58 40.13 65.19 -12.25
CA VAL C 58 38.92 66.03 -12.29
C VAL C 58 38.94 67.02 -11.15
N GLU C 59 38.90 68.31 -11.48
CA GLU C 59 38.70 69.37 -10.48
C GLU C 59 37.22 69.49 -10.21
N ILE C 60 36.82 69.19 -8.97
CA ILE C 60 35.42 69.24 -8.60
C ILE C 60 35.31 69.58 -7.12
N ASP C 61 34.31 70.38 -6.79
CA ASP C 61 34.03 70.80 -5.40
C ASP C 61 35.26 71.05 -4.55
N GLY C 62 36.16 71.87 -5.08
CA GLY C 62 37.38 72.26 -4.37
C GLY C 62 38.53 71.25 -4.40
N MET C 63 38.31 70.07 -4.98
CA MET C 63 39.32 69.01 -4.96
C MET C 63 39.96 68.83 -6.32
N LYS C 64 41.08 68.13 -6.33
CA LYS C 64 41.71 67.65 -7.56
C LYS C 64 41.74 66.14 -7.57
N LEU C 65 40.65 65.49 -7.99
CA LEU C 65 40.54 64.05 -7.86
C LEU C 65 41.26 63.29 -8.96
N VAL C 66 42.25 62.47 -8.59
CA VAL C 66 42.85 61.52 -9.55
C VAL C 66 42.32 60.16 -9.18
N GLN C 67 42.72 59.15 -9.95
CA GLN C 67 42.15 57.82 -9.92
C GLN C 67 40.68 57.79 -10.37
N THR C 68 40.44 57.09 -11.48
CA THR C 68 39.13 56.89 -12.12
C THR C 68 38.08 56.52 -11.11
N ARG C 69 38.37 55.52 -10.26
CA ARG C 69 37.36 55.06 -9.30
C ARG C 69 37.06 56.06 -8.19
N ALA C 70 38.02 56.90 -7.86
CA ALA C 70 37.78 57.93 -6.85
C ALA C 70 36.88 59.03 -7.42
N ILE C 71 37.05 59.32 -8.70
CA ILE C 71 36.28 60.35 -9.39
C ILE C 71 34.85 59.81 -9.59
N LEU C 72 34.73 58.59 -10.09
CA LEU C 72 33.44 57.97 -10.28
C LEU C 72 32.62 57.81 -9.00
N ASN C 73 33.20 57.18 -7.97
CA ASN C 73 32.49 56.98 -6.73
C ASN C 73 31.96 58.30 -6.15
N TYR C 74 32.73 59.37 -6.32
CA TYR C 74 32.34 60.66 -5.78
C TYR C 74 31.16 61.24 -6.59
N ILE C 75 31.20 61.11 -7.91
CA ILE C 75 30.12 61.59 -8.76
C ILE C 75 28.89 60.70 -8.58
N ALA C 76 29.08 59.38 -8.53
CA ALA C 76 27.99 58.44 -8.23
C ALA C 76 27.21 58.82 -6.99
N SER C 77 27.93 59.04 -5.90
CA SER C 77 27.25 59.12 -4.61
C SER C 77 26.62 60.52 -4.50
N LYS C 78 27.33 61.54 -5.00
CA LYS C 78 26.82 62.92 -4.98
C LYS C 78 25.52 63.13 -5.74
N TYR C 79 25.40 62.52 -6.91
CA TYR C 79 24.16 62.61 -7.70
C TYR C 79 23.25 61.38 -7.52
N ASN C 80 23.35 60.78 -6.34
CA ASN C 80 22.51 59.62 -5.94
C ASN C 80 22.33 58.53 -7.00
N LEU C 81 23.46 58.18 -7.60
CA LEU C 81 23.57 57.10 -8.57
C LEU C 81 24.33 55.90 -7.97
N TYR C 82 24.55 55.89 -6.64
CA TYR C 82 25.31 54.81 -5.96
C TYR C 82 24.40 53.98 -5.04
N GLY C 83 23.12 53.90 -5.36
CA GLY C 83 22.16 53.16 -4.55
C GLY C 83 21.74 53.87 -3.27
N LYS C 84 20.99 53.17 -2.44
CA LYS C 84 20.42 53.82 -1.24
C LYS C 84 20.92 53.21 0.05
N ASP C 85 21.64 52.08 -0.03
CA ASP C 85 22.21 51.47 1.18
C ASP C 85 23.44 50.61 0.89
N ILE C 86 24.14 50.26 1.95
CA ILE C 86 25.40 49.51 1.91
C ILE C 86 25.33 48.22 1.05
N LYS C 87 24.23 47.47 1.14
CA LYS C 87 24.10 46.23 0.35
C LYS C 87 23.80 46.46 -1.14
N GLU C 88 23.14 47.56 -1.46
CA GLU C 88 23.02 48.00 -2.85
C GLU C 88 24.39 48.38 -3.40
N ARG C 89 25.16 49.16 -2.65
CA ARG C 89 26.51 49.52 -3.07
C ARG C 89 27.39 48.29 -3.30
N ALA C 90 27.16 47.23 -2.54
CA ALA C 90 27.97 46.04 -2.65
C ALA C 90 27.64 45.35 -3.97
N LEU C 91 26.36 45.33 -4.31
CA LEU C 91 25.90 44.79 -5.58
C LEU C 91 26.39 45.69 -6.72
N ILE C 92 26.23 46.99 -6.57
CA ILE C 92 26.72 47.93 -7.58
C ILE C 92 28.24 47.74 -7.78
N ASP C 93 29.02 47.73 -6.70
CA ASP C 93 30.48 47.60 -6.80
C ASP C 93 30.86 46.28 -7.47
N MET C 94 30.19 45.21 -7.09
CA MET C 94 30.51 43.94 -7.68
C MET C 94 30.32 44.06 -9.20
N TYR C 95 29.23 44.70 -9.64
CA TYR C 95 28.93 44.75 -11.08
C TYR C 95 29.88 45.62 -11.85
N ILE C 96 30.11 46.85 -11.38
CA ILE C 96 30.94 47.79 -12.12
C ILE C 96 32.40 47.36 -12.12
N GLU C 97 32.76 46.46 -11.19
CA GLU C 97 34.12 45.99 -11.12
C GLU C 97 34.35 44.95 -12.21
N GLY C 98 33.39 44.05 -12.40
CA GLY C 98 33.41 43.17 -13.56
C GLY C 98 33.47 43.98 -14.85
N ILE C 99 32.65 45.03 -14.94
CA ILE C 99 32.61 45.92 -16.11
C ILE C 99 34.00 46.57 -16.33
N ALA C 100 34.60 47.08 -15.25
CA ALA C 100 35.91 47.74 -15.35
C ALA C 100 37.06 46.79 -15.73
N ASP C 101 37.01 45.52 -15.35
CA ASP C 101 37.97 44.51 -15.87
C ASP C 101 37.84 44.28 -17.40
N LEU C 102 36.62 44.35 -17.93
CA LEU C 102 36.45 44.20 -19.37
C LEU C 102 36.85 45.49 -20.06
N GLY C 103 36.28 46.59 -19.58
CA GLY C 103 36.63 47.94 -20.04
C GLY C 103 38.13 48.14 -20.14
N GLU C 104 38.85 47.65 -19.14
CA GLU C 104 40.32 47.77 -19.08
C GLU C 104 41.00 47.11 -20.29
N MET C 105 40.55 45.93 -20.67
CA MET C 105 41.11 45.22 -21.83
C MET C 105 40.87 46.02 -23.10
N ILE C 106 39.65 46.53 -23.26
CA ILE C 106 39.32 47.35 -24.42
C ILE C 106 40.20 48.61 -24.43
N ILE C 107 40.30 49.27 -23.28
CA ILE C 107 41.07 50.51 -23.15
C ILE C 107 42.53 50.28 -23.56
N MET C 108 43.09 49.12 -23.22
CA MET C 108 44.49 48.86 -23.51
C MET C 108 44.75 48.31 -24.92
N LEU C 109 43.73 47.69 -25.52
CA LEU C 109 43.86 46.94 -26.79
C LEU C 109 44.60 47.67 -27.93
N PRO C 110 44.29 48.95 -28.16
CA PRO C 110 44.97 49.67 -29.25
C PRO C 110 46.49 49.82 -29.09
N PHE C 111 47.00 49.59 -27.89
CA PHE C 111 48.43 49.73 -27.63
C PHE C 111 49.21 48.42 -27.80
N CYS C 112 48.51 47.29 -27.86
CA CYS C 112 49.16 46.00 -28.15
C CYS C 112 50.13 46.12 -29.32
N PRO C 113 51.20 45.32 -29.31
CA PRO C 113 51.99 45.19 -30.53
C PRO C 113 51.12 44.60 -31.65
N PRO C 114 51.22 45.14 -32.88
CA PRO C 114 50.44 44.67 -34.02
C PRO C 114 50.26 43.15 -34.13
N GLU C 115 51.23 42.38 -33.63
CA GLU C 115 51.23 40.92 -33.74
C GLU C 115 50.53 40.20 -32.56
N GLU C 116 49.86 40.97 -31.71
CA GLU C 116 49.07 40.39 -30.62
C GLU C 116 47.64 40.91 -30.60
N LYS C 117 47.37 42.02 -31.28
CA LYS C 117 46.03 42.62 -31.33
C LYS C 117 44.99 41.60 -31.69
N ASP C 118 45.25 40.80 -32.72
CA ASP C 118 44.30 39.79 -33.17
C ASP C 118 43.93 38.82 -32.05
N ALA C 119 44.93 38.39 -31.28
CA ALA C 119 44.73 37.39 -30.22
C ALA C 119 44.04 37.98 -29.00
N LYS C 120 44.51 39.13 -28.51
CA LYS C 120 43.86 39.78 -27.36
C LYS C 120 42.45 40.29 -27.72
N LEU C 121 42.21 40.52 -29.01
CA LEU C 121 40.88 40.81 -29.50
C LEU C 121 39.97 39.59 -29.34
N ALA C 122 40.44 38.43 -29.80
CA ALA C 122 39.67 37.19 -29.69
C ALA C 122 39.38 36.80 -28.24
N LEU C 123 40.38 36.92 -27.35
CA LEU C 123 40.21 36.63 -25.92
C LEU C 123 39.13 37.54 -25.29
N ILE C 124 39.10 38.82 -25.69
CA ILE C 124 38.08 39.75 -25.24
C ILE C 124 36.71 39.31 -25.74
N LYS C 125 36.62 38.96 -27.02
CA LYS C 125 35.37 38.48 -27.62
C LYS C 125 34.88 37.26 -26.87
N GLU C 126 35.81 36.36 -26.56
CA GLU C 126 35.50 35.11 -25.86
C GLU C 126 34.95 35.41 -24.46
N LYS C 127 35.61 36.32 -23.74
CA LYS C 127 35.17 36.67 -22.38
C LYS C 127 33.83 37.40 -22.40
N ILE C 128 33.60 38.19 -23.44
CA ILE C 128 32.35 38.91 -23.53
C ILE C 128 31.20 37.94 -23.63
N LYS C 129 31.41 36.86 -24.38
CA LYS C 129 30.37 35.89 -24.66
C LYS C 129 30.18 34.87 -23.54
N ASN C 130 31.29 34.37 -22.98
CA ASN C 130 31.24 33.31 -21.99
C ASN C 130 31.33 33.81 -20.55
N ARG C 131 31.69 35.07 -20.33
CA ARG C 131 31.83 35.55 -18.96
C ARG C 131 30.98 36.78 -18.60
N TYR C 132 31.20 37.91 -19.25
CA TYR C 132 30.57 39.14 -18.78
C TYR C 132 29.10 39.35 -19.21
N PHE C 133 28.73 38.87 -20.39
CA PHE C 133 27.36 39.06 -20.85
C PHE C 133 26.41 38.08 -20.16
N PRO C 134 26.81 36.82 -20.00
CA PRO C 134 26.02 35.93 -19.15
C PRO C 134 25.81 36.47 -17.73
N ALA C 135 26.86 37.05 -17.14
CA ALA C 135 26.80 37.52 -15.78
C ALA C 135 25.72 38.58 -15.61
N PHE C 136 25.71 39.57 -16.49
CA PHE C 136 24.73 40.62 -16.37
C PHE C 136 23.37 40.18 -16.87
N GLU C 137 23.34 39.39 -17.94
CA GLU C 137 22.05 38.86 -18.44
C GLU C 137 21.34 38.17 -17.28
N LYS C 138 22.07 37.27 -16.61
CA LYS C 138 21.56 36.57 -15.45
C LYS C 138 21.09 37.54 -14.34
N VAL C 139 21.74 38.68 -14.16
CA VAL C 139 21.26 39.63 -13.17
C VAL C 139 19.89 40.16 -13.53
N LEU C 140 19.70 40.51 -14.81
CA LEU C 140 18.44 41.08 -15.28
C LEU C 140 17.36 40.01 -15.40
N LYS C 141 17.74 38.84 -15.88
CA LYS C 141 16.84 37.69 -15.99
C LYS C 141 16.38 37.14 -14.63
N SER C 142 17.27 37.17 -13.64
CA SER C 142 16.99 36.54 -12.36
C SER C 142 15.99 37.38 -11.60
N HIS C 143 16.29 38.65 -11.38
CA HIS C 143 15.38 39.48 -10.63
C HIS C 143 14.28 40.09 -11.49
N GLY C 144 14.23 39.75 -12.78
CA GLY C 144 13.23 40.28 -13.72
C GLY C 144 12.94 41.78 -13.72
N GLN C 145 13.87 42.61 -13.29
CA GLN C 145 13.64 44.07 -13.21
C GLN C 145 14.39 44.82 -14.29
N ASP C 146 13.96 46.05 -14.53
CA ASP C 146 14.45 46.83 -15.68
C ASP C 146 15.76 47.60 -15.42
N TYR C 147 16.31 47.46 -14.21
CA TYR C 147 17.57 48.10 -13.84
C TYR C 147 18.42 47.09 -13.08
N LEU C 148 19.73 47.22 -13.18
CA LEU C 148 20.63 46.28 -12.55
C LEU C 148 20.34 46.17 -11.04
N VAL C 149 20.23 47.29 -10.34
CA VAL C 149 20.13 47.27 -8.89
C VAL C 149 19.09 48.27 -8.36
N GLY C 150 18.41 47.89 -7.28
CA GLY C 150 17.47 48.75 -6.57
C GLY C 150 16.18 49.02 -7.32
N ASN C 151 15.94 48.27 -8.39
CA ASN C 151 14.86 48.56 -9.32
C ASN C 151 14.81 50.05 -9.65
N LYS C 152 15.98 50.67 -9.80
CA LYS C 152 16.06 52.07 -10.19
C LYS C 152 17.45 52.43 -10.73
N LEU C 153 17.53 53.54 -11.47
CA LEU C 153 18.72 53.89 -12.22
C LEU C 153 19.94 54.03 -11.32
N SER C 154 20.99 53.29 -11.62
CA SER C 154 22.29 53.51 -10.94
C SER C 154 23.41 53.66 -11.96
N ARG C 155 24.59 54.07 -11.49
CA ARG C 155 25.84 53.95 -12.26
C ARG C 155 26.04 52.56 -12.88
N ALA C 156 25.58 51.52 -12.21
CA ALA C 156 25.71 50.20 -12.82
C ALA C 156 25.15 50.21 -14.25
N ASP C 157 23.96 50.80 -14.42
CA ASP C 157 23.25 50.74 -15.71
C ASP C 157 23.97 51.63 -16.70
N ILE C 158 24.38 52.80 -16.24
CA ILE C 158 25.19 53.68 -17.06
C ILE C 158 26.47 53.02 -17.53
N HIS C 159 27.27 52.45 -16.61
CA HIS C 159 28.56 51.88 -17.00
C HIS C 159 28.38 50.64 -17.88
N LEU C 160 27.36 49.84 -17.59
CA LEU C 160 27.09 48.67 -18.40
C LEU C 160 26.76 49.06 -19.82
N VAL C 161 25.91 50.08 -20.01
CA VAL C 161 25.43 50.41 -21.36
C VAL C 161 26.50 51.04 -22.25
N GLU C 162 27.24 52.00 -21.70
CA GLU C 162 28.50 52.46 -22.32
C GLU C 162 29.33 51.31 -22.88
N LEU C 163 29.50 50.27 -22.08
CA LEU C 163 30.31 49.15 -22.52
C LEU C 163 29.60 48.43 -23.64
N LEU C 164 28.26 48.44 -23.63
CA LEU C 164 27.52 47.75 -24.69
C LEU C 164 27.75 48.44 -26.04
N TYR C 165 27.80 49.77 -26.05
CA TYR C 165 28.17 50.48 -27.27
C TYR C 165 29.55 50.10 -27.77
N TYR C 166 30.53 50.05 -26.86
CA TYR C 166 31.90 49.71 -27.27
C TYR C 166 31.96 48.29 -27.82
N VAL C 167 31.15 47.39 -27.26
CA VAL C 167 31.05 46.03 -27.78
C VAL C 167 30.32 46.03 -29.13
N GLU C 168 29.36 46.94 -29.29
CA GLU C 168 28.73 47.13 -30.58
C GLU C 168 29.84 47.44 -31.62
N GLU C 169 30.51 48.60 -31.47
CA GLU C 169 31.64 49.00 -32.34
C GLU C 169 32.57 47.86 -32.71
N LEU C 170 32.84 47.04 -31.71
CA LEU C 170 33.77 45.95 -31.86
C LEU C 170 33.16 44.83 -32.71
N ASP C 171 31.93 44.43 -32.37
CA ASP C 171 31.24 43.32 -33.03
C ASP C 171 29.77 43.31 -32.60
N SER C 172 28.92 43.87 -33.44
CA SER C 172 27.52 44.09 -33.12
C SER C 172 26.66 42.85 -32.91
N SER C 173 27.22 41.65 -33.09
CA SER C 173 26.46 40.41 -32.93
C SER C 173 26.72 39.67 -31.60
N LEU C 174 27.58 40.22 -30.76
CA LEU C 174 27.92 39.60 -29.48
C LEU C 174 26.75 39.75 -28.51
N ILE C 175 26.18 40.95 -28.50
CA ILE C 175 24.95 41.23 -27.76
C ILE C 175 23.71 40.46 -28.29
N SER C 176 23.80 39.90 -29.50
CA SER C 176 22.62 39.34 -30.19
C SER C 176 21.94 38.23 -29.43
N SER C 177 22.71 37.50 -28.64
CA SER C 177 22.19 36.40 -27.85
C SER C 177 21.73 36.85 -26.47
N PHE C 178 21.70 38.17 -26.23
CA PHE C 178 21.45 38.70 -24.90
C PHE C 178 20.40 39.79 -24.94
N PRO C 179 19.15 39.42 -25.26
CA PRO C 179 18.07 40.38 -25.42
C PRO C 179 17.88 41.29 -24.22
N LEU C 180 17.97 40.77 -23.00
CA LEU C 180 17.77 41.63 -21.83
C LEU C 180 18.80 42.77 -21.78
N LEU C 181 20.03 42.49 -22.22
CA LEU C 181 21.03 43.53 -22.35
C LEU C 181 20.71 44.44 -23.53
N LYS C 182 20.18 43.86 -24.62
CA LYS C 182 19.76 44.67 -25.79
C LYS C 182 18.72 45.66 -25.37
N ALA C 183 17.72 45.18 -24.65
CA ALA C 183 16.62 46.01 -24.11
C ALA C 183 17.10 47.09 -23.17
N LEU C 184 17.99 46.71 -22.25
CA LEU C 184 18.59 47.69 -21.32
C LEU C 184 19.29 48.81 -22.09
N LYS C 185 20.01 48.42 -23.14
CA LYS C 185 20.73 49.41 -23.98
C LYS C 185 19.79 50.46 -24.51
N THR C 186 18.69 50.01 -25.13
CA THR C 186 17.61 50.90 -25.60
C THR C 186 16.98 51.77 -24.49
N ARG C 187 16.55 51.15 -23.39
CA ARG C 187 15.88 51.89 -22.32
C ARG C 187 16.75 52.99 -21.73
N ILE C 188 18.02 52.69 -21.47
CA ILE C 188 18.90 53.70 -20.88
C ILE C 188 19.26 54.73 -21.93
N SER C 189 19.46 54.28 -23.18
CA SER C 189 19.73 55.22 -24.28
C SER C 189 18.62 56.25 -24.46
N ASN C 190 17.37 55.86 -24.21
CA ASN C 190 16.21 56.76 -24.33
C ASN C 190 16.00 57.74 -23.19
N LEU C 191 16.73 57.58 -22.08
CA LEU C 191 16.59 58.55 -21.00
C LEU C 191 17.12 59.87 -21.56
N PRO C 192 16.41 60.98 -21.28
CA PRO C 192 16.74 62.30 -21.85
C PRO C 192 18.24 62.66 -21.87
N THR C 193 18.87 62.70 -20.70
CA THR C 193 20.30 63.02 -20.62
C THR C 193 21.15 62.06 -21.46
N VAL C 194 20.90 60.77 -21.41
CA VAL C 194 21.70 59.86 -22.21
C VAL C 194 21.45 60.02 -23.71
N LYS C 195 20.18 59.96 -24.13
CA LYS C 195 19.82 60.21 -25.53
C LYS C 195 20.54 61.43 -26.07
N LYS C 196 20.57 62.49 -25.28
CA LYS C 196 21.31 63.68 -25.62
C LYS C 196 22.78 63.42 -25.81
N PHE C 197 23.41 62.86 -24.78
CA PHE C 197 24.84 62.66 -24.81
C PHE C 197 25.19 61.73 -25.96
N LEU C 198 24.26 60.84 -26.37
CA LEU C 198 24.50 59.92 -27.52
C LEU C 198 24.43 60.60 -28.91
N GLN C 199 23.79 61.76 -28.95
CA GLN C 199 23.62 62.49 -30.20
C GLN C 199 24.90 63.27 -30.51
N PRO C 200 25.11 63.59 -31.80
CA PRO C 200 26.29 64.32 -32.23
C PRO C 200 26.41 65.66 -31.53
N GLY C 201 27.65 66.15 -31.42
CA GLY C 201 27.90 67.41 -30.71
C GLY C 201 28.23 67.27 -29.22
N SER C 202 27.80 66.19 -28.57
CA SER C 202 28.09 65.99 -27.13
C SER C 202 29.59 65.73 -26.86
N PRO C 203 29.98 65.74 -25.58
CA PRO C 203 31.39 65.44 -25.31
C PRO C 203 31.77 63.98 -25.59
N ARG C 204 30.82 63.14 -25.96
CA ARG C 204 31.11 61.76 -26.25
C ARG C 204 32.30 61.68 -27.20
N LYS C 205 33.24 60.79 -26.89
CA LYS C 205 34.45 60.67 -27.66
C LYS C 205 34.40 59.44 -28.59
N PRO C 206 35.00 59.57 -29.79
CA PRO C 206 35.06 58.48 -30.76
C PRO C 206 36.04 57.40 -30.37
N PRO C 207 35.92 56.20 -30.95
CA PRO C 207 36.90 55.15 -30.78
C PRO C 207 38.28 55.65 -31.04
N PRO C 208 39.28 54.97 -30.47
CA PRO C 208 40.64 55.45 -30.65
C PRO C 208 41.04 55.28 -32.12
N ASP C 209 41.37 56.41 -32.74
CA ASP C 209 41.88 56.48 -34.12
C ASP C 209 43.40 56.69 -34.02
N GLU C 210 44.12 56.42 -35.10
CA GLU C 210 45.60 56.51 -35.08
C GLU C 210 46.19 57.87 -34.67
N ILE C 211 45.49 58.98 -34.91
CA ILE C 211 45.90 60.26 -34.33
C ILE C 211 45.91 60.14 -32.79
N TYR C 212 44.89 59.50 -32.23
CA TYR C 212 44.79 59.34 -30.77
C TYR C 212 45.94 58.47 -30.25
N VAL C 213 46.10 57.30 -30.85
CA VAL C 213 47.10 56.33 -30.41
C VAL C 213 48.49 56.96 -30.38
N ARG C 214 48.92 57.52 -31.51
CA ARG C 214 50.23 58.16 -31.60
C ARG C 214 50.31 59.39 -30.69
N THR C 215 49.24 60.15 -30.53
CA THR C 215 49.26 61.27 -29.58
C THR C 215 49.56 60.75 -28.18
N VAL C 216 48.92 59.64 -27.81
CA VAL C 216 49.16 59.03 -26.50
C VAL C 216 50.57 58.45 -26.43
N TYR C 217 51.06 57.85 -27.52
CA TYR C 217 52.46 57.46 -27.60
C TYR C 217 53.37 58.70 -27.51
N ASN C 218 53.00 59.79 -28.21
CA ASN C 218 53.80 61.03 -28.20
C ASN C 218 53.83 61.72 -26.83
N ILE C 219 53.44 60.98 -25.79
CA ILE C 219 53.63 61.41 -24.40
C ILE C 219 54.39 60.33 -23.59
N PHE C 220 53.96 59.06 -23.69
CA PHE C 220 54.62 57.95 -22.98
C PHE C 220 55.34 57.02 -23.95
N ALA D 2 25.78 35.06 15.51
CA ALA D 2 26.82 35.83 14.75
C ALA D 2 27.74 34.89 13.94
N GLU D 3 27.47 34.81 12.61
CA GLU D 3 28.28 34.01 11.68
C GLU D 3 29.42 34.84 11.11
N LYS D 4 30.63 34.26 11.12
CA LYS D 4 31.86 34.98 10.77
C LYS D 4 31.97 35.18 9.24
N PRO D 5 32.63 36.27 8.81
CA PRO D 5 32.99 36.36 7.41
C PRO D 5 33.84 35.17 7.00
N LYS D 6 33.65 34.69 5.78
CA LYS D 6 34.35 33.52 5.31
C LYS D 6 35.06 33.88 3.99
N LEU D 7 36.39 33.88 4.03
CA LEU D 7 37.20 34.28 2.89
C LEU D 7 37.57 33.04 2.11
N HIS D 8 37.23 33.01 0.83
CA HIS D 8 37.62 31.90 -0.04
C HIS D 8 38.72 32.41 -0.94
N TYR D 9 39.84 31.71 -0.96
CA TYR D 9 40.97 32.13 -1.75
C TYR D 9 42.04 31.04 -1.67
N PHE D 10 43.09 31.19 -2.47
CA PHE D 10 44.26 30.34 -2.32
C PHE D 10 44.87 30.60 -0.96
N ASN D 11 45.71 29.67 -0.50
CA ASN D 11 46.40 29.78 0.78
C ASN D 11 47.63 30.62 0.49
N GLY D 12 47.52 31.91 0.72
CA GLY D 12 48.50 32.88 0.27
C GLY D 12 47.94 34.29 0.37
N ARG D 13 48.78 35.28 0.07
CA ARG D 13 48.37 36.67 0.06
C ARG D 13 47.48 37.00 -1.15
N GLY D 14 48.10 37.24 -2.29
CA GLY D 14 47.40 37.58 -3.54
C GLY D 14 46.39 38.69 -3.38
N ARG D 15 45.16 38.45 -3.78
CA ARG D 15 44.14 39.50 -3.74
C ARG D 15 43.29 39.48 -2.48
N MET D 16 43.51 38.49 -1.61
CA MET D 16 42.70 38.35 -0.40
C MET D 16 43.31 39.09 0.77
N GLU D 17 44.61 39.33 0.68
CA GLU D 17 45.39 39.73 1.85
C GLU D 17 44.97 41.06 2.37
N SER D 18 44.51 41.96 1.48
CA SER D 18 44.07 43.29 1.91
C SER D 18 42.77 43.20 2.69
N THR D 19 42.00 42.15 2.41
CA THR D 19 40.75 41.88 3.15
C THR D 19 41.07 41.31 4.55
N ARG D 20 42.05 40.41 4.59
CA ARG D 20 42.50 39.83 5.89
C ARG D 20 42.87 40.99 6.80
N TRP D 21 43.65 41.92 6.26
CA TRP D 21 44.15 43.08 6.99
C TRP D 21 43.04 43.98 7.49
N LEU D 22 42.07 44.26 6.63
CA LEU D 22 41.02 45.23 6.95
C LEU D 22 40.06 44.70 8.00
N LEU D 23 39.67 43.44 7.86
CA LEU D 23 38.79 42.80 8.83
C LEU D 23 39.43 42.78 10.23
N ALA D 24 40.66 42.27 10.30
CA ALA D 24 41.37 42.14 11.57
C ALA D 24 41.45 43.52 12.18
N ALA D 25 41.86 44.51 11.40
CA ALA D 25 41.95 45.88 11.91
C ALA D 25 40.59 46.37 12.41
N ALA D 26 39.52 45.86 11.81
CA ALA D 26 38.17 46.16 12.28
C ALA D 26 37.73 45.28 13.47
N GLY D 27 38.58 44.34 13.90
CA GLY D 27 38.26 43.46 15.02
C GLY D 27 37.33 42.32 14.65
N VAL D 28 37.09 42.13 13.37
CA VAL D 28 36.14 41.13 12.93
C VAL D 28 36.89 39.82 12.78
N GLU D 29 36.50 38.82 13.55
CA GLU D 29 37.10 37.50 13.43
C GLU D 29 36.52 36.87 12.17
N PHE D 30 37.28 36.01 11.49
CA PHE D 30 36.83 35.44 10.24
C PHE D 30 37.41 34.05 10.04
N GLU D 31 36.85 33.28 9.12
CA GLU D 31 37.33 31.93 8.80
C GLU D 31 37.76 31.92 7.37
N GLU D 32 38.58 30.95 6.99
CA GLU D 32 39.02 30.88 5.62
C GLU D 32 38.78 29.50 5.09
N LYS D 33 38.53 29.39 3.79
CA LYS D 33 38.47 28.11 3.14
C LYS D 33 39.38 28.17 1.93
N PHE D 34 40.47 27.43 1.96
CA PHE D 34 41.47 27.56 0.93
C PHE D 34 41.14 26.73 -0.27
N ILE D 35 41.28 27.35 -1.45
CA ILE D 35 41.19 26.68 -2.73
C ILE D 35 42.55 26.05 -3.05
N LYS D 36 42.57 24.72 -3.16
CA LYS D 36 43.81 23.95 -3.29
C LYS D 36 43.99 23.35 -4.69
N SER D 37 42.90 23.23 -5.44
CA SER D 37 42.93 22.48 -6.69
C SER D 37 41.93 23.03 -7.69
N ALA D 38 42.01 22.53 -8.92
CA ALA D 38 41.11 22.97 -9.99
C ALA D 38 39.66 22.65 -9.68
N GLU D 39 39.44 21.64 -8.85
CA GLU D 39 38.09 21.15 -8.55
C GLU D 39 37.48 21.88 -7.36
N ASP D 40 38.32 22.40 -6.46
CA ASP D 40 37.80 23.29 -5.41
C ASP D 40 37.22 24.52 -6.10
N LEU D 41 38.04 25.16 -6.94
CA LEU D 41 37.62 26.30 -7.73
C LEU D 41 36.35 26.03 -8.55
N ASP D 42 36.36 24.94 -9.32
CA ASP D 42 35.20 24.53 -10.13
C ASP D 42 33.94 24.32 -9.31
N LYS D 43 34.09 23.92 -8.06
CA LYS D 43 32.96 23.70 -7.19
C LYS D 43 32.29 25.02 -6.88
N LEU D 44 33.09 26.06 -6.62
CA LEU D 44 32.50 27.37 -6.35
C LEU D 44 31.83 27.94 -7.59
N ARG D 45 32.32 27.54 -8.75
CA ARG D 45 31.79 27.97 -10.03
C ARG D 45 30.49 27.24 -10.34
N ASN D 46 30.54 25.91 -10.30
CA ASN D 46 29.35 25.06 -10.46
C ASN D 46 28.18 25.42 -9.53
N ASP D 47 28.48 25.80 -8.29
CA ASP D 47 27.43 26.22 -7.36
C ASP D 47 26.90 27.61 -7.65
N GLY D 48 27.52 28.31 -8.61
CA GLY D 48 27.07 29.63 -9.04
C GLY D 48 27.44 30.72 -8.07
N TYR D 49 28.56 30.54 -7.38
CA TYR D 49 28.92 31.46 -6.29
C TYR D 49 29.96 32.50 -6.68
N LEU D 50 30.64 32.30 -7.82
CA LEU D 50 31.54 33.31 -8.41
C LEU D 50 30.90 34.08 -9.58
N MET D 51 30.44 35.29 -9.32
CA MET D 51 29.69 36.02 -10.35
C MET D 51 30.47 36.13 -11.68
N PHE D 52 31.79 36.25 -11.61
CA PHE D 52 32.65 36.35 -12.80
C PHE D 52 33.67 35.23 -12.89
N GLN D 53 33.34 34.12 -12.24
CA GLN D 53 34.12 32.90 -12.28
C GLN D 53 35.51 33.07 -11.66
N GLN D 54 35.70 34.16 -10.91
CA GLN D 54 36.96 34.47 -10.25
C GLN D 54 36.83 34.59 -8.74
N VAL D 55 37.98 34.45 -8.07
CA VAL D 55 38.15 34.73 -6.63
C VAL D 55 39.11 35.93 -6.48
N PRO D 56 39.16 36.58 -5.31
CA PRO D 56 38.54 36.42 -3.98
C PRO D 56 37.04 36.29 -4.01
N MET D 57 36.50 35.45 -3.15
CA MET D 57 35.08 35.53 -2.82
C MET D 57 34.97 35.52 -1.31
N VAL D 58 34.14 36.40 -0.76
CA VAL D 58 33.94 36.52 0.67
C VAL D 58 32.45 36.31 0.93
N GLU D 59 32.11 35.33 1.80
CA GLU D 59 30.73 35.18 2.29
C GLU D 59 30.59 36.02 3.54
N ILE D 60 29.58 36.89 3.57
CA ILE D 60 29.48 37.89 4.63
C ILE D 60 28.08 38.49 4.69
N ASP D 61 27.54 38.54 5.91
CA ASP D 61 26.15 38.93 6.14
C ASP D 61 25.21 38.45 5.03
N GLY D 62 25.31 37.17 4.69
CA GLY D 62 24.36 36.56 3.76
C GLY D 62 24.46 36.97 2.30
N MET D 63 25.58 37.58 1.91
CA MET D 63 25.91 37.84 0.49
C MET D 63 27.15 37.05 0.12
N LYS D 64 27.28 36.76 -1.17
CA LYS D 64 28.54 36.24 -1.72
C LYS D 64 29.18 37.28 -2.65
N LEU D 65 30.11 38.07 -2.09
CA LEU D 65 30.72 39.21 -2.75
C LEU D 65 31.98 38.75 -3.41
N VAL D 66 32.08 38.98 -4.72
CA VAL D 66 33.35 38.88 -5.45
C VAL D 66 33.79 40.29 -5.82
N GLN D 67 34.97 40.40 -6.42
CA GLN D 67 35.63 41.68 -6.75
C GLN D 67 36.19 42.33 -5.51
N THR D 68 37.52 42.33 -5.43
CA THR D 68 38.25 42.86 -4.31
C THR D 68 37.65 44.15 -3.79
N ARG D 69 37.44 45.12 -4.66
CA ARG D 69 36.96 46.43 -4.20
C ARG D 69 35.50 46.37 -3.74
N ALA D 70 34.73 45.42 -4.25
CA ALA D 70 33.37 45.24 -3.71
C ALA D 70 33.46 44.76 -2.25
N ILE D 71 34.27 43.72 -2.03
CA ILE D 71 34.50 43.16 -0.68
C ILE D 71 34.95 44.24 0.28
N LEU D 72 35.99 44.98 -0.11
CA LEU D 72 36.65 45.93 0.76
C LEU D 72 35.80 47.11 1.13
N ASN D 73 35.15 47.69 0.10
CA ASN D 73 34.20 48.77 0.31
C ASN D 73 33.10 48.41 1.31
N TYR D 74 32.54 47.22 1.17
CA TYR D 74 31.52 46.78 2.09
C TYR D 74 32.06 46.70 3.55
N ILE D 75 33.21 46.06 3.72
CA ILE D 75 33.77 45.88 5.05
C ILE D 75 34.09 47.26 5.62
N ALA D 76 34.70 48.12 4.81
CA ALA D 76 35.08 49.47 5.21
C ALA D 76 33.90 50.33 5.64
N SER D 77 32.79 50.23 4.91
CA SER D 77 31.61 51.03 5.23
C SER D 77 30.88 50.45 6.46
N LYS D 78 30.71 49.14 6.50
CA LYS D 78 30.06 48.47 7.61
C LYS D 78 30.73 48.81 8.96
N TYR D 79 32.05 48.72 9.01
CA TYR D 79 32.79 48.92 10.24
C TYR D 79 33.39 50.31 10.31
N ASN D 80 32.75 51.25 9.62
CA ASN D 80 33.10 52.68 9.68
C ASN D 80 34.57 53.02 9.45
N LEU D 81 35.20 52.34 8.52
CA LEU D 81 36.58 52.65 8.14
C LEU D 81 36.68 53.33 6.76
N TYR D 82 35.57 53.93 6.36
CA TYR D 82 35.46 54.59 5.07
C TYR D 82 35.15 56.07 5.27
N GLY D 83 35.70 56.68 6.31
CA GLY D 83 35.54 58.13 6.54
C GLY D 83 34.12 58.48 6.96
N LYS D 84 33.89 59.75 7.29
CA LYS D 84 32.57 60.15 7.78
C LYS D 84 31.65 60.73 6.71
N ASP D 85 32.20 61.28 5.62
CA ASP D 85 31.37 61.82 4.53
C ASP D 85 31.94 61.63 3.11
N ILE D 86 31.23 62.20 2.13
CA ILE D 86 31.54 62.00 0.71
C ILE D 86 32.91 62.58 0.30
N LYS D 87 33.31 63.71 0.87
CA LYS D 87 34.61 64.31 0.58
C LYS D 87 35.76 63.50 1.20
N GLU D 88 35.53 62.92 2.36
CA GLU D 88 36.56 62.09 2.97
C GLU D 88 36.69 60.79 2.18
N ARG D 89 35.58 60.23 1.71
CA ARG D 89 35.64 59.00 0.91
C ARG D 89 36.40 59.24 -0.38
N ALA D 90 36.27 60.45 -0.94
CA ALA D 90 36.99 60.81 -2.17
C ALA D 90 38.51 60.81 -1.97
N LEU D 91 38.97 61.35 -0.85
CA LEU D 91 40.40 61.28 -0.50
C LEU D 91 40.78 59.84 -0.28
N ILE D 92 40.02 59.13 0.57
CA ILE D 92 40.31 57.75 0.88
C ILE D 92 40.47 56.93 -0.38
N ASP D 93 39.49 57.04 -1.28
CA ASP D 93 39.47 56.31 -2.54
C ASP D 93 40.63 56.73 -3.45
N MET D 94 40.94 58.02 -3.49
CA MET D 94 42.06 58.48 -4.28
C MET D 94 43.36 57.87 -3.75
N TYR D 95 43.54 57.97 -2.43
CA TYR D 95 44.71 57.40 -1.77
C TYR D 95 44.82 55.92 -2.04
N ILE D 96 43.77 55.16 -1.74
CA ILE D 96 43.88 53.70 -1.74
C ILE D 96 43.98 53.14 -3.13
N GLU D 97 43.48 53.88 -4.12
CA GLU D 97 43.59 53.44 -5.51
C GLU D 97 45.04 53.58 -5.99
N GLY D 98 45.74 54.56 -5.47
CA GLY D 98 47.20 54.62 -5.66
C GLY D 98 47.89 53.36 -5.15
N ILE D 99 47.53 52.98 -3.93
CA ILE D 99 48.11 51.81 -3.32
C ILE D 99 47.76 50.59 -4.15
N ALA D 100 46.49 50.50 -4.52
CA ALA D 100 45.98 49.39 -5.32
C ALA D 100 46.72 49.18 -6.63
N ASP D 101 47.02 50.25 -7.35
CA ASP D 101 47.82 50.12 -8.59
C ASP D 101 49.19 49.48 -8.31
N LEU D 102 49.86 49.95 -7.28
CA LEU D 102 51.12 49.33 -6.89
C LEU D 102 50.86 47.88 -6.40
N GLY D 103 49.83 47.67 -5.58
CA GLY D 103 49.48 46.32 -5.13
C GLY D 103 49.40 45.33 -6.29
N GLU D 104 48.88 45.81 -7.42
CA GLU D 104 48.60 44.98 -8.56
C GLU D 104 49.89 44.46 -9.23
N MET D 105 50.90 45.30 -9.25
CA MET D 105 52.22 44.90 -9.75
C MET D 105 52.77 43.81 -8.84
N ILE D 106 52.69 44.05 -7.53
CA ILE D 106 53.21 43.08 -6.60
C ILE D 106 52.54 41.72 -6.80
N ILE D 107 51.20 41.71 -6.89
CA ILE D 107 50.44 40.46 -7.00
C ILE D 107 50.80 39.68 -8.27
N MET D 108 51.06 40.40 -9.36
CA MET D 108 51.46 39.81 -10.63
C MET D 108 52.95 39.45 -10.71
N LEU D 109 53.79 40.12 -9.94
CA LEU D 109 55.25 39.90 -10.00
C LEU D 109 55.64 38.40 -10.08
N PRO D 110 55.12 37.57 -9.17
CA PRO D 110 55.53 36.16 -9.22
C PRO D 110 55.02 35.35 -10.41
N PHE D 111 54.15 35.91 -11.25
CA PHE D 111 53.60 35.20 -12.41
C PHE D 111 54.13 35.75 -13.74
N CYS D 112 55.03 36.72 -13.65
CA CYS D 112 55.89 37.07 -14.77
C CYS D 112 56.86 35.91 -14.99
N PRO D 113 57.10 35.54 -16.27
CA PRO D 113 58.17 34.58 -16.51
C PRO D 113 59.52 35.18 -16.11
N PRO D 114 60.43 34.36 -15.52
CA PRO D 114 61.66 34.91 -14.87
C PRO D 114 62.44 35.88 -15.75
N GLU D 115 62.30 35.71 -17.06
CA GLU D 115 62.67 36.73 -18.04
C GLU D 115 62.50 38.15 -17.53
N GLU D 116 61.29 38.45 -17.05
CA GLU D 116 60.86 39.81 -16.78
C GLU D 116 60.93 40.20 -15.32
N LYS D 117 60.96 39.22 -14.42
CA LYS D 117 60.90 39.49 -12.98
C LYS D 117 61.72 40.71 -12.58
N ASP D 118 62.93 40.78 -13.11
CA ASP D 118 63.94 41.75 -12.68
C ASP D 118 63.58 43.17 -13.06
N ALA D 119 63.16 43.38 -14.30
CA ALA D 119 62.70 44.71 -14.75
C ALA D 119 61.42 45.08 -14.01
N LYS D 120 60.51 44.11 -13.89
CA LYS D 120 59.30 44.25 -13.07
C LYS D 120 59.57 44.67 -11.61
N LEU D 121 60.56 44.06 -10.99
CA LEU D 121 60.90 44.33 -9.59
C LEU D 121 61.53 45.72 -9.48
N ALA D 122 62.45 46.03 -10.39
CA ALA D 122 63.03 47.36 -10.49
C ALA D 122 61.96 48.41 -10.75
N LEU D 123 61.07 48.12 -11.69
CA LEU D 123 59.98 49.05 -11.99
C LEU D 123 59.19 49.35 -10.71
N ILE D 124 58.86 48.29 -9.96
CA ILE D 124 58.13 48.39 -8.70
C ILE D 124 58.89 49.28 -7.73
N LYS D 125 60.20 49.08 -7.65
CA LYS D 125 61.06 49.85 -6.74
C LYS D 125 61.16 51.31 -7.12
N GLU D 126 61.44 51.57 -8.39
CA GLU D 126 61.41 52.94 -8.90
C GLU D 126 60.15 53.66 -8.44
N LYS D 127 58.99 53.03 -8.64
CA LYS D 127 57.70 53.67 -8.35
C LYS D 127 57.45 53.87 -6.88
N ILE D 128 58.05 53.01 -6.04
CA ILE D 128 57.91 53.18 -4.61
C ILE D 128 58.62 54.44 -4.12
N LYS D 129 59.86 54.65 -4.56
CA LYS D 129 60.66 55.77 -4.07
C LYS D 129 60.45 57.06 -4.86
N ASN D 130 59.95 56.93 -6.10
CA ASN D 130 59.69 58.11 -6.95
C ASN D 130 58.25 58.61 -6.87
N ARG D 131 57.27 57.72 -6.89
CA ARG D 131 55.85 58.11 -6.97
C ARG D 131 55.05 57.99 -5.65
N TYR D 132 54.87 56.77 -5.18
CA TYR D 132 53.94 56.48 -4.07
C TYR D 132 54.33 56.97 -2.67
N PHE D 133 55.56 56.70 -2.22
CA PHE D 133 55.92 57.11 -0.84
C PHE D 133 55.94 58.63 -0.70
N PRO D 134 56.44 59.34 -1.72
CA PRO D 134 56.37 60.81 -1.68
C PRO D 134 54.95 61.36 -1.73
N ALA D 135 54.05 60.68 -2.45
CA ALA D 135 52.64 61.13 -2.51
C ALA D 135 52.03 61.06 -1.13
N PHE D 136 52.31 59.96 -0.43
CA PHE D 136 51.76 59.78 0.90
C PHE D 136 52.50 60.61 1.96
N GLU D 137 53.81 60.71 1.85
CA GLU D 137 54.57 61.62 2.73
C GLU D 137 54.01 63.05 2.65
N LYS D 138 53.74 63.51 1.43
CA LYS D 138 53.23 64.84 1.20
C LYS D 138 51.84 65.05 1.86
N VAL D 139 50.93 64.10 1.69
CA VAL D 139 49.63 64.14 2.38
C VAL D 139 49.74 64.27 3.91
N LEU D 140 50.53 63.37 4.49
CA LEU D 140 50.79 63.37 5.94
C LEU D 140 51.48 64.66 6.38
N LYS D 141 52.46 65.09 5.60
CA LYS D 141 53.16 66.33 5.89
C LYS D 141 52.21 67.51 5.72
N SER D 142 51.49 67.56 4.60
CA SER D 142 50.53 68.65 4.37
C SER D 142 49.68 68.95 5.62
N HIS D 143 48.94 67.97 6.14
CA HIS D 143 48.04 68.23 7.28
C HIS D 143 48.69 68.04 8.66
N GLY D 144 49.79 67.28 8.71
CA GLY D 144 50.54 67.06 9.95
C GLY D 144 49.81 66.27 11.03
N GLN D 145 48.90 65.37 10.62
CA GLN D 145 48.07 64.62 11.57
C GLN D 145 48.43 63.16 11.58
N ASP D 146 47.91 62.45 12.57
CA ASP D 146 48.31 61.04 12.81
C ASP D 146 47.77 60.08 11.75
N TYR D 147 46.68 60.46 11.09
CA TYR D 147 45.97 59.58 10.17
C TYR D 147 45.89 60.21 8.80
N LEU D 148 45.87 59.39 7.75
CA LEU D 148 45.92 59.89 6.38
C LEU D 148 44.74 60.84 6.12
N VAL D 149 43.55 60.43 6.54
CA VAL D 149 42.35 61.21 6.31
C VAL D 149 41.55 61.42 7.60
N GLY D 150 41.12 62.66 7.81
CA GLY D 150 40.04 62.95 8.74
C GLY D 150 40.46 62.90 10.18
N ASN D 151 41.77 62.95 10.40
CA ASN D 151 42.32 62.83 11.74
C ASN D 151 41.72 61.68 12.54
N LYS D 152 41.49 60.55 11.88
CA LYS D 152 41.06 59.35 12.55
C LYS D 152 41.25 58.13 11.66
N LEU D 153 41.24 56.95 12.27
CA LEU D 153 41.60 55.75 11.56
C LEU D 153 40.69 55.57 10.36
N SER D 154 41.27 55.17 9.23
CA SER D 154 40.47 54.85 8.05
C SER D 154 41.11 53.67 7.36
N ARG D 155 40.38 53.05 6.46
CA ARG D 155 40.94 51.99 5.66
C ARG D 155 42.23 52.44 4.96
N ALA D 156 42.34 53.73 4.67
CA ALA D 156 43.52 54.24 3.96
C ALA D 156 44.78 53.99 4.76
N ASP D 157 44.72 54.20 6.07
CA ASP D 157 45.90 53.95 6.94
C ASP D 157 46.30 52.47 6.92
N ILE D 158 45.31 51.57 6.94
CA ILE D 158 45.54 50.14 6.92
C ILE D 158 46.04 49.67 5.56
N HIS D 159 45.47 50.20 4.49
CA HIS D 159 45.94 49.80 3.17
C HIS D 159 47.39 50.24 2.98
N LEU D 160 47.72 51.47 3.39
CA LEU D 160 49.11 51.95 3.31
C LEU D 160 50.08 51.11 4.19
N VAL D 161 49.73 50.91 5.47
CA VAL D 161 50.60 50.15 6.41
C VAL D 161 50.84 48.72 5.93
N GLU D 162 49.82 48.09 5.38
CA GLU D 162 50.04 46.82 4.78
C GLU D 162 51.13 47.00 3.73
N LEU D 163 51.00 48.02 2.87
CA LEU D 163 52.02 48.23 1.83
C LEU D 163 53.41 48.52 2.42
N LEU D 164 53.45 49.24 3.54
CA LEU D 164 54.72 49.56 4.19
C LEU D 164 55.42 48.29 4.70
N TYR D 165 54.66 47.32 5.20
CA TYR D 165 55.22 46.02 5.56
C TYR D 165 55.72 45.23 4.34
N TYR D 166 54.96 45.20 3.24
CA TYR D 166 55.46 44.54 2.04
C TYR D 166 56.79 45.15 1.54
N VAL D 167 56.94 46.46 1.69
CA VAL D 167 58.12 47.14 1.15
C VAL D 167 59.33 46.86 2.03
N GLU D 168 59.12 46.76 3.35
CA GLU D 168 60.16 46.30 4.28
C GLU D 168 60.78 44.99 3.80
N GLU D 169 59.93 44.03 3.43
CA GLU D 169 60.39 42.72 2.97
C GLU D 169 61.16 42.81 1.67
N LEU D 170 60.83 43.81 0.88
CA LEU D 170 61.42 43.99 -0.44
C LEU D 170 62.76 44.73 -0.33
N ASP D 171 62.83 45.65 0.62
CA ASP D 171 63.95 46.57 0.75
C ASP D 171 63.63 47.48 1.96
N SER D 172 64.32 47.25 3.07
CA SER D 172 64.02 47.92 4.31
C SER D 172 64.45 49.37 4.30
N SER D 173 65.28 49.74 3.34
CA SER D 173 65.79 51.11 3.24
C SER D 173 64.95 51.99 2.30
N LEU D 174 64.10 51.39 1.48
CA LEU D 174 63.19 52.18 0.65
C LEU D 174 62.38 53.16 1.50
N ILE D 175 61.90 52.71 2.65
CA ILE D 175 61.15 53.58 3.54
C ILE D 175 62.01 54.60 4.31
N SER D 176 63.32 54.53 4.17
CA SER D 176 64.24 55.25 5.07
C SER D 176 64.09 56.77 5.06
N SER D 177 64.07 57.38 3.87
CA SER D 177 64.00 58.85 3.72
C SER D 177 62.63 59.48 4.05
N PHE D 178 61.62 58.66 4.33
CA PHE D 178 60.27 59.13 4.65
C PHE D 178 59.94 58.88 6.14
N PRO D 179 60.27 59.84 7.02
CA PRO D 179 60.00 59.68 8.47
C PRO D 179 58.52 59.59 8.84
N LEU D 180 57.65 60.23 8.06
CA LEU D 180 56.22 60.24 8.38
C LEU D 180 55.56 58.89 8.11
N LEU D 181 55.99 58.22 7.03
CA LEU D 181 55.56 56.85 6.74
C LEU D 181 56.08 55.87 7.81
N LYS D 182 57.33 56.07 8.28
CA LYS D 182 57.92 55.22 9.35
C LYS D 182 57.12 55.36 10.62
N ALA D 183 56.77 56.60 10.92
CA ALA D 183 55.96 56.93 12.07
C ALA D 183 54.64 56.20 11.97
N LEU D 184 53.91 56.44 10.87
CA LEU D 184 52.63 55.80 10.65
C LEU D 184 52.70 54.31 10.90
N LYS D 185 53.65 53.64 10.24
CA LYS D 185 53.81 52.19 10.37
C LYS D 185 53.72 51.82 11.85
N THR D 186 54.38 52.61 12.69
CA THR D 186 54.44 52.37 14.12
C THR D 186 53.12 52.61 14.85
N ARG D 187 52.54 53.79 14.71
CA ARG D 187 51.27 54.10 15.37
C ARG D 187 50.19 53.07 15.12
N ILE D 188 50.19 52.52 13.91
CA ILE D 188 49.14 51.60 13.46
C ILE D 188 49.49 50.16 13.79
N SER D 189 50.78 49.85 13.85
CA SER D 189 51.22 48.56 14.35
C SER D 189 50.98 48.45 15.87
N ASN D 190 50.70 49.58 16.51
CA ASN D 190 50.44 49.63 17.95
C ASN D 190 48.96 49.67 18.32
N LEU D 191 48.07 49.78 17.33
CA LEU D 191 46.64 49.65 17.61
C LEU D 191 46.34 48.18 17.91
N PRO D 192 45.66 47.91 19.04
CA PRO D 192 45.43 46.55 19.52
C PRO D 192 45.09 45.54 18.43
N THR D 193 44.08 45.85 17.61
CA THR D 193 43.63 44.91 16.59
C THR D 193 44.74 44.63 15.55
N VAL D 194 45.44 45.69 15.15
CA VAL D 194 46.53 45.53 14.18
C VAL D 194 47.71 44.79 14.79
N LYS D 195 48.10 45.21 15.99
CA LYS D 195 49.18 44.53 16.75
C LYS D 195 48.89 43.07 16.84
N LYS D 196 47.68 42.77 17.28
CA LYS D 196 47.20 41.40 17.38
C LYS D 196 47.40 40.69 16.05
N PHE D 197 46.93 41.32 14.96
CA PHE D 197 47.01 40.72 13.64
C PHE D 197 48.47 40.60 13.19
N LEU D 198 49.32 41.53 13.63
CA LEU D 198 50.76 41.49 13.27
C LEU D 198 51.53 40.39 13.95
N GLN D 199 50.93 39.73 14.94
CA GLN D 199 51.67 38.72 15.69
C GLN D 199 51.72 37.37 14.99
N PRO D 200 52.76 36.57 15.30
CA PRO D 200 52.91 35.21 14.76
C PRO D 200 51.69 34.35 15.05
N GLY D 201 51.37 33.45 14.12
CA GLY D 201 50.17 32.64 14.21
C GLY D 201 48.87 33.30 13.77
N SER D 202 48.91 34.60 13.46
CA SER D 202 47.71 35.32 12.95
C SER D 202 47.31 34.78 11.59
N PRO D 203 46.15 35.21 11.08
CA PRO D 203 45.86 34.87 9.69
C PRO D 203 46.76 35.61 8.66
N ARG D 204 47.59 36.58 9.09
CA ARG D 204 48.51 37.24 8.17
C ARG D 204 49.31 36.18 7.42
N LYS D 205 49.52 36.38 6.12
CA LYS D 205 50.06 35.34 5.25
C LYS D 205 51.47 35.70 4.87
N PRO D 206 52.27 34.68 4.48
CA PRO D 206 53.67 34.91 4.14
C PRO D 206 53.81 35.50 2.77
N PRO D 207 55.00 36.02 2.45
CA PRO D 207 55.18 36.40 1.05
C PRO D 207 55.06 35.16 0.17
N PRO D 208 54.62 35.33 -1.07
CA PRO D 208 54.47 34.14 -1.91
C PRO D 208 55.79 33.45 -2.16
N ASP D 209 55.80 32.12 -2.08
CA ASP D 209 56.98 31.32 -2.39
C ASP D 209 56.73 30.49 -3.64
N GLU D 210 57.59 29.52 -3.94
CA GLU D 210 57.45 28.76 -5.19
C GLU D 210 56.34 27.72 -5.14
N ILE D 211 56.10 27.17 -3.94
CA ILE D 211 54.96 26.26 -3.68
C ILE D 211 53.66 26.95 -4.03
N TYR D 212 53.47 28.16 -3.51
CA TYR D 212 52.28 28.97 -3.80
C TYR D 212 52.13 29.18 -5.28
N VAL D 213 53.17 29.65 -5.93
CA VAL D 213 53.08 29.99 -7.34
C VAL D 213 52.71 28.77 -8.19
N ARG D 214 53.27 27.60 -7.84
CA ARG D 214 52.96 26.37 -8.56
C ARG D 214 51.56 25.83 -8.23
N THR D 215 51.07 26.13 -7.03
CA THR D 215 49.69 25.74 -6.67
C THR D 215 48.70 26.37 -7.66
N VAL D 216 48.80 27.68 -7.86
CA VAL D 216 47.78 28.38 -8.67
C VAL D 216 47.92 28.10 -10.17
N TYR D 217 49.13 27.83 -10.65
CA TYR D 217 49.31 27.47 -12.05
C TYR D 217 48.53 26.22 -12.43
N ASN D 218 48.64 25.17 -11.61
CA ASN D 218 47.92 23.92 -11.90
C ASN D 218 46.46 23.93 -11.41
N ILE D 219 46.08 25.00 -10.70
CA ILE D 219 44.67 25.22 -10.34
C ILE D 219 43.89 25.73 -11.54
N PHE D 220 44.59 26.21 -12.57
CA PHE D 220 43.95 26.75 -13.78
C PHE D 220 44.23 25.91 -15.03
N ALA E 2 -12.70 -37.70 15.66
CA ALA E 2 -13.69 -38.60 15.01
C ALA E 2 -13.00 -39.72 14.22
N GLU E 3 -11.97 -39.34 13.44
CA GLU E 3 -11.26 -40.30 12.58
C GLU E 3 -9.91 -39.75 12.09
N LYS E 4 -8.94 -40.63 11.91
CA LYS E 4 -7.61 -40.22 11.45
C LYS E 4 -7.64 -39.85 9.96
N PRO E 5 -7.17 -38.63 9.63
CA PRO E 5 -6.87 -38.32 8.22
C PRO E 5 -5.82 -39.27 7.68
N LYS E 6 -5.96 -39.72 6.44
CA LYS E 6 -5.02 -40.68 5.85
C LYS E 6 -4.25 -40.06 4.67
N LEU E 7 -3.00 -39.68 4.90
CA LEU E 7 -2.24 -38.89 3.94
C LEU E 7 -1.57 -39.80 2.93
N HIS E 8 -2.00 -39.74 1.66
CA HIS E 8 -1.44 -40.58 0.61
C HIS E 8 -0.36 -39.83 -0.16
N TYR E 9 0.87 -40.32 -0.08
CA TYR E 9 1.98 -39.69 -0.74
C TYR E 9 3.21 -40.61 -0.73
N PHE E 10 4.25 -40.20 -1.44
CA PHE E 10 5.58 -40.84 -1.33
C PHE E 10 6.13 -40.68 0.10
N ASN E 11 6.97 -41.62 0.53
CA ASN E 11 7.71 -41.51 1.80
C ASN E 11 8.84 -40.48 1.65
N GLY E 12 8.57 -39.25 2.09
CA GLY E 12 9.45 -38.12 1.80
C GLY E 12 8.62 -36.87 1.86
N ARG E 13 9.27 -35.71 1.81
CA ARG E 13 8.57 -34.44 1.98
C ARG E 13 7.72 -34.07 0.77
N GLY E 14 8.33 -33.46 -0.23
CA GLY E 14 7.61 -33.04 -1.44
C GLY E 14 6.44 -32.12 -1.17
N ARG E 15 5.28 -32.50 -1.68
CA ARG E 15 4.07 -31.68 -1.59
C ARG E 15 3.21 -32.01 -0.39
N MET E 16 3.49 -33.10 0.32
CA MET E 16 2.66 -33.50 1.45
C MET E 16 3.15 -32.95 2.77
N GLU E 17 4.37 -32.43 2.78
CA GLU E 17 5.02 -32.05 4.04
C GLU E 17 4.32 -30.87 4.72
N SER E 18 3.86 -29.88 3.95
CA SER E 18 3.15 -28.74 4.56
C SER E 18 1.87 -29.18 5.30
N THR E 19 1.27 -30.29 4.89
CA THR E 19 0.06 -30.79 5.57
C THR E 19 0.46 -31.40 6.91
N ARG E 20 1.50 -32.23 6.85
CA ARG E 20 2.09 -32.86 8.03
C ARG E 20 2.41 -31.82 9.10
N TRP E 21 3.02 -30.73 8.68
CA TRP E 21 3.27 -29.62 9.60
C TRP E 21 1.98 -29.07 10.18
N LEU E 22 0.98 -28.86 9.32
CA LEU E 22 -0.28 -28.25 9.76
C LEU E 22 -1.10 -29.19 10.63
N LEU E 23 -1.24 -30.43 10.20
CA LEU E 23 -1.96 -31.43 10.97
C LEU E 23 -1.29 -31.65 12.35
N ALA E 24 0.03 -31.78 12.34
CA ALA E 24 0.79 -31.94 13.57
C ALA E 24 0.71 -30.68 14.44
N ALA E 25 0.76 -29.50 13.83
CA ALA E 25 0.63 -28.25 14.58
C ALA E 25 -0.74 -28.07 15.23
N ALA E 26 -1.78 -28.66 14.63
CA ALA E 26 -3.14 -28.62 15.16
C ALA E 26 -3.47 -29.82 16.07
N GLY E 27 -2.49 -30.67 16.34
CA GLY E 27 -2.66 -31.74 17.31
C GLY E 27 -3.41 -32.93 16.75
N VAL E 28 -3.44 -33.05 15.43
CA VAL E 28 -4.26 -34.10 14.81
C VAL E 28 -3.40 -35.24 14.34
N GLU E 29 -3.74 -36.42 14.84
CA GLU E 29 -3.02 -37.64 14.52
C GLU E 29 -3.50 -38.19 13.17
N PHE E 30 -2.57 -38.77 12.41
CA PHE E 30 -2.87 -39.26 11.07
C PHE E 30 -2.06 -40.50 10.70
N GLU E 31 -2.56 -41.22 9.71
CA GLU E 31 -1.87 -42.37 9.14
C GLU E 31 -1.31 -41.96 7.79
N GLU E 32 -0.25 -42.63 7.35
CA GLU E 32 0.30 -42.38 6.03
C GLU E 32 0.34 -43.66 5.19
N LYS E 33 -0.35 -43.65 4.07
CA LYS E 33 -0.28 -44.74 3.10
C LYS E 33 0.74 -44.34 2.04
N PHE E 34 1.96 -44.85 2.17
CA PHE E 34 3.04 -44.42 1.29
C PHE E 34 2.95 -45.10 -0.07
N ILE E 35 3.37 -44.37 -1.10
CA ILE E 35 3.39 -44.89 -2.46
C ILE E 35 4.84 -45.25 -2.80
N LYS E 36 5.14 -46.55 -2.79
CA LYS E 36 6.47 -47.04 -3.11
C LYS E 36 6.67 -47.10 -4.62
N SER E 37 5.71 -47.73 -5.31
CA SER E 37 5.84 -48.12 -6.71
C SER E 37 4.91 -47.35 -7.66
N ALA E 38 5.22 -47.44 -8.95
CA ALA E 38 4.30 -46.99 -10.01
C ALA E 38 2.99 -47.79 -10.01
N GLU E 39 3.01 -49.02 -9.47
CA GLU E 39 1.81 -49.85 -9.35
C GLU E 39 0.83 -49.34 -8.30
N ASP E 40 1.34 -48.85 -7.17
CA ASP E 40 0.49 -48.27 -6.12
C ASP E 40 -0.24 -47.04 -6.67
N LEU E 41 0.42 -46.32 -7.57
CA LEU E 41 -0.16 -45.12 -8.18
C LEU E 41 -1.30 -45.52 -9.12
N ASP E 42 -1.06 -46.53 -9.97
CA ASP E 42 -2.11 -47.05 -10.87
C ASP E 42 -3.31 -47.56 -10.05
N LYS E 43 -3.04 -48.19 -8.91
CA LYS E 43 -4.08 -48.66 -8.00
C LYS E 43 -5.01 -47.51 -7.58
N LEU E 44 -4.44 -46.41 -7.07
CA LEU E 44 -5.26 -45.28 -6.61
C LEU E 44 -6.02 -44.60 -7.75
N ARG E 45 -5.33 -44.39 -8.88
CA ARG E 45 -5.94 -43.78 -10.08
C ARG E 45 -7.16 -44.52 -10.60
N ASN E 46 -6.99 -45.82 -10.87
CA ASN E 46 -8.05 -46.66 -11.43
C ASN E 46 -9.23 -46.88 -10.47
N ASP E 47 -9.00 -46.71 -9.17
CA ASP E 47 -10.07 -46.75 -8.15
C ASP E 47 -10.93 -45.48 -8.17
N GLY E 48 -10.46 -44.44 -8.87
CA GLY E 48 -11.15 -43.15 -8.91
C GLY E 48 -10.97 -42.35 -7.63
N TYR E 49 -9.75 -42.37 -7.10
CA TYR E 49 -9.40 -41.69 -5.85
C TYR E 49 -8.68 -40.36 -6.11
N LEU E 50 -8.00 -40.24 -7.25
CA LEU E 50 -7.27 -39.02 -7.61
C LEU E 50 -7.99 -38.25 -8.73
N MET E 51 -8.73 -37.23 -8.33
CA MET E 51 -9.55 -36.48 -9.28
C MET E 51 -8.78 -36.07 -10.55
N PHE E 52 -7.54 -35.61 -10.40
CA PHE E 52 -6.71 -35.20 -11.56
C PHE E 52 -5.51 -36.12 -11.79
N GLN E 53 -5.62 -37.36 -11.30
CA GLN E 53 -4.59 -38.39 -11.46
C GLN E 53 -3.28 -38.07 -10.72
N GLN E 54 -3.40 -37.27 -9.66
CA GLN E 54 -2.25 -36.83 -8.89
C GLN E 54 -2.44 -37.00 -7.39
N VAL E 55 -1.31 -36.98 -6.71
CA VAL E 55 -1.26 -36.89 -5.26
C VAL E 55 -0.45 -35.64 -4.98
N PRO E 56 -0.54 -35.06 -3.76
CA PRO E 56 -1.18 -35.48 -2.51
C PRO E 56 -2.67 -35.78 -2.59
N MET E 57 -3.07 -36.85 -1.93
CA MET E 57 -4.48 -37.09 -1.65
C MET E 57 -4.58 -37.36 -0.16
N VAL E 58 -5.50 -36.66 0.50
CA VAL E 58 -5.75 -36.82 1.92
C VAL E 58 -7.24 -37.16 2.11
N GLU E 59 -7.51 -38.37 2.61
CA GLU E 59 -8.85 -38.74 3.08
C GLU E 59 -9.11 -38.12 4.44
N ILE E 60 -10.28 -37.51 4.61
CA ILE E 60 -10.58 -36.77 5.83
C ILE E 60 -12.05 -36.36 5.80
N ASP E 61 -12.72 -36.53 6.94
CA ASP E 61 -14.14 -36.23 7.10
C ASP E 61 -15.02 -36.75 5.95
N GLY E 62 -14.72 -37.97 5.51
CA GLY E 62 -15.47 -38.66 4.46
C GLY E 62 -15.10 -38.34 3.02
N MET E 63 -14.11 -37.47 2.81
CA MET E 63 -13.80 -36.96 1.48
C MET E 63 -12.56 -37.60 0.88
N LYS E 64 -12.24 -37.18 -0.34
CA LYS E 64 -10.98 -37.53 -1.00
C LYS E 64 -10.42 -36.25 -1.63
N LEU E 65 -9.87 -35.36 -0.80
CA LEU E 65 -9.33 -34.10 -1.28
C LEU E 65 -7.98 -34.34 -1.97
N VAL E 66 -7.87 -33.87 -3.20
CA VAL E 66 -6.56 -33.74 -3.82
C VAL E 66 -6.31 -32.24 -3.88
N GLN E 67 -5.13 -31.84 -4.32
CA GLN E 67 -4.69 -30.43 -4.39
C GLN E 67 -4.33 -29.84 -3.03
N THR E 68 -3.02 -29.64 -2.85
CA THR E 68 -2.42 -29.22 -1.59
C THR E 68 -3.17 -28.02 -0.99
N ARG E 69 -3.53 -27.06 -1.83
CA ARG E 69 -4.19 -25.87 -1.32
C ARG E 69 -5.62 -26.13 -0.81
N ALA E 70 -6.28 -27.15 -1.35
CA ALA E 70 -7.60 -27.55 -0.84
C ALA E 70 -7.49 -28.33 0.47
N ILE E 71 -6.42 -29.09 0.63
CA ILE E 71 -6.21 -29.88 1.86
C ILE E 71 -5.85 -28.90 2.98
N LEU E 72 -4.89 -28.02 2.69
CA LEU E 72 -4.42 -27.02 3.63
C LEU E 72 -5.51 -26.01 4.05
N ASN E 73 -6.32 -25.55 3.09
CA ASN E 73 -7.46 -24.65 3.37
C ASN E 73 -8.49 -25.31 4.30
N TYR E 74 -8.82 -26.58 3.99
CA TYR E 74 -9.80 -27.35 4.78
C TYR E 74 -9.35 -27.65 6.21
N ILE E 75 -8.14 -28.20 6.36
CA ILE E 75 -7.53 -28.34 7.69
C ILE E 75 -7.46 -26.97 8.39
N ALA E 76 -6.95 -25.96 7.69
CA ALA E 76 -6.75 -24.63 8.27
C ALA E 76 -8.04 -24.04 8.83
N SER E 77 -9.14 -24.22 8.11
CA SER E 77 -10.44 -23.71 8.56
C SER E 77 -11.02 -24.52 9.73
N LYS E 78 -11.01 -25.86 9.62
CA LYS E 78 -11.60 -26.77 10.62
C LYS E 78 -11.01 -26.56 12.01
N TYR E 79 -9.71 -26.33 12.06
CA TYR E 79 -9.00 -26.11 13.32
C TYR E 79 -8.63 -24.64 13.50
N ASN E 80 -9.46 -23.74 12.99
CA ASN E 80 -9.36 -22.32 13.31
C ASN E 80 -7.98 -21.70 13.20
N LEU E 81 -7.21 -22.21 12.25
CA LEU E 81 -5.92 -21.64 11.92
C LEU E 81 -6.00 -20.82 10.62
N TYR E 82 -7.22 -20.49 10.18
CA TYR E 82 -7.41 -19.64 8.99
C TYR E 82 -7.94 -18.24 9.35
N GLY E 83 -7.55 -17.70 10.51
CA GLY E 83 -8.02 -16.36 10.93
C GLY E 83 -9.51 -16.33 11.24
N LYS E 84 -10.02 -15.19 11.73
CA LYS E 84 -11.43 -15.13 12.14
C LYS E 84 -12.33 -14.53 11.08
N ASP E 85 -11.80 -13.58 10.30
CA ASP E 85 -12.60 -12.85 9.32
C ASP E 85 -11.96 -12.84 7.93
N ILE E 86 -12.74 -12.36 6.96
CA ILE E 86 -12.32 -12.32 5.57
C ILE E 86 -11.13 -11.39 5.31
N LYS E 87 -11.08 -10.22 5.97
CA LYS E 87 -9.92 -9.34 5.83
C LYS E 87 -8.66 -10.03 6.32
N GLU E 88 -8.79 -10.79 7.41
CA GLU E 88 -7.67 -11.60 7.94
C GLU E 88 -7.25 -12.73 7.00
N ARG E 89 -8.22 -13.42 6.39
CA ARG E 89 -7.89 -14.44 5.38
C ARG E 89 -7.17 -13.81 4.19
N ALA E 90 -7.50 -12.57 3.86
CA ALA E 90 -6.82 -11.90 2.78
C ALA E 90 -5.33 -11.86 3.07
N LEU E 91 -4.95 -11.38 4.26
CA LEU E 91 -3.53 -11.26 4.63
C LEU E 91 -2.87 -12.65 4.67
N ILE E 92 -3.53 -13.60 5.34
CA ILE E 92 -3.04 -14.98 5.45
C ILE E 92 -2.71 -15.58 4.08
N ASP E 93 -3.62 -15.42 3.13
CA ASP E 93 -3.43 -16.00 1.79
C ASP E 93 -2.28 -15.33 1.06
N MET E 94 -2.22 -14.00 1.14
CA MET E 94 -1.18 -13.22 0.47
C MET E 94 0.21 -13.67 0.94
N TYR E 95 0.32 -14.01 2.22
CA TYR E 95 1.60 -14.36 2.82
C TYR E 95 1.99 -15.78 2.38
N ILE E 96 1.09 -16.71 2.62
CA ILE E 96 1.35 -18.10 2.34
C ILE E 96 1.58 -18.41 0.87
N GLU E 97 0.94 -17.69 -0.05
CA GLU E 97 1.18 -17.92 -1.47
C GLU E 97 2.63 -17.53 -1.88
N GLY E 98 3.16 -16.47 -1.26
CA GLY E 98 4.57 -16.13 -1.45
C GLY E 98 5.46 -17.24 -0.92
N ILE E 99 5.06 -17.81 0.20
CA ILE E 99 5.80 -18.91 0.82
C ILE E 99 5.73 -20.11 -0.09
N ALA E 100 4.54 -20.36 -0.61
CA ALA E 100 4.33 -21.46 -1.54
C ALA E 100 5.05 -21.24 -2.86
N ASP E 101 5.25 -19.99 -3.26
CA ASP E 101 6.08 -19.69 -4.45
C ASP E 101 7.52 -20.12 -4.23
N LEU E 102 8.07 -19.75 -3.08
CA LEU E 102 9.42 -20.19 -2.70
C LEU E 102 9.42 -21.69 -2.47
N GLY E 103 8.33 -22.17 -1.87
CA GLY E 103 8.18 -23.57 -1.52
C GLY E 103 8.20 -24.45 -2.74
N GLU E 104 7.57 -24.02 -3.82
CA GLU E 104 7.56 -24.78 -5.06
C GLU E 104 8.99 -24.95 -5.60
N MET E 105 9.77 -23.88 -5.57
CA MET E 105 11.18 -23.91 -6.05
C MET E 105 12.00 -24.96 -5.31
N ILE E 106 11.86 -25.01 -4.00
CA ILE E 106 12.56 -26.02 -3.17
C ILE E 106 12.11 -27.45 -3.47
N ILE E 107 10.81 -27.71 -3.41
CA ILE E 107 10.24 -29.01 -3.76
C ILE E 107 10.78 -29.54 -5.11
N MET E 108 10.99 -28.61 -6.04
CA MET E 108 11.38 -28.93 -7.41
C MET E 108 12.89 -29.02 -7.61
N LEU E 109 13.66 -28.32 -6.77
CA LEU E 109 15.12 -28.27 -6.88
C LEU E 109 15.83 -29.63 -7.00
N PRO E 110 15.37 -30.65 -6.24
CA PRO E 110 16.00 -31.97 -6.39
C PRO E 110 15.66 -32.72 -7.68
N PHE E 111 14.76 -32.17 -8.49
CA PHE E 111 14.36 -32.83 -9.74
C PHE E 111 14.92 -32.14 -10.99
N CYS E 112 15.77 -31.13 -10.80
CA CYS E 112 16.43 -30.43 -11.91
C CYS E 112 17.62 -31.24 -12.42
N PRO E 113 18.04 -31.00 -13.68
CA PRO E 113 19.36 -31.45 -14.11
C PRO E 113 20.42 -30.94 -13.13
N PRO E 114 21.39 -31.80 -12.78
CA PRO E 114 22.47 -31.31 -11.91
C PRO E 114 23.16 -30.05 -12.48
N GLU E 115 23.10 -29.89 -13.80
CA GLU E 115 23.70 -28.75 -14.49
C GLU E 115 22.95 -27.43 -14.22
N GLU E 116 21.69 -27.51 -13.79
CA GLU E 116 20.89 -26.32 -13.48
C GLU E 116 20.83 -25.97 -11.98
N LYS E 117 20.97 -26.99 -11.12
CA LYS E 117 20.82 -26.82 -9.68
C LYS E 117 21.66 -25.67 -9.13
N ASP E 118 22.92 -25.62 -9.56
CA ASP E 118 23.85 -24.55 -9.17
C ASP E 118 23.16 -23.20 -9.26
N ALA E 119 22.70 -22.85 -10.46
CA ALA E 119 22.08 -21.55 -10.72
C ALA E 119 20.75 -21.39 -10.00
N LYS E 120 19.96 -22.46 -9.94
CA LYS E 120 18.66 -22.42 -9.28
C LYS E 120 18.82 -22.10 -7.79
N LEU E 121 19.73 -22.83 -7.14
CA LEU E 121 20.04 -22.63 -5.73
C LEU E 121 20.35 -21.16 -5.43
N ALA E 122 21.21 -20.55 -6.23
CA ALA E 122 21.57 -19.15 -6.09
C ALA E 122 20.34 -18.24 -6.21
N LEU E 123 19.47 -18.56 -7.17
CA LEU E 123 18.27 -17.77 -7.39
C LEU E 123 17.34 -17.86 -6.18
N ILE E 124 17.17 -19.07 -5.67
CA ILE E 124 16.39 -19.27 -4.45
C ILE E 124 16.94 -18.43 -3.28
N LYS E 125 18.27 -18.36 -3.18
CA LYS E 125 18.92 -17.62 -2.12
C LYS E 125 18.70 -16.11 -2.30
N GLU E 126 18.93 -15.63 -3.52
CA GLU E 126 18.77 -14.21 -3.85
C GLU E 126 17.41 -13.68 -3.35
N LYS E 127 16.37 -14.47 -3.63
CA LYS E 127 14.97 -14.13 -3.38
C LYS E 127 14.60 -14.12 -1.90
N ILE E 128 14.96 -15.20 -1.22
CA ILE E 128 14.81 -15.29 0.23
C ILE E 128 15.32 -14.02 0.90
N LYS E 129 16.57 -13.69 0.60
CA LYS E 129 17.28 -12.55 1.21
C LYS E 129 16.67 -11.20 0.83
N ASN E 130 16.32 -11.05 -0.45
CA ASN E 130 15.91 -9.76 -0.98
C ASN E 130 14.43 -9.58 -1.26
N ARG E 131 13.61 -10.58 -0.94
CA ARG E 131 12.20 -10.49 -1.26
C ARG E 131 11.33 -11.03 -0.14
N TYR E 132 11.46 -12.33 0.13
CA TYR E 132 10.55 -12.99 1.06
C TYR E 132 10.80 -12.63 2.52
N PHE E 133 12.03 -12.84 2.99
CA PHE E 133 12.40 -12.48 4.36
C PHE E 133 12.16 -11.00 4.67
N PRO E 134 12.64 -10.09 3.78
CA PRO E 134 12.31 -8.66 3.96
C PRO E 134 10.82 -8.39 4.11
N ALA E 135 10.03 -8.94 3.18
CA ALA E 135 8.58 -8.74 3.15
C ALA E 135 7.90 -9.21 4.44
N PHE E 136 8.31 -10.37 4.94
CA PHE E 136 7.73 -10.93 6.18
C PHE E 136 8.24 -10.25 7.45
N GLU E 137 9.49 -9.81 7.46
CA GLU E 137 10.05 -9.06 8.57
C GLU E 137 9.31 -7.72 8.74
N LYS E 138 8.96 -7.09 7.62
CA LYS E 138 8.21 -5.84 7.64
C LYS E 138 6.81 -6.03 8.22
N VAL E 139 6.17 -7.14 7.85
CA VAL E 139 4.84 -7.50 8.39
C VAL E 139 4.88 -7.60 9.91
N LEU E 140 5.80 -8.41 10.44
CA LEU E 140 6.04 -8.50 11.88
C LEU E 140 6.42 -7.14 12.47
N LYS E 141 7.30 -6.42 11.78
CA LYS E 141 7.77 -5.10 12.23
C LYS E 141 6.65 -4.07 12.34
N SER E 142 5.73 -4.09 11.37
CA SER E 142 4.66 -3.09 11.28
C SER E 142 3.68 -3.16 12.46
N HIS E 143 3.11 -4.33 12.73
CA HIS E 143 2.15 -4.46 13.83
C HIS E 143 2.83 -4.72 15.19
N GLY E 144 4.00 -5.37 15.16
CA GLY E 144 4.78 -5.66 16.37
C GLY E 144 4.34 -6.89 17.14
N GLN E 145 3.35 -7.60 16.64
CA GLN E 145 2.76 -8.71 17.37
C GLN E 145 3.60 -9.97 17.20
N ASP E 146 3.30 -11.00 17.99
CA ASP E 146 4.06 -12.25 18.02
C ASP E 146 3.68 -13.24 16.92
N TYR E 147 2.60 -12.95 16.20
CA TYR E 147 2.13 -13.80 15.12
C TYR E 147 1.89 -12.94 13.91
N LEU E 148 1.85 -13.56 12.74
CA LEU E 148 1.78 -12.81 11.48
C LEU E 148 0.49 -12.00 11.35
N VAL E 149 -0.64 -12.64 11.63
CA VAL E 149 -1.96 -12.03 11.42
C VAL E 149 -2.80 -12.05 12.69
N GLY E 150 -3.33 -10.89 13.05
CA GLY E 150 -4.39 -10.77 14.05
C GLY E 150 -4.03 -11.26 15.43
N ASN E 151 -2.75 -11.15 15.78
CA ASN E 151 -2.24 -11.42 17.13
C ASN E 151 -2.49 -12.82 17.75
N LYS E 152 -2.92 -13.79 16.94
CA LYS E 152 -3.03 -15.18 17.40
C LYS E 152 -2.50 -16.16 16.35
N LEU E 153 -2.15 -17.37 16.79
CA LEU E 153 -1.58 -18.40 15.90
C LEU E 153 -2.46 -18.61 14.68
N SER E 154 -1.83 -18.71 13.51
CA SER E 154 -2.51 -19.06 12.27
C SER E 154 -1.59 -19.90 11.38
N ARG E 155 -2.19 -20.50 10.35
CA ARG E 155 -1.45 -21.29 9.36
C ARG E 155 -0.22 -20.55 8.79
N ALA E 156 -0.32 -19.21 8.68
CA ALA E 156 0.76 -18.41 8.12
C ALA E 156 2.08 -18.63 8.87
N ASP E 157 1.96 -18.64 10.19
CA ASP E 157 3.10 -18.83 11.08
C ASP E 157 3.74 -20.20 10.85
N ILE E 158 2.90 -21.24 10.83
CA ILE E 158 3.38 -22.63 10.67
C ILE E 158 4.08 -22.84 9.33
N HIS E 159 3.46 -22.36 8.24
CA HIS E 159 4.03 -22.52 6.88
C HIS E 159 5.34 -21.79 6.74
N LEU E 160 5.39 -20.60 7.32
CA LEU E 160 6.59 -19.76 7.26
C LEU E 160 7.69 -20.44 8.07
N VAL E 161 7.35 -20.86 9.29
CA VAL E 161 8.33 -21.49 10.18
C VAL E 161 8.91 -22.75 9.54
N GLU E 162 8.04 -23.61 9.01
CA GLU E 162 8.49 -24.76 8.26
C GLU E 162 9.52 -24.36 7.21
N LEU E 163 9.23 -23.28 6.49
CA LEU E 163 10.14 -22.80 5.47
C LEU E 163 11.48 -22.44 6.12
N LEU E 164 11.41 -21.76 7.26
CA LEU E 164 12.61 -21.38 8.00
C LEU E 164 13.48 -22.63 8.23
N TYR E 165 12.88 -23.73 8.68
CA TYR E 165 13.64 -25.00 8.80
C TYR E 165 14.09 -25.63 7.48
N TYR E 166 13.56 -25.19 6.34
CA TYR E 166 14.18 -25.55 5.05
C TYR E 166 15.26 -24.55 4.65
N VAL E 167 15.10 -23.30 5.07
CA VAL E 167 16.08 -22.25 4.75
C VAL E 167 17.37 -22.47 5.53
N GLU E 168 17.21 -22.91 6.78
CA GLU E 168 18.33 -23.25 7.65
C GLU E 168 19.13 -24.41 7.05
N GLU E 169 18.46 -25.46 6.57
CA GLU E 169 19.15 -26.58 5.93
C GLU E 169 19.98 -26.11 4.74
N LEU E 170 19.41 -25.20 3.97
CA LEU E 170 20.01 -24.74 2.71
C LEU E 170 21.23 -23.87 2.95
N ASP E 171 21.03 -22.82 3.74
CA ASP E 171 22.09 -21.96 4.23
C ASP E 171 21.60 -21.24 5.48
N SER E 172 22.19 -21.58 6.64
CA SER E 172 21.70 -21.07 7.91
C SER E 172 22.09 -19.61 8.17
N SER E 173 22.93 -19.05 7.30
CA SER E 173 23.37 -17.66 7.46
C SER E 173 22.39 -16.62 6.92
N LEU E 174 21.34 -17.09 6.24
CA LEU E 174 20.37 -16.19 5.57
C LEU E 174 19.38 -15.52 6.53
N ILE E 175 18.91 -16.27 7.53
CA ILE E 175 18.02 -15.72 8.55
C ILE E 175 18.73 -14.71 9.47
N SER E 176 20.06 -14.63 9.36
CA SER E 176 20.91 -13.89 10.31
C SER E 176 20.51 -12.43 10.57
N SER E 177 20.07 -11.72 9.53
CA SER E 177 19.69 -10.30 9.63
C SER E 177 18.18 -10.06 9.74
N PHE E 178 17.47 -10.99 10.39
CA PHE E 178 16.00 -10.93 10.48
C PHE E 178 15.56 -11.43 11.86
N PRO E 179 15.81 -10.62 12.90
CA PRO E 179 15.63 -11.07 14.28
C PRO E 179 14.18 -11.45 14.62
N LEU E 180 13.24 -10.74 14.02
CA LEU E 180 11.82 -11.02 14.27
C LEU E 180 11.42 -12.38 13.65
N LEU E 181 12.09 -12.77 12.56
CA LEU E 181 11.90 -14.11 12.00
C LEU E 181 12.51 -15.17 12.91
N LYS E 182 13.73 -14.90 13.38
CA LYS E 182 14.40 -15.80 14.33
C LYS E 182 13.51 -15.99 15.55
N ALA E 183 13.03 -14.89 16.13
CA ALA E 183 12.14 -14.93 17.31
C ALA E 183 10.90 -15.74 17.02
N LEU E 184 10.23 -15.43 15.90
CA LEU E 184 9.08 -16.22 15.46
C LEU E 184 9.42 -17.71 15.37
N LYS E 185 10.58 -18.01 14.78
CA LYS E 185 11.01 -19.41 14.59
C LYS E 185 11.09 -20.18 15.93
N THR E 186 11.64 -19.53 16.97
CA THR E 186 11.74 -20.17 18.30
C THR E 186 10.37 -20.28 19.00
N ARG E 187 9.63 -19.16 19.05
CA ARG E 187 8.26 -19.11 19.59
C ARG E 187 7.41 -20.30 19.15
N ILE E 188 7.31 -20.48 17.83
CA ILE E 188 6.45 -21.50 17.24
C ILE E 188 7.05 -22.88 17.51
N SER E 189 8.36 -23.00 17.35
CA SER E 189 9.05 -24.27 17.63
C SER E 189 8.82 -24.74 19.08
N ASN E 190 8.49 -23.82 19.97
CA ASN E 190 8.22 -24.14 21.38
C ASN E 190 6.74 -24.41 21.74
N LEU E 191 5.83 -24.30 20.78
CA LEU E 191 4.45 -24.74 21.03
C LEU E 191 4.45 -26.27 21.09
N PRO E 192 3.86 -26.84 22.17
CA PRO E 192 3.86 -28.28 22.48
C PRO E 192 3.72 -29.24 21.29
N THR E 193 2.78 -28.95 20.39
CA THR E 193 2.53 -29.80 19.20
C THR E 193 3.71 -29.78 18.22
N VAL E 194 4.26 -28.59 17.98
CA VAL E 194 5.35 -28.41 17.01
C VAL E 194 6.67 -28.92 17.60
N LYS E 195 6.91 -28.60 18.86
CA LYS E 195 8.07 -29.14 19.57
C LYS E 195 8.10 -30.66 19.38
N LYS E 196 6.97 -31.30 19.65
CA LYS E 196 6.83 -32.74 19.51
C LYS E 196 7.07 -33.24 18.06
N PHE E 197 6.61 -32.45 17.10
CA PHE E 197 6.78 -32.75 15.67
C PHE E 197 8.23 -32.63 15.22
N LEU E 198 8.91 -31.60 15.71
CA LEU E 198 10.34 -31.40 15.43
C LEU E 198 11.21 -32.48 16.03
N GLN E 199 10.71 -33.16 17.06
CA GLN E 199 11.51 -34.14 17.78
C GLN E 199 11.54 -35.43 16.98
N PRO E 200 12.48 -36.34 17.30
CA PRO E 200 12.59 -37.59 16.55
C PRO E 200 11.34 -38.44 16.71
N GLY E 201 11.18 -39.45 15.87
CA GLY E 201 9.99 -40.33 15.90
C GLY E 201 8.74 -39.81 15.20
N SER E 202 8.63 -38.48 15.03
CA SER E 202 7.40 -37.86 14.50
C SER E 202 7.15 -38.26 13.04
N PRO E 203 5.95 -37.92 12.50
CA PRO E 203 5.70 -38.20 11.06
C PRO E 203 6.53 -37.35 10.08
N ARG E 204 7.15 -36.28 10.59
CA ARG E 204 8.02 -35.40 9.79
C ARG E 204 9.01 -36.17 8.92
N LYS E 205 9.35 -35.59 7.77
CA LYS E 205 10.18 -36.29 6.80
C LYS E 205 11.52 -35.58 6.66
N PRO E 206 12.56 -36.33 6.24
CA PRO E 206 13.88 -35.73 6.04
C PRO E 206 13.98 -35.03 4.68
N PRO E 207 15.11 -34.33 4.43
CA PRO E 207 15.41 -33.82 3.10
C PRO E 207 15.43 -34.93 2.03
N PRO E 208 15.12 -34.57 0.78
CA PRO E 208 15.07 -35.57 -0.30
C PRO E 208 16.49 -36.04 -0.67
N ASP E 209 16.61 -37.33 -0.92
CA ASP E 209 17.91 -37.99 -1.09
C ASP E 209 18.00 -38.63 -2.46
N GLU E 210 19.16 -39.24 -2.74
CA GLU E 210 19.37 -40.06 -3.93
C GLU E 210 18.17 -40.98 -4.15
N ILE E 211 17.83 -41.74 -3.12
CA ILE E 211 16.84 -42.81 -3.22
C ILE E 211 15.39 -42.29 -3.28
N TYR E 212 15.13 -41.10 -2.76
CA TYR E 212 13.80 -40.48 -2.93
C TYR E 212 13.60 -40.06 -4.38
N VAL E 213 14.62 -39.43 -4.95
CA VAL E 213 14.55 -38.88 -6.30
C VAL E 213 14.30 -39.94 -7.38
N ARG E 214 15.07 -41.03 -7.38
CA ARG E 214 14.85 -42.07 -8.40
C ARG E 214 13.87 -43.15 -7.94
N THR E 215 13.28 -43.00 -6.76
CA THR E 215 12.06 -43.73 -6.40
C THR E 215 10.90 -43.07 -7.12
N VAL E 216 10.91 -41.74 -7.09
CA VAL E 216 9.85 -40.92 -7.68
C VAL E 216 9.90 -40.99 -9.20
N TYR E 217 11.09 -40.85 -9.79
CA TYR E 217 11.27 -41.05 -11.24
C TYR E 217 10.81 -42.45 -11.63
N ASN E 218 11.13 -43.44 -10.80
CA ASN E 218 10.68 -44.83 -11.01
C ASN E 218 9.18 -44.94 -11.18
N ILE E 219 8.44 -44.10 -10.47
CA ILE E 219 6.99 -44.14 -10.51
C ILE E 219 6.44 -43.49 -11.81
N PHE E 220 7.09 -42.43 -12.30
CA PHE E 220 6.67 -41.77 -13.56
C PHE E 220 7.60 -42.08 -14.75
N LYS F 4 -15.10 0.21 -6.09
CA LYS F 4 -14.28 0.21 -7.32
C LYS F 4 -12.85 -0.29 -7.06
N PRO F 5 -12.63 -1.61 -7.20
CA PRO F 5 -11.29 -2.23 -7.24
C PRO F 5 -10.43 -1.71 -8.39
N LYS F 6 -9.20 -1.32 -8.09
CA LYS F 6 -8.26 -0.87 -9.12
C LYS F 6 -7.27 -1.99 -9.46
N LEU F 7 -7.51 -2.68 -10.56
CA LEU F 7 -6.69 -3.82 -10.96
C LEU F 7 -5.43 -3.34 -11.67
N HIS F 8 -4.27 -3.65 -11.09
CA HIS F 8 -2.97 -3.31 -11.69
C HIS F 8 -2.39 -4.56 -12.34
N TYR F 9 -2.14 -4.48 -13.64
CA TYR F 9 -1.49 -5.56 -14.37
C TYR F 9 -1.13 -5.06 -15.77
N PHE F 10 -0.48 -5.91 -16.54
CA PHE F 10 -0.26 -5.66 -17.96
C PHE F 10 -1.58 -5.62 -18.72
N ASN F 11 -1.57 -4.99 -19.89
CA ASN F 11 -2.73 -5.00 -20.78
C ASN F 11 -2.80 -6.33 -21.52
N GLY F 12 -3.73 -7.19 -21.11
CA GLY F 12 -3.80 -8.58 -21.59
C GLY F 12 -4.14 -9.53 -20.47
N ARG F 13 -4.27 -10.82 -20.82
CA ARG F 13 -4.82 -11.84 -19.92
C ARG F 13 -3.89 -12.18 -18.75
N GLY F 14 -2.93 -13.07 -18.99
CA GLY F 14 -2.02 -13.53 -17.94
C GLY F 14 -2.72 -13.98 -16.67
N ARG F 15 -2.25 -13.45 -15.54
CA ARG F 15 -2.68 -13.88 -14.22
C ARG F 15 -3.80 -13.00 -13.70
N MET F 16 -4.11 -11.92 -14.42
CA MET F 16 -5.17 -11.02 -14.01
C MET F 16 -6.51 -11.41 -14.63
N GLU F 17 -6.50 -12.24 -15.66
CA GLU F 17 -7.72 -12.48 -16.42
C GLU F 17 -8.81 -13.05 -15.54
N SER F 18 -8.45 -14.07 -14.78
CA SER F 18 -9.41 -14.81 -13.97
C SER F 18 -10.10 -13.92 -12.96
N THR F 19 -9.40 -12.87 -12.51
CA THR F 19 -9.97 -11.89 -11.59
C THR F 19 -10.95 -10.99 -12.35
N ARG F 20 -10.54 -10.52 -13.52
CA ARG F 20 -11.45 -9.76 -14.39
C ARG F 20 -12.77 -10.50 -14.56
N TRP F 21 -12.71 -11.76 -15.00
CA TRP F 21 -13.90 -12.57 -15.10
C TRP F 21 -14.65 -12.61 -13.79
N LEU F 22 -13.93 -12.90 -12.71
CA LEU F 22 -14.61 -13.14 -11.46
C LEU F 22 -15.35 -11.90 -11.00
N LEU F 23 -14.70 -10.74 -11.11
CA LEU F 23 -15.32 -9.50 -10.67
C LEU F 23 -16.56 -9.22 -11.52
N ALA F 24 -16.40 -9.32 -12.83
CA ALA F 24 -17.50 -9.16 -13.77
C ALA F 24 -18.59 -10.20 -13.56
N ALA F 25 -18.27 -11.38 -13.06
CA ALA F 25 -19.34 -12.36 -12.78
C ALA F 25 -20.18 -11.95 -11.55
N ALA F 26 -19.57 -11.25 -10.58
CA ALA F 26 -20.30 -10.80 -9.39
C ALA F 26 -20.85 -9.38 -9.54
N GLY F 27 -21.02 -8.95 -10.80
CA GLY F 27 -21.53 -7.61 -11.08
C GLY F 27 -20.77 -6.52 -10.35
N VAL F 28 -19.44 -6.59 -10.41
CA VAL F 28 -18.58 -5.56 -9.84
C VAL F 28 -17.80 -4.92 -10.97
N GLU F 29 -18.07 -3.65 -11.25
CA GLU F 29 -17.32 -2.92 -12.27
C GLU F 29 -16.02 -2.50 -11.63
N PHE F 30 -14.97 -2.38 -12.44
CA PHE F 30 -13.64 -2.10 -11.90
C PHE F 30 -12.87 -1.19 -12.83
N GLU F 31 -11.99 -0.38 -12.25
CA GLU F 31 -10.98 0.39 -12.99
C GLU F 31 -9.78 -0.49 -13.25
N GLU F 32 -9.05 -0.20 -14.31
CA GLU F 32 -7.80 -0.88 -14.61
C GLU F 32 -6.70 0.16 -14.81
N LYS F 33 -5.52 -0.09 -14.24
CA LYS F 33 -4.35 0.75 -14.45
C LYS F 33 -3.23 -0.11 -15.00
N PHE F 34 -3.02 -0.02 -16.31
CA PHE F 34 -2.13 -0.94 -17.00
C PHE F 34 -0.68 -0.59 -16.75
N ILE F 35 0.10 -1.60 -16.38
CA ILE F 35 1.55 -1.48 -16.37
C ILE F 35 2.02 -1.49 -17.83
N LYS F 36 2.32 -0.31 -18.35
CA LYS F 36 2.71 -0.18 -19.75
C LYS F 36 4.21 -0.48 -19.96
N SER F 37 5.05 -0.13 -18.99
CA SER F 37 6.51 -0.23 -19.15
C SER F 37 7.26 -0.61 -17.86
N ALA F 38 8.56 -0.85 -18.02
CA ALA F 38 9.47 -1.15 -16.90
C ALA F 38 9.47 -0.09 -15.81
N GLU F 39 9.08 1.13 -16.18
CA GLU F 39 9.16 2.29 -15.28
C GLU F 39 7.92 2.39 -14.39
N ASP F 40 6.76 2.03 -14.94
CA ASP F 40 5.51 1.96 -14.19
C ASP F 40 5.65 0.94 -13.07
N LEU F 41 6.24 -0.21 -13.43
CA LEU F 41 6.49 -1.31 -12.49
C LEU F 41 7.34 -0.83 -11.32
N ASP F 42 8.45 -0.18 -11.65
CA ASP F 42 9.39 0.29 -10.65
C ASP F 42 8.77 1.18 -9.58
N LYS F 43 7.83 2.04 -9.99
CA LYS F 43 7.21 2.96 -9.03
C LYS F 43 6.17 2.27 -8.13
N LEU F 44 5.54 1.21 -8.63
CA LEU F 44 4.69 0.35 -7.78
C LEU F 44 5.55 -0.31 -6.70
N ARG F 45 6.72 -0.82 -7.10
CA ARG F 45 7.71 -1.33 -6.17
C ARG F 45 8.23 -0.22 -5.24
N ASN F 46 8.82 0.83 -5.83
CA ASN F 46 9.42 1.93 -5.05
C ASN F 46 8.48 2.46 -3.99
N ASP F 47 7.22 2.69 -4.37
CA ASP F 47 6.18 3.16 -3.42
C ASP F 47 5.73 2.06 -2.46
N GLY F 48 6.02 0.80 -2.80
CA GLY F 48 5.76 -0.33 -1.92
C GLY F 48 4.32 -0.80 -1.96
N TYR F 49 3.76 -0.91 -3.17
CA TYR F 49 2.40 -1.43 -3.35
C TYR F 49 2.37 -2.96 -3.55
N LEU F 50 3.55 -3.56 -3.69
CA LEU F 50 3.70 -4.97 -4.08
C LEU F 50 4.52 -5.71 -3.03
N MET F 51 3.85 -6.46 -2.15
CA MET F 51 4.50 -7.13 -0.99
C MET F 51 5.69 -8.00 -1.39
N PHE F 52 5.57 -8.71 -2.52
CA PHE F 52 6.64 -9.54 -3.03
C PHE F 52 7.23 -8.97 -4.33
N GLN F 53 7.04 -7.67 -4.55
CA GLN F 53 7.57 -6.98 -5.73
C GLN F 53 7.07 -7.61 -7.04
N GLN F 54 5.83 -8.12 -7.01
CA GLN F 54 5.18 -8.74 -8.17
C GLN F 54 3.76 -8.21 -8.38
N VAL F 55 3.28 -8.37 -9.62
CA VAL F 55 1.87 -8.21 -9.94
C VAL F 55 1.36 -9.56 -10.43
N PRO F 56 0.05 -9.80 -10.38
CA PRO F 56 -1.12 -8.95 -10.07
C PRO F 56 -1.12 -8.21 -8.74
N MET F 57 -1.55 -6.95 -8.77
CA MET F 57 -1.91 -6.24 -7.56
C MET F 57 -3.25 -5.55 -7.76
N VAL F 58 -4.07 -5.56 -6.72
CA VAL F 58 -5.41 -5.01 -6.76
C VAL F 58 -5.71 -4.23 -5.49
N GLU F 59 -6.02 -2.94 -5.65
CA GLU F 59 -6.48 -2.11 -4.57
C GLU F 59 -7.99 -2.28 -4.40
N ILE F 60 -8.38 -2.87 -3.27
CA ILE F 60 -9.77 -3.13 -2.96
C ILE F 60 -9.98 -3.06 -1.46
N ASP F 61 -11.13 -2.53 -1.06
CA ASP F 61 -11.60 -2.48 0.34
C ASP F 61 -10.54 -2.14 1.38
N GLY F 62 -9.73 -1.13 1.08
CA GLY F 62 -8.64 -0.69 1.94
C GLY F 62 -7.30 -1.34 1.63
N MET F 63 -7.34 -2.56 1.11
CA MET F 63 -6.15 -3.41 1.05
C MET F 63 -5.39 -3.16 -0.24
N LYS F 64 -4.23 -3.80 -0.35
CA LYS F 64 -3.43 -3.79 -1.57
C LYS F 64 -2.99 -5.22 -1.82
N LEU F 65 -3.94 -6.06 -2.22
CA LEU F 65 -3.73 -7.50 -2.33
C LEU F 65 -2.82 -7.89 -3.51
N VAL F 66 -1.83 -8.73 -3.23
CA VAL F 66 -1.00 -9.35 -4.27
C VAL F 66 -1.29 -10.86 -4.24
N GLN F 67 -0.65 -11.64 -5.12
CA GLN F 67 -0.90 -13.09 -5.28
C GLN F 67 -2.30 -13.39 -5.79
N THR F 68 -2.37 -14.01 -6.98
CA THR F 68 -3.63 -14.28 -7.66
C THR F 68 -4.64 -14.89 -6.71
N ARG F 69 -4.26 -15.98 -6.07
CA ARG F 69 -5.18 -16.74 -5.23
C ARG F 69 -5.69 -16.02 -3.99
N ALA F 70 -4.99 -15.00 -3.51
CA ALA F 70 -5.52 -14.24 -2.38
C ALA F 70 -6.58 -13.26 -2.87
N ILE F 71 -6.25 -12.53 -3.93
CA ILE F 71 -7.19 -11.62 -4.57
C ILE F 71 -8.48 -12.37 -4.86
N LEU F 72 -8.36 -13.45 -5.61
CA LEU F 72 -9.50 -14.26 -5.97
C LEU F 72 -10.26 -14.78 -4.75
N ASN F 73 -9.52 -15.22 -3.72
CA ASN F 73 -10.16 -15.79 -2.55
C ASN F 73 -11.02 -14.74 -1.83
N TYR F 74 -10.46 -13.54 -1.68
CA TYR F 74 -11.16 -12.43 -1.04
C TYR F 74 -12.46 -12.03 -1.78
N ILE F 75 -12.37 -11.83 -3.09
CA ILE F 75 -13.55 -11.46 -3.92
C ILE F 75 -14.60 -12.57 -3.90
N ALA F 76 -14.16 -13.81 -4.01
CA ALA F 76 -15.08 -14.96 -3.98
C ALA F 76 -15.89 -14.96 -2.68
N SER F 77 -15.21 -14.72 -1.56
CA SER F 77 -15.86 -14.75 -0.25
C SER F 77 -16.74 -13.52 -0.05
N LYS F 78 -16.22 -12.34 -0.41
CA LYS F 78 -16.97 -11.09 -0.32
C LYS F 78 -18.29 -11.11 -1.09
N TYR F 79 -18.36 -11.82 -2.21
CA TYR F 79 -19.58 -11.87 -3.01
C TYR F 79 -20.22 -13.26 -3.09
N ASN F 80 -20.11 -14.05 -2.02
CA ASN F 80 -20.90 -15.30 -1.85
C ASN F 80 -20.73 -16.39 -2.91
N LEU F 81 -19.60 -16.36 -3.59
CA LEU F 81 -19.27 -17.32 -4.63
C LEU F 81 -18.30 -18.40 -4.12
N TYR F 82 -18.01 -18.37 -2.82
CA TYR F 82 -17.14 -19.36 -2.19
C TYR F 82 -17.95 -20.44 -1.45
N GLY F 83 -19.17 -20.68 -1.92
CA GLY F 83 -20.06 -21.66 -1.28
C GLY F 83 -20.57 -21.15 0.06
N LYS F 84 -21.17 -22.05 0.84
CA LYS F 84 -21.77 -21.68 2.13
C LYS F 84 -21.07 -22.31 3.35
N ASP F 85 -20.38 -23.44 3.18
CA ASP F 85 -19.65 -24.07 4.30
C ASP F 85 -18.29 -24.65 3.93
N ILE F 86 -17.50 -24.94 4.95
CA ILE F 86 -16.17 -25.55 4.82
C ILE F 86 -16.13 -26.75 3.85
N LYS F 87 -17.12 -27.64 3.89
CA LYS F 87 -17.13 -28.80 2.99
C LYS F 87 -17.34 -28.40 1.52
N GLU F 88 -18.11 -27.34 1.30
CA GLU F 88 -18.30 -26.79 -0.04
C GLU F 88 -17.04 -26.04 -0.49
N ARG F 89 -16.47 -25.22 0.37
CA ARG F 89 -15.15 -24.60 0.09
C ARG F 89 -14.06 -25.62 -0.26
N ALA F 90 -14.19 -26.86 0.23
CA ALA F 90 -13.20 -27.88 -0.03
C ALA F 90 -13.26 -28.39 -1.46
N LEU F 91 -14.48 -28.74 -1.88
CA LEU F 91 -14.75 -29.18 -3.23
C LEU F 91 -14.44 -28.07 -4.24
N ILE F 92 -14.82 -26.82 -3.91
CA ILE F 92 -14.48 -25.67 -4.76
C ILE F 92 -12.96 -25.59 -4.93
N ASP F 93 -12.23 -25.50 -3.82
CA ASP F 93 -10.76 -25.42 -3.86
C ASP F 93 -10.17 -26.54 -4.69
N MET F 94 -10.60 -27.76 -4.43
CA MET F 94 -10.09 -28.87 -5.21
C MET F 94 -10.31 -28.63 -6.70
N TYR F 95 -11.50 -28.17 -7.06
CA TYR F 95 -11.84 -27.98 -8.48
C TYR F 95 -11.05 -26.83 -9.08
N ILE F 96 -10.99 -25.72 -8.38
CA ILE F 96 -10.31 -24.59 -8.94
C ILE F 96 -8.78 -24.73 -9.01
N GLU F 97 -8.19 -25.44 -8.05
CA GLU F 97 -6.75 -25.73 -8.14
C GLU F 97 -6.39 -26.61 -9.33
N GLY F 98 -7.31 -27.48 -9.76
CA GLY F 98 -7.09 -28.27 -10.97
C GLY F 98 -7.04 -27.38 -12.20
N ILE F 99 -8.06 -26.52 -12.32
CA ILE F 99 -8.14 -25.53 -13.41
C ILE F 99 -6.90 -24.67 -13.38
N ALA F 100 -6.56 -24.19 -12.19
CA ALA F 100 -5.41 -23.33 -11.97
C ALA F 100 -4.10 -23.95 -12.44
N ASP F 101 -3.96 -25.27 -12.28
CA ASP F 101 -2.80 -26.00 -12.81
C ASP F 101 -2.80 -25.92 -14.34
N LEU F 102 -3.95 -26.10 -14.95
CA LEU F 102 -4.05 -25.93 -16.40
C LEU F 102 -3.72 -24.48 -16.75
N GLY F 103 -4.41 -23.54 -16.12
CA GLY F 103 -4.18 -22.11 -16.36
C GLY F 103 -2.70 -21.78 -16.38
N GLU F 104 -1.98 -22.38 -15.44
CA GLU F 104 -0.55 -22.11 -15.27
C GLU F 104 0.27 -22.35 -16.54
N MET F 105 -0.02 -23.43 -17.25
CA MET F 105 0.72 -23.78 -18.47
C MET F 105 0.31 -22.84 -19.60
N ILE F 106 -1.00 -22.60 -19.70
CA ILE F 106 -1.55 -21.66 -20.67
C ILE F 106 -0.94 -20.28 -20.45
N ILE F 107 -0.87 -19.84 -19.20
CA ILE F 107 -0.24 -18.55 -18.85
C ILE F 107 1.21 -18.49 -19.36
N MET F 108 1.93 -19.60 -19.24
CA MET F 108 3.36 -19.66 -19.55
C MET F 108 3.67 -20.03 -21.00
N LEU F 109 2.69 -20.59 -21.71
CA LEU F 109 2.86 -20.98 -23.12
C LEU F 109 3.52 -19.88 -23.96
N PRO F 110 3.08 -18.62 -23.82
CA PRO F 110 3.66 -17.53 -24.61
C PRO F 110 5.09 -17.09 -24.25
N PHE F 111 5.71 -17.68 -23.24
CA PHE F 111 7.10 -17.32 -22.88
C PHE F 111 8.09 -18.48 -22.96
N CYS F 112 7.75 -19.52 -23.73
CA CYS F 112 8.72 -20.54 -24.12
C CYS F 112 9.50 -20.07 -25.36
N PRO F 113 10.74 -20.54 -25.51
CA PRO F 113 11.42 -20.31 -26.79
C PRO F 113 10.65 -20.98 -27.94
N PRO F 114 10.93 -20.60 -29.20
CA PRO F 114 10.06 -20.90 -30.34
C PRO F 114 9.56 -22.34 -30.44
N GLU F 115 10.48 -23.30 -30.54
CA GLU F 115 10.11 -24.68 -30.90
C GLU F 115 9.45 -25.46 -29.76
N GLU F 116 9.79 -25.12 -28.51
CA GLU F 116 9.12 -25.74 -27.37
C GLU F 116 7.60 -25.50 -27.37
N LYS F 117 7.16 -24.36 -27.87
CA LYS F 117 5.73 -24.01 -27.88
C LYS F 117 4.84 -25.11 -28.43
N ASP F 118 5.24 -25.67 -29.56
CA ASP F 118 4.41 -26.66 -30.27
C ASP F 118 4.17 -27.89 -29.41
N ALA F 119 5.20 -28.33 -28.70
CA ALA F 119 5.09 -29.48 -27.81
C ALA F 119 4.20 -29.15 -26.61
N LYS F 120 4.46 -28.02 -25.95
CA LYS F 120 3.66 -27.56 -24.80
C LYS F 120 2.16 -27.50 -25.10
N LEU F 121 1.82 -26.83 -26.19
CA LEU F 121 0.44 -26.73 -26.66
C LEU F 121 -0.20 -28.10 -26.80
N ALA F 122 0.46 -29.01 -27.52
CA ALA F 122 -0.06 -30.38 -27.70
C ALA F 122 -0.27 -31.13 -26.38
N LEU F 123 0.58 -30.82 -25.40
CA LEU F 123 0.45 -31.40 -24.05
C LEU F 123 -0.76 -30.80 -23.32
N ILE F 124 -0.90 -29.47 -23.38
CA ILE F 124 -2.07 -28.77 -22.84
C ILE F 124 -3.33 -29.44 -23.38
N LYS F 125 -3.39 -29.57 -24.71
CA LYS F 125 -4.54 -30.19 -25.37
C LYS F 125 -4.77 -31.62 -24.86
N GLU F 126 -3.68 -32.36 -24.76
CA GLU F 126 -3.74 -33.73 -24.27
C GLU F 126 -4.27 -33.79 -22.81
N LYS F 127 -3.79 -32.91 -21.94
CA LYS F 127 -4.29 -32.91 -20.56
C LYS F 127 -5.76 -32.49 -20.49
N ILE F 128 -6.14 -31.46 -21.25
CA ILE F 128 -7.53 -31.03 -21.37
C ILE F 128 -8.39 -32.24 -21.75
N LYS F 129 -8.05 -32.84 -22.89
CA LYS F 129 -8.76 -34.02 -23.39
C LYS F 129 -8.86 -35.11 -22.34
N ASN F 130 -7.75 -35.37 -21.65
CA ASN F 130 -7.59 -36.64 -20.98
C ASN F 130 -7.53 -36.60 -19.47
N ARG F 131 -7.33 -35.42 -18.89
CA ARG F 131 -7.26 -35.31 -17.45
C ARG F 131 -8.37 -34.41 -16.90
N TYR F 132 -8.40 -33.15 -17.35
CA TYR F 132 -9.22 -32.14 -16.68
C TYR F 132 -10.70 -32.14 -17.10
N PHE F 133 -10.98 -32.09 -18.40
CA PHE F 133 -12.37 -32.12 -18.88
C PHE F 133 -13.12 -33.40 -18.47
N PRO F 134 -12.44 -34.57 -18.49
CA PRO F 134 -13.12 -35.76 -17.97
C PRO F 134 -13.43 -35.61 -16.50
N ALA F 135 -12.45 -35.11 -15.75
CA ALA F 135 -12.63 -34.89 -14.33
C ALA F 135 -13.85 -34.01 -14.07
N PHE F 136 -14.00 -32.93 -14.83
CA PHE F 136 -15.18 -32.08 -14.61
C PHE F 136 -16.49 -32.65 -15.17
N GLU F 137 -16.43 -33.28 -16.33
CA GLU F 137 -17.59 -33.98 -16.86
C GLU F 137 -18.10 -34.97 -15.81
N LYS F 138 -17.19 -35.63 -15.11
CA LYS F 138 -17.56 -36.65 -14.12
C LYS F 138 -18.27 -36.04 -12.91
N VAL F 139 -17.72 -34.94 -12.43
CA VAL F 139 -18.32 -34.24 -11.28
C VAL F 139 -19.75 -33.89 -11.57
N LEU F 140 -19.96 -33.28 -12.73
CA LEU F 140 -21.30 -32.88 -13.15
C LEU F 140 -22.22 -34.08 -13.33
N LYS F 141 -21.72 -35.17 -13.92
CA LYS F 141 -22.59 -36.32 -14.13
C LYS F 141 -22.90 -37.05 -12.83
N SER F 142 -22.10 -36.83 -11.79
CA SER F 142 -22.22 -37.58 -10.54
C SER F 142 -23.42 -37.09 -9.77
N HIS F 143 -23.44 -35.78 -9.49
CA HIS F 143 -24.54 -35.19 -8.77
C HIS F 143 -25.72 -34.85 -9.68
N GLY F 144 -25.45 -34.63 -10.97
CA GLY F 144 -26.49 -34.39 -11.98
C GLY F 144 -27.15 -33.02 -11.93
N GLN F 145 -26.54 -32.09 -11.22
CA GLN F 145 -27.11 -30.76 -11.02
C GLN F 145 -26.52 -29.70 -11.96
N ASP F 146 -26.95 -28.46 -11.78
CA ASP F 146 -26.64 -27.37 -12.71
C ASP F 146 -25.33 -26.63 -12.50
N TYR F 147 -24.72 -26.77 -11.32
CA TYR F 147 -23.47 -26.07 -11.03
C TYR F 147 -22.43 -27.06 -10.52
N LEU F 148 -21.19 -26.61 -10.40
CA LEU F 148 -20.15 -27.52 -9.95
C LEU F 148 -20.44 -27.98 -8.53
N VAL F 149 -20.75 -27.02 -7.66
CA VAL F 149 -20.85 -27.26 -6.22
C VAL F 149 -22.10 -26.65 -5.60
N GLY F 150 -22.86 -27.47 -4.88
CA GLY F 150 -23.96 -27.03 -4.03
C GLY F 150 -25.19 -26.56 -4.79
N ASN F 151 -25.41 -27.14 -5.96
CA ASN F 151 -26.43 -26.67 -6.92
C ASN F 151 -26.67 -25.17 -6.90
N LYS F 152 -25.60 -24.38 -6.92
CA LYS F 152 -25.70 -22.96 -7.25
C LYS F 152 -24.36 -22.27 -7.50
N LEU F 153 -24.45 -21.09 -8.09
CA LEU F 153 -23.32 -20.39 -8.67
C LEU F 153 -22.13 -20.21 -7.72
N SER F 154 -21.00 -20.80 -8.09
CA SER F 154 -19.77 -20.55 -7.37
C SER F 154 -18.74 -20.03 -8.34
N ARG F 155 -17.67 -19.47 -7.78
CA ARG F 155 -16.44 -19.19 -8.53
C ARG F 155 -15.96 -20.41 -9.30
N ALA F 156 -16.26 -21.61 -8.84
CA ALA F 156 -15.83 -22.81 -9.56
C ALA F 156 -16.43 -22.81 -10.95
N ASP F 157 -17.67 -22.35 -11.06
CA ASP F 157 -18.40 -22.28 -12.31
C ASP F 157 -17.79 -21.18 -13.20
N ILE F 158 -17.65 -19.99 -12.60
CA ILE F 158 -16.96 -18.89 -13.24
C ILE F 158 -15.63 -19.37 -13.76
N HIS F 159 -14.72 -19.75 -12.85
CA HIS F 159 -13.37 -20.12 -13.24
C HIS F 159 -13.36 -21.18 -14.30
N LEU F 160 -14.22 -22.17 -14.18
CA LEU F 160 -14.25 -23.27 -15.16
C LEU F 160 -14.74 -22.80 -16.54
N VAL F 161 -15.76 -21.96 -16.59
CA VAL F 161 -16.31 -21.56 -17.89
C VAL F 161 -15.33 -20.64 -18.61
N GLU F 162 -14.64 -19.78 -17.85
CA GLU F 162 -13.47 -19.07 -18.40
C GLU F 162 -12.54 -20.04 -19.13
N LEU F 163 -12.28 -21.17 -18.48
CA LEU F 163 -11.38 -22.18 -19.04
C LEU F 163 -11.97 -22.75 -20.34
N LEU F 164 -13.30 -22.94 -20.37
CA LEU F 164 -13.96 -23.47 -21.58
C LEU F 164 -13.86 -22.48 -22.75
N TYR F 165 -14.07 -21.19 -22.51
CA TYR F 165 -13.84 -20.20 -23.59
C TYR F 165 -12.40 -20.16 -24.11
N TYR F 166 -11.42 -20.24 -23.19
CA TYR F 166 -10.01 -20.33 -23.60
C TYR F 166 -9.78 -21.52 -24.55
N VAL F 167 -10.38 -22.67 -24.23
CA VAL F 167 -10.20 -23.90 -25.00
C VAL F 167 -10.97 -23.89 -26.34
N GLU F 168 -12.01 -23.07 -26.41
CA GLU F 168 -12.74 -22.88 -27.66
C GLU F 168 -11.90 -22.06 -28.62
N GLU F 169 -11.19 -21.08 -28.09
CA GLU F 169 -10.25 -20.29 -28.89
C GLU F 169 -9.17 -21.20 -29.49
N LEU F 170 -8.69 -22.12 -28.67
CA LEU F 170 -7.58 -22.99 -29.00
C LEU F 170 -7.99 -24.01 -30.06
N ASP F 171 -9.10 -24.69 -29.77
CA ASP F 171 -9.56 -25.81 -30.57
C ASP F 171 -10.95 -26.17 -30.04
N SER F 172 -11.99 -25.82 -30.80
CA SER F 172 -13.36 -25.93 -30.34
C SER F 172 -13.92 -27.35 -30.34
N SER F 173 -13.20 -28.29 -30.95
CA SER F 173 -13.63 -29.69 -30.96
C SER F 173 -13.31 -30.40 -29.63
N LEU F 174 -12.42 -29.80 -28.85
CA LEU F 174 -12.04 -30.38 -27.56
C LEU F 174 -13.24 -30.67 -26.68
N ILE F 175 -14.13 -29.69 -26.54
CA ILE F 175 -15.30 -29.81 -25.65
C ILE F 175 -16.40 -30.74 -26.19
N SER F 176 -16.20 -31.33 -27.36
CA SER F 176 -17.31 -31.96 -28.12
C SER F 176 -17.74 -33.32 -27.58
N SER F 177 -16.82 -34.01 -26.91
CA SER F 177 -17.19 -35.24 -26.20
C SER F 177 -17.76 -34.96 -24.81
N PHE F 178 -17.82 -33.69 -24.42
CA PHE F 178 -18.20 -33.30 -23.05
C PHE F 178 -19.48 -32.46 -23.05
N PRO F 179 -20.64 -33.15 -23.17
CA PRO F 179 -21.95 -32.49 -23.24
C PRO F 179 -22.30 -31.64 -22.01
N LEU F 180 -22.10 -32.18 -20.82
CA LEU F 180 -22.49 -31.50 -19.60
C LEU F 180 -21.68 -30.22 -19.43
N LEU F 181 -20.46 -30.22 -19.98
CA LEU F 181 -19.57 -29.06 -19.99
C LEU F 181 -20.10 -27.96 -20.94
N LYS F 182 -20.51 -28.34 -22.14
CA LYS F 182 -21.20 -27.40 -23.05
C LYS F 182 -22.44 -26.85 -22.37
N ALA F 183 -23.23 -27.72 -21.76
CA ALA F 183 -24.43 -27.27 -21.03
C ALA F 183 -24.08 -26.20 -20.00
N LEU F 184 -23.02 -26.45 -19.22
CA LEU F 184 -22.62 -25.53 -18.14
C LEU F 184 -22.19 -24.20 -18.73
N LYS F 185 -21.51 -24.28 -19.87
CA LYS F 185 -21.00 -23.10 -20.57
C LYS F 185 -22.11 -22.14 -20.99
N THR F 186 -23.27 -22.66 -21.41
CA THR F 186 -24.39 -21.79 -21.83
C THR F 186 -25.01 -21.10 -20.62
N ARG F 187 -25.33 -21.92 -19.62
CA ARG F 187 -25.99 -21.45 -18.42
C ARG F 187 -25.26 -20.28 -17.80
N ILE F 188 -23.96 -20.42 -17.62
CA ILE F 188 -23.18 -19.35 -17.01
C ILE F 188 -23.07 -18.16 -17.96
N SER F 189 -22.78 -18.44 -19.22
CA SER F 189 -22.73 -17.41 -20.26
C SER F 189 -24.02 -16.61 -20.35
N ASN F 190 -25.17 -17.24 -20.06
CA ASN F 190 -26.49 -16.55 -20.12
C ASN F 190 -26.80 -15.65 -18.96
N LEU F 191 -26.01 -15.71 -17.90
CA LEU F 191 -26.26 -14.86 -16.76
C LEU F 191 -26.01 -13.43 -17.22
N PRO F 192 -26.94 -12.51 -16.91
CA PRO F 192 -26.75 -11.11 -17.31
C PRO F 192 -25.32 -10.58 -17.16
N THR F 193 -24.71 -10.81 -16.01
CA THR F 193 -23.43 -10.16 -15.71
C THR F 193 -22.30 -10.73 -16.56
N VAL F 194 -22.35 -12.04 -16.77
CA VAL F 194 -21.36 -12.70 -17.61
C VAL F 194 -21.65 -12.35 -19.08
N LYS F 195 -22.93 -12.41 -19.46
CA LYS F 195 -23.35 -12.05 -20.80
C LYS F 195 -22.77 -10.72 -21.21
N LYS F 196 -22.90 -9.73 -20.34
CA LYS F 196 -22.33 -8.41 -20.58
C LYS F 196 -20.81 -8.41 -20.73
N PHE F 197 -20.13 -9.20 -19.88
CA PHE F 197 -18.68 -9.34 -19.93
C PHE F 197 -18.23 -10.05 -21.21
N LEU F 198 -19.08 -10.95 -21.72
CA LEU F 198 -18.77 -11.71 -22.93
C LEU F 198 -18.98 -10.93 -24.24
N GLN F 199 -19.49 -9.72 -24.13
CA GLN F 199 -19.77 -8.91 -25.31
C GLN F 199 -18.56 -8.10 -25.73
N PRO F 200 -18.35 -7.93 -27.04
CA PRO F 200 -17.21 -7.13 -27.50
C PRO F 200 -17.22 -5.76 -26.86
N GLY F 201 -16.04 -5.19 -26.65
CA GLY F 201 -15.94 -3.92 -25.93
C GLY F 201 -15.63 -4.06 -24.46
N SER F 202 -16.11 -5.14 -23.84
CA SER F 202 -15.90 -5.45 -22.41
C SER F 202 -14.42 -5.49 -22.07
N PRO F 203 -14.08 -5.32 -20.78
CA PRO F 203 -12.65 -5.30 -20.44
C PRO F 203 -11.98 -6.69 -20.50
N ARG F 204 -12.77 -7.73 -20.84
CA ARG F 204 -12.21 -9.03 -21.16
C ARG F 204 -11.08 -8.82 -22.15
N LYS F 205 -10.00 -9.56 -22.00
CA LYS F 205 -8.84 -9.39 -22.86
C LYS F 205 -8.74 -10.53 -23.89
N PRO F 206 -8.09 -10.25 -25.02
CA PRO F 206 -7.84 -11.28 -26.04
C PRO F 206 -6.68 -12.19 -25.63
N PRO F 207 -6.56 -13.37 -26.27
CA PRO F 207 -5.36 -14.19 -26.06
C PRO F 207 -4.06 -13.40 -26.35
N PRO F 208 -2.94 -13.82 -25.75
CA PRO F 208 -1.70 -13.06 -25.92
C PRO F 208 -1.11 -13.12 -27.34
N ASP F 209 -0.63 -11.98 -27.81
CA ASP F 209 -0.02 -11.84 -29.14
C ASP F 209 1.44 -11.35 -29.00
N GLU F 210 2.10 -11.17 -30.15
CA GLU F 210 3.51 -10.75 -30.18
C GLU F 210 3.74 -9.49 -29.34
N ILE F 211 2.89 -8.48 -29.55
CA ILE F 211 3.03 -7.21 -28.84
C ILE F 211 2.83 -7.39 -27.34
N TYR F 212 1.93 -8.27 -26.93
CA TYR F 212 1.83 -8.59 -25.51
C TYR F 212 3.11 -9.28 -25.03
N VAL F 213 3.49 -10.38 -25.69
CA VAL F 213 4.68 -11.15 -25.31
C VAL F 213 5.91 -10.22 -25.21
N ARG F 214 6.09 -9.38 -26.22
CA ARG F 214 7.24 -8.46 -26.27
C ARG F 214 7.18 -7.31 -25.26
N THR F 215 6.01 -6.73 -25.00
CA THR F 215 5.93 -5.66 -23.99
C THR F 215 6.41 -6.15 -22.62
N VAL F 216 5.93 -7.32 -22.20
CA VAL F 216 6.25 -7.87 -20.87
C VAL F 216 7.73 -8.25 -20.74
N TYR F 217 8.38 -8.66 -21.83
CA TYR F 217 9.85 -8.86 -21.84
C TYR F 217 10.63 -7.62 -21.41
N ASN F 218 10.17 -6.45 -21.85
CA ASN F 218 10.89 -5.20 -21.59
C ASN F 218 10.52 -4.51 -20.26
N ILE F 219 9.55 -5.06 -19.53
CA ILE F 219 9.20 -4.54 -18.21
C ILE F 219 10.01 -5.25 -17.13
N ALA G 2 -17.77 -77.84 15.35
CA ALA G 2 -18.18 -78.17 16.75
C ALA G 2 -16.96 -78.38 17.67
N GLU G 3 -16.38 -77.27 18.14
CA GLU G 3 -15.41 -77.26 19.26
C GLU G 3 -16.12 -76.62 20.47
N LYS G 4 -15.37 -76.30 21.52
CA LYS G 4 -15.92 -75.50 22.60
C LYS G 4 -16.14 -74.09 22.08
N PRO G 5 -17.30 -73.49 22.41
CA PRO G 5 -17.45 -72.09 22.10
C PRO G 5 -16.44 -71.27 22.88
N LYS G 6 -15.93 -70.23 22.24
CA LYS G 6 -14.94 -69.34 22.82
C LYS G 6 -15.53 -67.92 22.86
N LEU G 7 -15.77 -67.42 24.07
CA LEU G 7 -16.41 -66.12 24.25
C LEU G 7 -15.37 -65.03 24.35
N HIS G 8 -15.31 -64.17 23.34
CA HIS G 8 -14.39 -63.04 23.33
C HIS G 8 -15.06 -61.83 23.94
N TYR G 9 -14.47 -61.30 24.99
CA TYR G 9 -15.02 -60.15 25.67
C TYR G 9 -14.10 -59.68 26.77
N PHE G 10 -14.40 -58.51 27.31
CA PHE G 10 -13.76 -58.05 28.53
C PHE G 10 -13.94 -59.08 29.67
N ASN G 11 -13.13 -58.95 30.72
CA ASN G 11 -13.27 -59.80 31.90
C ASN G 11 -14.30 -59.17 32.85
N GLY G 12 -15.57 -59.33 32.51
CA GLY G 12 -16.67 -58.78 33.29
C GLY G 12 -17.98 -59.08 32.63
N ARG G 13 -19.05 -58.48 33.16
CA ARG G 13 -20.41 -58.82 32.75
C ARG G 13 -20.71 -58.25 31.39
N GLY G 14 -20.97 -56.94 31.38
CA GLY G 14 -21.46 -56.23 30.22
C GLY G 14 -22.40 -57.02 29.34
N ARG G 15 -22.11 -57.04 28.05
CA ARG G 15 -23.01 -57.60 27.04
C ARG G 15 -22.82 -59.09 26.86
N MET G 16 -21.83 -59.69 27.51
CA MET G 16 -21.55 -61.11 27.35
C MET G 16 -22.22 -62.00 28.39
N GLU G 17 -22.65 -61.43 29.51
CA GLU G 17 -23.07 -62.23 30.65
C GLU G 17 -24.29 -63.07 30.36
N SER G 18 -25.18 -62.56 29.50
CA SER G 18 -26.41 -63.27 29.22
C SER G 18 -26.11 -64.55 28.43
N THR G 19 -25.10 -64.52 27.58
CA THR G 19 -24.65 -65.74 26.84
C THR G 19 -24.00 -66.72 27.82
N ARG G 20 -23.14 -66.18 28.70
CA ARG G 20 -22.57 -67.01 29.75
C ARG G 20 -23.66 -67.78 30.51
N TRP G 21 -24.75 -67.10 30.88
CA TRP G 21 -25.86 -67.76 31.59
C TRP G 21 -26.59 -68.79 30.75
N LEU G 22 -26.83 -68.45 29.50
CA LEU G 22 -27.60 -69.34 28.63
C LEU G 22 -26.74 -70.55 28.21
N LEU G 23 -25.48 -70.35 27.87
CA LEU G 23 -24.60 -71.51 27.61
C LEU G 23 -24.56 -72.40 28.86
N ALA G 24 -24.31 -71.76 30.01
CA ALA G 24 -24.33 -72.46 31.29
C ALA G 24 -25.63 -73.27 31.41
N ALA G 25 -26.77 -72.60 31.30
CA ALA G 25 -28.07 -73.26 31.54
C ALA G 25 -28.35 -74.44 30.59
N ALA G 26 -27.83 -74.37 29.38
CA ALA G 26 -28.04 -75.42 28.38
C ALA G 26 -27.03 -76.57 28.55
N GLY G 27 -26.07 -76.39 29.44
CA GLY G 27 -25.15 -77.44 29.80
C GLY G 27 -23.88 -77.40 28.98
N VAL G 28 -23.79 -76.43 28.06
CA VAL G 28 -22.66 -76.34 27.17
C VAL G 28 -21.46 -75.79 27.92
N GLU G 29 -20.30 -76.42 27.73
CA GLU G 29 -19.06 -75.91 28.29
C GLU G 29 -18.43 -75.01 27.27
N PHE G 30 -17.75 -73.97 27.74
CA PHE G 30 -17.14 -73.01 26.85
C PHE G 30 -15.86 -72.37 27.41
N GLU G 31 -15.04 -71.83 26.52
CA GLU G 31 -13.86 -71.05 26.86
C GLU G 31 -14.16 -69.57 26.79
N GLU G 32 -13.35 -68.79 27.48
CA GLU G 32 -13.33 -67.34 27.33
C GLU G 32 -11.91 -66.87 27.06
N LYS G 33 -11.78 -65.86 26.21
CA LYS G 33 -10.52 -65.23 25.91
C LYS G 33 -10.70 -63.75 26.16
N PHE G 34 -10.11 -63.25 27.23
CA PHE G 34 -10.42 -61.89 27.65
C PHE G 34 -9.67 -60.84 26.83
N ILE G 35 -10.42 -59.82 26.41
CA ILE G 35 -9.87 -58.63 25.81
C ILE G 35 -9.38 -57.75 26.95
N LYS G 36 -8.09 -57.43 26.96
CA LYS G 36 -7.47 -56.71 28.08
C LYS G 36 -6.83 -55.38 27.71
N SER G 37 -6.65 -55.12 26.41
CA SER G 37 -5.95 -53.93 25.94
C SER G 37 -6.45 -53.47 24.58
N ALA G 38 -6.08 -52.25 24.22
CA ALA G 38 -6.27 -51.77 22.87
C ALA G 38 -5.75 -52.80 21.88
N GLU G 39 -4.56 -53.33 22.17
CA GLU G 39 -3.89 -54.26 21.26
C GLU G 39 -4.66 -55.55 21.07
N ASP G 40 -5.29 -56.06 22.14
CA ASP G 40 -6.10 -57.27 22.05
C ASP G 40 -7.28 -57.03 21.11
N LEU G 41 -7.95 -55.90 21.30
CA LEU G 41 -9.08 -55.46 20.47
C LEU G 41 -8.66 -55.21 19.02
N ASP G 42 -7.54 -54.51 18.85
CA ASP G 42 -7.01 -54.23 17.52
C ASP G 42 -6.71 -55.51 16.75
N LYS G 43 -6.11 -56.47 17.42
CA LYS G 43 -5.83 -57.77 16.84
C LYS G 43 -7.13 -58.37 16.27
N LEU G 44 -8.19 -58.38 17.09
CA LEU G 44 -9.46 -58.97 16.67
C LEU G 44 -10.05 -58.23 15.47
N ARG G 45 -10.02 -56.89 15.51
CA ARG G 45 -10.44 -56.08 14.37
C ARG G 45 -9.63 -56.38 13.12
N ASN G 46 -8.31 -56.32 13.23
CA ASN G 46 -7.41 -56.48 12.07
C ASN G 46 -7.45 -57.88 11.51
N ASP G 47 -7.77 -58.88 12.34
CA ASP G 47 -7.96 -60.25 11.87
C ASP G 47 -9.37 -60.54 11.28
N GLY G 48 -10.21 -59.50 11.20
CA GLY G 48 -11.53 -59.59 10.57
C GLY G 48 -12.50 -60.49 11.32
N TYR G 49 -12.38 -60.50 12.65
CA TYR G 49 -13.21 -61.35 13.50
C TYR G 49 -14.50 -60.61 13.93
N LEU G 50 -14.47 -59.28 13.83
CA LEU G 50 -15.55 -58.43 14.33
C LEU G 50 -16.16 -57.58 13.20
N MET G 51 -17.20 -58.15 12.58
CA MET G 51 -17.91 -57.52 11.48
C MET G 51 -18.26 -56.05 11.65
N PHE G 52 -18.63 -55.62 12.85
CA PHE G 52 -18.95 -54.21 13.04
C PHE G 52 -17.91 -53.56 13.92
N GLN G 53 -16.78 -54.25 14.09
CA GLN G 53 -15.64 -53.76 14.85
C GLN G 53 -15.94 -53.69 16.35
N GLN G 54 -16.94 -54.47 16.77
CA GLN G 54 -17.41 -54.48 18.15
C GLN G 54 -17.36 -55.87 18.76
N VAL G 55 -17.37 -55.87 20.09
CA VAL G 55 -17.55 -57.08 20.89
C VAL G 55 -18.88 -56.91 21.66
N PRO G 56 -19.47 -58.00 22.16
CA PRO G 56 -19.02 -59.39 22.19
C PRO G 56 -18.86 -60.02 20.83
N MET G 57 -18.07 -61.08 20.78
CA MET G 57 -18.01 -61.97 19.64
C MET G 57 -17.82 -63.34 20.23
N VAL G 58 -18.44 -64.34 19.61
CA VAL G 58 -18.38 -65.70 20.09
C VAL G 58 -18.10 -66.66 18.95
N GLU G 59 -16.95 -67.34 18.98
CA GLU G 59 -16.63 -68.35 17.98
C GLU G 59 -17.39 -69.59 18.34
N ILE G 60 -18.26 -70.04 17.46
CA ILE G 60 -19.08 -71.20 17.75
C ILE G 60 -19.40 -71.89 16.44
N ASP G 61 -19.29 -73.21 16.45
CA ASP G 61 -19.66 -74.07 15.32
C ASP G 61 -19.23 -73.57 13.94
N GLY G 62 -18.00 -73.07 13.86
CA GLY G 62 -17.41 -72.62 12.58
C GLY G 62 -17.58 -71.13 12.29
N MET G 63 -18.49 -70.47 13.01
CA MET G 63 -18.77 -69.05 12.81
C MET G 63 -18.13 -68.21 13.88
N LYS G 64 -17.96 -66.93 13.56
CA LYS G 64 -17.65 -65.92 14.57
C LYS G 64 -18.83 -64.95 14.66
N LEU G 65 -19.76 -65.22 15.57
CA LEU G 65 -20.96 -64.42 15.74
C LEU G 65 -20.73 -63.17 16.55
N VAL G 66 -20.91 -62.00 15.91
CA VAL G 66 -21.14 -60.73 16.62
C VAL G 66 -22.63 -60.43 16.77
N GLN G 67 -22.95 -59.44 17.59
CA GLN G 67 -24.32 -59.11 18.00
C GLN G 67 -24.88 -60.08 19.03
N THR G 68 -25.01 -59.58 20.27
CA THR G 68 -25.63 -60.31 21.39
C THR G 68 -26.85 -61.11 20.99
N ARG G 69 -27.77 -60.48 20.27
CA ARG G 69 -28.98 -61.17 19.89
C ARG G 69 -28.70 -62.27 18.90
N ALA G 70 -27.74 -62.08 18.00
CA ALA G 70 -27.43 -63.14 17.02
C ALA G 70 -26.94 -64.35 17.79
N ILE G 71 -25.95 -64.11 18.65
CA ILE G 71 -25.39 -65.12 19.57
C ILE G 71 -26.48 -65.85 20.37
N LEU G 72 -27.25 -65.10 21.15
CA LEU G 72 -28.26 -65.71 22.00
C LEU G 72 -29.30 -66.50 21.19
N ASN G 73 -29.71 -65.93 20.03
CA ASN G 73 -30.71 -66.60 19.16
C ASN G 73 -30.18 -67.93 18.63
N TYR G 74 -28.93 -67.95 18.19
CA TYR G 74 -28.32 -69.18 17.71
C TYR G 74 -28.23 -70.28 18.80
N ILE G 75 -27.86 -69.86 20.01
CA ILE G 75 -27.66 -70.76 21.15
C ILE G 75 -28.99 -71.26 21.69
N ALA G 76 -29.94 -70.34 21.81
CA ALA G 76 -31.32 -70.67 22.19
C ALA G 76 -31.93 -71.71 21.25
N SER G 77 -31.74 -71.51 19.95
CA SER G 77 -32.38 -72.32 18.93
C SER G 77 -31.81 -73.74 18.90
N LYS G 78 -30.48 -73.81 18.91
CA LYS G 78 -29.70 -75.05 18.87
C LYS G 78 -30.02 -76.00 19.99
N TYR G 79 -30.08 -75.46 21.20
CA TYR G 79 -30.28 -76.25 22.42
C TYR G 79 -31.70 -76.17 22.92
N ASN G 80 -32.64 -75.95 22.00
CA ASN G 80 -34.06 -75.99 22.28
C ASN G 80 -34.56 -75.15 23.45
N LEU G 81 -33.99 -73.99 23.66
CA LEU G 81 -34.57 -73.03 24.60
C LEU G 81 -35.24 -71.84 23.86
N TYR G 82 -35.83 -72.12 22.69
CA TYR G 82 -36.49 -71.08 21.90
C TYR G 82 -37.94 -71.45 21.59
N GLY G 83 -38.59 -72.17 22.50
CA GLY G 83 -39.95 -72.64 22.27
C GLY G 83 -40.01 -73.70 21.18
N LYS G 84 -41.23 -74.14 20.87
CA LYS G 84 -41.45 -75.25 19.94
C LYS G 84 -42.03 -74.81 18.58
N ASP G 85 -42.82 -73.75 18.57
CA ASP G 85 -43.48 -73.25 17.37
C ASP G 85 -43.28 -71.72 17.22
N ILE G 86 -43.76 -71.18 16.10
CA ILE G 86 -43.58 -69.77 15.73
C ILE G 86 -44.26 -68.81 16.73
N LYS G 87 -45.35 -69.26 17.33
CA LYS G 87 -46.08 -68.41 18.28
C LYS G 87 -45.39 -68.32 19.65
N GLU G 88 -44.66 -69.35 20.04
CA GLU G 88 -43.92 -69.31 21.31
C GLU G 88 -42.76 -68.33 21.17
N ARG G 89 -42.05 -68.43 20.04
CA ARG G 89 -40.98 -67.49 19.70
C ARG G 89 -41.43 -66.03 19.84
N ALA G 90 -42.65 -65.74 19.44
CA ALA G 90 -43.18 -64.39 19.49
C ALA G 90 -43.41 -63.93 20.93
N LEU G 91 -43.90 -64.83 21.76
CA LEU G 91 -44.04 -64.54 23.19
C LEU G 91 -42.64 -64.43 23.79
N ILE G 92 -41.78 -65.38 23.47
CA ILE G 92 -40.42 -65.38 24.03
C ILE G 92 -39.73 -64.09 23.62
N ASP G 93 -39.76 -63.80 22.32
CA ASP G 93 -39.12 -62.59 21.79
C ASP G 93 -39.70 -61.35 22.45
N MET G 94 -41.01 -61.30 22.59
CA MET G 94 -41.62 -60.14 23.24
C MET G 94 -41.13 -59.96 24.68
N TYR G 95 -41.18 -61.02 25.47
CA TYR G 95 -40.74 -60.98 26.87
C TYR G 95 -39.27 -60.63 26.99
N ILE G 96 -38.43 -61.32 26.22
CA ILE G 96 -36.98 -61.13 26.38
C ILE G 96 -36.49 -59.80 25.90
N GLU G 97 -37.19 -59.18 24.97
CA GLU G 97 -36.80 -57.83 24.55
C GLU G 97 -37.15 -56.82 25.62
N GLY G 98 -38.16 -57.05 26.43
CA GLY G 98 -38.38 -56.18 27.57
C GLY G 98 -37.23 -56.27 28.58
N ILE G 99 -36.76 -57.48 28.83
CA ILE G 99 -35.60 -57.71 29.73
C ILE G 99 -34.39 -56.99 29.18
N ALA G 100 -34.09 -57.23 27.91
CA ALA G 100 -33.02 -56.54 27.20
C ALA G 100 -33.10 -55.02 27.25
N ASP G 101 -34.29 -54.43 27.23
CA ASP G 101 -34.41 -52.98 27.39
C ASP G 101 -33.96 -52.57 28.79
N LEU G 102 -34.41 -53.31 29.78
CA LEU G 102 -34.02 -53.03 31.15
C LEU G 102 -32.52 -53.35 31.27
N GLY G 103 -32.15 -54.57 30.90
CA GLY G 103 -30.76 -55.03 30.90
C GLY G 103 -29.81 -54.03 30.29
N GLU G 104 -30.22 -53.42 29.17
CA GLU G 104 -29.44 -52.41 28.49
C GLU G 104 -29.15 -51.20 29.36
N MET G 105 -30.09 -50.83 30.22
CA MET G 105 -29.90 -49.65 31.07
C MET G 105 -28.88 -50.00 32.15
N ILE G 106 -28.94 -51.23 32.65
CA ILE G 106 -28.04 -51.71 33.70
C ILE G 106 -26.61 -51.88 33.20
N ILE G 107 -26.46 -52.34 31.95
CA ILE G 107 -25.14 -52.50 31.33
C ILE G 107 -24.43 -51.15 31.15
N MET G 108 -25.19 -50.13 30.76
CA MET G 108 -24.62 -48.79 30.50
C MET G 108 -24.40 -47.94 31.75
N LEU G 109 -25.10 -48.29 32.84
CA LEU G 109 -25.08 -47.52 34.11
C LEU G 109 -23.68 -47.13 34.62
N PRO G 110 -22.74 -48.09 34.67
CA PRO G 110 -21.39 -47.77 35.17
C PRO G 110 -20.64 -46.73 34.36
N PHE G 111 -20.91 -46.67 33.07
CA PHE G 111 -20.21 -45.73 32.20
C PHE G 111 -20.86 -44.37 32.17
N CYS G 112 -21.83 -44.15 33.05
CA CYS G 112 -22.40 -42.83 33.21
C CYS G 112 -21.46 -41.96 34.01
N PRO G 113 -21.53 -40.64 33.77
CA PRO G 113 -20.83 -39.71 34.64
C PRO G 113 -21.33 -39.84 36.08
N PRO G 114 -20.43 -40.15 37.03
CA PRO G 114 -20.77 -40.39 38.45
C PRO G 114 -21.91 -39.51 38.97
N GLU G 115 -21.91 -38.25 38.52
CA GLU G 115 -22.94 -37.26 38.81
C GLU G 115 -24.39 -37.68 38.43
N GLU G 116 -24.55 -38.54 37.41
CA GLU G 116 -25.87 -38.97 36.92
C GLU G 116 -26.29 -40.39 37.33
N LYS G 117 -25.35 -41.20 37.77
CA LYS G 117 -25.62 -42.62 37.99
C LYS G 117 -26.82 -42.84 38.92
N ASP G 118 -26.97 -41.99 39.93
CA ASP G 118 -28.08 -42.14 40.90
C ASP G 118 -29.45 -41.77 40.31
N ALA G 119 -29.48 -40.74 39.47
CA ALA G 119 -30.72 -40.39 38.75
C ALA G 119 -31.09 -41.47 37.74
N LYS G 120 -30.10 -42.12 37.15
CA LYS G 120 -30.33 -43.24 36.23
C LYS G 120 -30.75 -44.47 37.03
N LEU G 121 -30.11 -44.70 38.17
CA LEU G 121 -30.46 -45.84 38.98
C LEU G 121 -31.90 -45.75 39.48
N ALA G 122 -32.32 -44.58 39.94
CA ALA G 122 -33.71 -44.41 40.38
C ALA G 122 -34.66 -44.65 39.21
N LEU G 123 -34.23 -44.28 38.01
CA LEU G 123 -34.99 -44.56 36.79
C LEU G 123 -35.17 -46.05 36.56
N ILE G 124 -34.07 -46.80 36.63
CA ILE G 124 -34.10 -48.27 36.53
C ILE G 124 -34.97 -48.93 37.63
N LYS G 125 -34.86 -48.43 38.86
CA LYS G 125 -35.62 -48.98 39.98
C LYS G 125 -37.09 -48.70 39.78
N GLU G 126 -37.40 -47.52 39.28
CA GLU G 126 -38.81 -47.19 38.98
C GLU G 126 -39.36 -48.15 37.93
N LYS G 127 -38.59 -48.40 36.88
CA LYS G 127 -39.08 -49.23 35.77
C LYS G 127 -39.26 -50.68 36.16
N ILE G 128 -38.34 -51.19 36.95
CA ILE G 128 -38.45 -52.52 37.51
C ILE G 128 -39.73 -52.65 38.29
N LYS G 129 -39.94 -51.70 39.20
CA LYS G 129 -41.03 -51.75 40.15
C LYS G 129 -42.39 -51.58 39.50
N ASN G 130 -42.50 -50.67 38.54
CA ASN G 130 -43.80 -50.29 37.99
C ASN G 130 -44.09 -50.75 36.59
N ARG G 131 -43.16 -51.46 35.96
CA ARG G 131 -43.34 -51.84 34.56
C ARG G 131 -42.94 -53.28 34.29
N TYR G 132 -41.70 -53.67 34.55
CA TYR G 132 -41.27 -54.98 34.11
C TYR G 132 -41.66 -56.09 35.06
N PHE G 133 -41.49 -55.87 36.36
CA PHE G 133 -41.89 -56.86 37.34
C PHE G 133 -43.41 -57.10 37.30
N PRO G 134 -44.19 -56.01 37.27
CA PRO G 134 -45.64 -56.25 37.05
C PRO G 134 -45.94 -57.02 35.77
N ALA G 135 -45.33 -56.65 34.66
CA ALA G 135 -45.59 -57.31 33.37
C ALA G 135 -45.23 -58.79 33.38
N PHE G 136 -44.15 -59.18 34.04
CA PHE G 136 -43.80 -60.62 34.09
C PHE G 136 -44.59 -61.38 35.15
N GLU G 137 -44.86 -60.76 36.29
CA GLU G 137 -45.78 -61.34 37.28
C GLU G 137 -47.13 -61.59 36.61
N LYS G 138 -47.62 -60.56 35.94
CA LYS G 138 -48.93 -60.62 35.29
C LYS G 138 -49.01 -61.83 34.38
N VAL G 139 -47.94 -62.08 33.62
CA VAL G 139 -47.91 -63.22 32.69
C VAL G 139 -48.03 -64.53 33.43
N LEU G 140 -47.23 -64.70 34.48
CA LEU G 140 -47.23 -65.94 35.21
C LEU G 140 -48.60 -66.14 35.88
N LYS G 141 -49.22 -65.03 36.30
CA LYS G 141 -50.53 -65.07 36.94
C LYS G 141 -51.66 -65.46 35.98
N SER G 142 -51.54 -65.02 34.73
CA SER G 142 -52.61 -65.24 33.76
C SER G 142 -52.73 -66.71 33.40
N HIS G 143 -51.61 -67.36 33.06
CA HIS G 143 -51.66 -68.81 32.75
C HIS G 143 -51.41 -69.70 33.97
N GLY G 144 -50.91 -69.11 35.06
CA GLY G 144 -50.70 -69.86 36.32
C GLY G 144 -49.69 -70.99 36.27
N GLN G 145 -48.80 -70.98 35.29
CA GLN G 145 -47.80 -72.03 35.09
C GLN G 145 -46.45 -71.66 35.71
N ASP G 146 -45.54 -72.62 35.77
CA ASP G 146 -44.24 -72.46 36.44
C ASP G 146 -43.16 -71.84 35.56
N TYR G 147 -43.41 -71.80 34.26
CA TYR G 147 -42.50 -71.23 33.29
C TYR G 147 -43.21 -70.17 32.48
N LEU G 148 -42.43 -69.27 31.91
CA LEU G 148 -43.00 -68.13 31.18
C LEU G 148 -43.81 -68.54 29.95
N VAL G 149 -43.25 -69.41 29.12
CA VAL G 149 -43.84 -69.74 27.82
C VAL G 149 -43.85 -71.25 27.59
N GLY G 150 -44.97 -71.78 27.12
CA GLY G 150 -45.04 -73.19 26.74
C GLY G 150 -45.10 -74.20 27.87
N ASN G 151 -45.32 -73.72 29.09
CA ASN G 151 -45.30 -74.58 30.28
C ASN G 151 -44.07 -75.46 30.39
N LYS G 152 -42.92 -74.91 30.02
CA LYS G 152 -41.69 -75.66 30.10
C LYS G 152 -40.59 -74.64 30.01
N LEU G 153 -39.38 -75.04 30.36
CA LEU G 153 -38.26 -74.10 30.47
C LEU G 153 -37.90 -73.51 29.13
N SER G 154 -37.63 -72.22 29.08
CA SER G 154 -37.03 -71.64 27.87
C SER G 154 -36.05 -70.53 28.24
N ARG G 155 -35.40 -69.97 27.22
CA ARG G 155 -34.51 -68.84 27.42
C ARG G 155 -35.17 -67.69 28.18
N ALA G 156 -36.47 -67.49 28.00
CA ALA G 156 -37.12 -66.38 28.69
C ALA G 156 -36.89 -66.50 30.22
N ASP G 157 -37.04 -67.70 30.72
CA ASP G 157 -36.84 -67.98 32.14
C ASP G 157 -35.42 -67.69 32.52
N ILE G 158 -34.48 -68.13 31.69
CA ILE G 158 -33.08 -67.91 31.92
C ILE G 158 -32.72 -66.44 31.94
N HIS G 159 -33.17 -65.70 30.93
CA HIS G 159 -32.87 -64.27 30.89
C HIS G 159 -33.60 -63.52 31.98
N LEU G 160 -34.81 -63.92 32.33
CA LEU G 160 -35.53 -63.22 33.40
C LEU G 160 -34.89 -63.54 34.75
N VAL G 161 -34.54 -64.79 35.01
CA VAL G 161 -33.95 -65.09 36.34
C VAL G 161 -32.56 -64.43 36.47
N GLU G 162 -31.76 -64.43 35.42
CA GLU G 162 -30.50 -63.66 35.41
C GLU G 162 -30.75 -62.24 35.91
N LEU G 163 -31.74 -61.61 35.30
CA LEU G 163 -32.12 -60.26 35.65
C LEU G 163 -32.62 -60.12 37.10
N LEU G 164 -33.30 -61.13 37.63
CA LEU G 164 -33.78 -61.09 39.01
C LEU G 164 -32.59 -61.08 39.97
N TYR G 165 -31.50 -61.77 39.62
CA TYR G 165 -30.27 -61.70 40.43
C TYR G 165 -29.66 -60.30 40.47
N TYR G 166 -29.67 -59.57 39.35
CA TYR G 166 -29.05 -58.23 39.34
C TYR G 166 -29.88 -57.25 40.12
N VAL G 167 -31.20 -57.41 40.06
CA VAL G 167 -32.13 -56.52 40.79
C VAL G 167 -31.99 -56.75 42.31
N GLU G 168 -31.81 -58.01 42.70
CA GLU G 168 -31.46 -58.35 44.09
C GLU G 168 -30.19 -57.66 44.56
N GLU G 169 -29.22 -57.51 43.66
CA GLU G 169 -28.00 -56.78 43.98
C GLU G 169 -28.25 -55.29 44.16
N LEU G 170 -29.19 -54.71 43.42
CA LEU G 170 -29.47 -53.26 43.56
C LEU G 170 -30.44 -52.98 44.69
N ASP G 171 -31.22 -53.98 45.08
CA ASP G 171 -32.28 -53.80 46.05
C ASP G 171 -33.08 -55.10 46.15
N SER G 172 -33.03 -55.72 47.32
CA SER G 172 -33.63 -57.03 47.53
C SER G 172 -35.10 -56.91 47.89
N SER G 173 -35.57 -55.68 48.09
CA SER G 173 -36.99 -55.44 48.34
C SER G 173 -37.82 -55.34 47.05
N LEU G 174 -37.21 -55.01 45.92
CA LEU G 174 -37.97 -54.78 44.67
C LEU G 174 -38.84 -55.99 44.27
N ILE G 175 -38.34 -57.19 44.54
CA ILE G 175 -39.07 -58.41 44.19
C ILE G 175 -40.15 -58.81 45.23
N SER G 176 -40.24 -58.08 46.33
CA SER G 176 -41.04 -58.51 47.47
C SER G 176 -42.54 -58.55 47.18
N SER G 177 -43.05 -57.60 46.41
CA SER G 177 -44.46 -57.64 46.04
C SER G 177 -44.78 -58.75 45.03
N PHE G 178 -43.76 -59.40 44.49
CA PHE G 178 -43.94 -60.25 43.33
C PHE G 178 -43.63 -61.69 43.67
N PRO G 179 -44.63 -62.41 44.22
CA PRO G 179 -44.42 -63.77 44.70
C PRO G 179 -44.12 -64.79 43.61
N LEU G 180 -44.79 -64.68 42.47
CA LEU G 180 -44.60 -65.65 41.40
C LEU G 180 -43.18 -65.57 40.83
N LEU G 181 -42.64 -64.35 40.80
CA LEU G 181 -41.25 -64.11 40.39
C LEU G 181 -40.24 -64.73 41.37
N LYS G 182 -40.50 -64.61 42.67
CA LYS G 182 -39.63 -65.25 43.69
C LYS G 182 -39.56 -66.73 43.44
N ALA G 183 -40.71 -67.36 43.19
CA ALA G 183 -40.75 -68.80 42.95
C ALA G 183 -39.93 -69.19 41.73
N LEU G 184 -40.02 -68.37 40.68
CA LEU G 184 -39.37 -68.66 39.40
C LEU G 184 -37.86 -68.55 39.61
N LYS G 185 -37.44 -67.51 40.30
CA LYS G 185 -36.05 -67.39 40.74
C LYS G 185 -35.54 -68.64 41.43
N THR G 186 -36.24 -69.09 42.48
CA THR G 186 -35.84 -70.31 43.20
C THR G 186 -35.91 -71.51 42.25
N ARG G 187 -37.00 -71.64 41.50
CA ARG G 187 -37.20 -72.84 40.67
C ARG G 187 -36.10 -73.03 39.63
N ILE G 188 -35.72 -71.94 38.97
CA ILE G 188 -34.69 -71.99 37.94
C ILE G 188 -33.30 -72.15 38.57
N SER G 189 -33.11 -71.49 39.71
CA SER G 189 -31.91 -71.68 40.53
C SER G 189 -31.74 -73.14 40.97
N ASN G 190 -32.84 -73.89 41.09
CA ASN G 190 -32.77 -75.32 41.47
C ASN G 190 -32.43 -76.26 40.32
N LEU G 191 -32.42 -75.76 39.09
CA LEU G 191 -32.11 -76.61 37.95
C LEU G 191 -30.62 -76.94 38.03
N PRO G 192 -30.29 -78.24 37.88
CA PRO G 192 -28.88 -78.71 38.02
C PRO G 192 -27.83 -77.82 37.36
N THR G 193 -28.01 -77.51 36.08
CA THR G 193 -27.01 -76.75 35.33
C THR G 193 -26.87 -75.30 35.84
N VAL G 194 -27.98 -74.65 36.16
CA VAL G 194 -27.96 -73.29 36.72
C VAL G 194 -27.49 -73.32 38.18
N LYS G 195 -27.80 -74.40 38.90
CA LYS G 195 -27.25 -74.56 40.24
C LYS G 195 -25.72 -74.56 40.17
N LYS G 196 -25.15 -75.37 39.27
CA LYS G 196 -23.70 -75.41 39.07
C LYS G 196 -23.09 -74.04 38.77
N PHE G 197 -23.81 -73.24 37.97
CA PHE G 197 -23.36 -71.91 37.56
C PHE G 197 -23.46 -70.87 38.70
N LEU G 198 -24.41 -71.03 39.62
CA LEU G 198 -24.50 -70.13 40.77
C LEU G 198 -23.42 -70.38 41.83
N GLN G 199 -22.79 -71.55 41.78
CA GLN G 199 -21.72 -71.87 42.72
C GLN G 199 -20.44 -71.11 42.39
N PRO G 200 -19.66 -70.75 43.43
CA PRO G 200 -18.41 -70.02 43.18
C PRO G 200 -17.45 -70.81 42.28
N GLY G 201 -16.59 -70.09 41.56
CA GLY G 201 -15.66 -70.71 40.62
C GLY G 201 -16.21 -70.88 39.21
N SER G 202 -17.50 -70.57 39.03
CA SER G 202 -18.13 -70.62 37.71
C SER G 202 -17.64 -69.44 36.87
N PRO G 203 -18.01 -69.41 35.58
CA PRO G 203 -17.70 -68.21 34.81
C PRO G 203 -18.65 -67.03 35.11
N ARG G 204 -19.65 -67.23 35.96
CA ARG G 204 -20.53 -66.14 36.35
C ARG G 204 -19.65 -64.99 36.80
N LYS G 205 -19.84 -63.83 36.18
CA LYS G 205 -19.00 -62.67 36.44
C LYS G 205 -19.55 -61.79 37.55
N PRO G 206 -18.67 -60.97 38.15
CA PRO G 206 -19.09 -60.06 39.22
C PRO G 206 -19.84 -58.87 38.66
N PRO G 207 -20.41 -58.02 39.54
CA PRO G 207 -20.87 -56.69 39.17
C PRO G 207 -19.70 -55.86 38.72
N PRO G 208 -19.95 -54.83 37.90
CA PRO G 208 -18.87 -53.97 37.47
C PRO G 208 -18.42 -53.05 38.59
N ASP G 209 -17.22 -52.48 38.44
CA ASP G 209 -16.58 -51.74 39.52
C ASP G 209 -15.56 -50.73 38.97
N GLU G 210 -14.96 -49.95 39.86
CA GLU G 210 -13.90 -48.99 39.48
C GLU G 210 -12.94 -49.60 38.45
N ILE G 211 -12.47 -50.82 38.73
CA ILE G 211 -11.42 -51.47 37.94
C ILE G 211 -11.89 -51.89 36.56
N TYR G 212 -13.00 -52.64 36.50
CA TYR G 212 -13.53 -53.11 35.23
C TYR G 212 -13.87 -51.93 34.31
N VAL G 213 -14.38 -50.86 34.91
CA VAL G 213 -14.79 -49.67 34.18
C VAL G 213 -13.60 -48.93 33.59
N ARG G 214 -12.57 -48.71 34.39
CA ARG G 214 -11.37 -47.98 33.91
C ARG G 214 -10.70 -48.77 32.77
N THR G 215 -10.54 -50.08 32.99
CA THR G 215 -9.92 -50.93 31.99
C THR G 215 -10.67 -50.89 30.66
N VAL G 216 -11.99 -50.72 30.69
CA VAL G 216 -12.77 -50.65 29.46
C VAL G 216 -12.48 -49.34 28.69
N TYR G 217 -12.45 -48.20 29.39
CA TYR G 217 -12.06 -46.93 28.77
C TYR G 217 -10.70 -47.05 28.07
N ASN G 218 -9.74 -47.63 28.77
CA ASN G 218 -8.37 -47.74 28.27
C ASN G 218 -8.24 -48.55 26.98
N ILE G 219 -9.14 -49.50 26.77
CA ILE G 219 -9.08 -50.32 25.56
C ILE G 219 -9.53 -49.50 24.35
N PHE G 220 -10.26 -48.42 24.60
CA PHE G 220 -10.78 -47.56 23.54
C PHE G 220 -10.08 -46.21 23.47
N ALA H 2 -58.41 -64.98 9.12
CA ALA H 2 -57.19 -64.21 8.75
C ALA H 2 -57.53 -62.78 8.33
N GLU H 3 -57.79 -61.93 9.32
CA GLU H 3 -57.94 -60.49 9.06
C GLU H 3 -56.57 -59.82 8.92
N LYS H 4 -56.57 -58.51 8.64
CA LYS H 4 -55.32 -57.79 8.37
C LYS H 4 -54.51 -57.54 9.64
N PRO H 5 -53.17 -57.63 9.55
CA PRO H 5 -52.39 -57.10 10.64
C PRO H 5 -52.78 -55.67 10.92
N LYS H 6 -52.66 -55.27 12.18
CA LYS H 6 -53.05 -53.93 12.59
C LYS H 6 -51.91 -53.32 13.39
N LEU H 7 -51.29 -52.28 12.82
CA LEU H 7 -50.16 -51.57 13.38
C LEU H 7 -50.61 -50.32 14.16
N HIS H 8 -50.34 -50.30 15.45
CA HIS H 8 -50.63 -49.16 16.29
C HIS H 8 -49.34 -48.39 16.51
N TYR H 9 -49.27 -47.17 16.02
CA TYR H 9 -48.08 -46.37 16.19
C TYR H 9 -48.48 -44.93 15.97
N PHE H 10 -47.54 -44.00 16.04
CA PHE H 10 -47.76 -42.67 15.51
C PHE H 10 -47.75 -42.69 13.98
N ASN H 11 -48.21 -41.59 13.39
CA ASN H 11 -48.24 -41.38 11.94
C ASN H 11 -46.88 -40.84 11.49
N GLY H 12 -45.92 -41.74 11.36
CA GLY H 12 -44.56 -41.38 11.01
C GLY H 12 -43.75 -42.66 10.99
N ARG H 13 -42.46 -42.53 10.76
CA ARG H 13 -41.59 -43.69 10.60
C ARG H 13 -41.34 -44.35 11.94
N GLY H 14 -40.51 -43.71 12.75
CA GLY H 14 -40.10 -44.19 14.05
C GLY H 14 -39.78 -45.66 14.01
N ARG H 15 -40.27 -46.36 15.02
CA ARG H 15 -39.94 -47.75 15.25
C ARG H 15 -40.82 -48.70 14.47
N MET H 16 -41.79 -48.17 13.73
CA MET H 16 -42.75 -49.01 13.02
C MET H 16 -42.43 -49.18 11.53
N GLU H 17 -41.54 -48.33 11.01
CA GLU H 17 -41.35 -48.28 9.58
C GLU H 17 -40.80 -49.58 9.03
N SER H 18 -39.94 -50.25 9.80
CA SER H 18 -39.28 -51.45 9.31
C SER H 18 -40.31 -52.57 9.16
N THR H 19 -41.42 -52.47 9.91
CA THR H 19 -42.50 -53.45 9.85
C THR H 19 -43.36 -53.18 8.62
N ARG H 20 -43.49 -51.90 8.29
CA ARG H 20 -44.29 -51.48 7.13
C ARG H 20 -43.55 -52.00 5.92
N TRP H 21 -42.28 -51.64 5.82
CA TRP H 21 -41.37 -52.20 4.84
C TRP H 21 -41.40 -53.69 4.74
N LEU H 22 -41.27 -54.39 5.87
CA LEU H 22 -41.19 -55.85 5.80
C LEU H 22 -42.51 -56.48 5.36
N LEU H 23 -43.61 -56.05 5.95
CA LEU H 23 -44.92 -56.57 5.55
C LEU H 23 -45.17 -56.33 4.03
N ALA H 24 -44.87 -55.12 3.56
CA ALA H 24 -45.03 -54.79 2.14
C ALA H 24 -44.18 -55.71 1.26
N ALA H 25 -42.92 -55.93 1.64
CA ALA H 25 -42.05 -56.82 0.88
C ALA H 25 -42.63 -58.23 0.87
N ALA H 26 -43.31 -58.62 1.94
CA ALA H 26 -43.93 -59.93 2.00
C ALA H 26 -45.24 -59.99 1.21
N GLY H 27 -45.74 -58.84 0.79
CA GLY H 27 -46.95 -58.77 -0.01
C GLY H 27 -48.17 -58.90 0.87
N VAL H 28 -48.08 -58.35 2.08
CA VAL H 28 -49.18 -58.40 3.03
C VAL H 28 -49.80 -57.00 3.15
N GLU H 29 -51.12 -56.97 3.03
CA GLU H 29 -51.89 -55.75 3.25
C GLU H 29 -51.98 -55.59 4.74
N PHE H 30 -52.14 -54.35 5.19
CA PHE H 30 -52.30 -54.12 6.60
C PHE H 30 -53.00 -52.78 6.87
N GLU H 31 -53.60 -52.64 8.04
CA GLU H 31 -54.23 -51.39 8.46
C GLU H 31 -53.39 -50.70 9.49
N GLU H 32 -53.62 -49.41 9.65
CA GLU H 32 -52.94 -48.63 10.65
C GLU H 32 -53.95 -47.89 11.49
N LYS H 33 -53.79 -47.95 12.81
CA LYS H 33 -54.50 -47.06 13.72
C LYS H 33 -53.47 -46.15 14.34
N PHE H 34 -53.47 -44.89 13.92
CA PHE H 34 -52.46 -43.95 14.36
C PHE H 34 -52.76 -43.45 15.76
N ILE H 35 -51.69 -43.21 16.52
CA ILE H 35 -51.81 -42.68 17.86
C ILE H 35 -51.67 -41.15 17.75
N LYS H 36 -52.78 -40.46 17.94
CA LYS H 36 -52.87 -39.02 17.72
C LYS H 36 -52.62 -38.22 19.00
N SER H 37 -53.17 -38.70 20.12
CA SER H 37 -53.11 -37.98 21.40
C SER H 37 -52.70 -38.84 22.59
N ALA H 38 -52.42 -38.17 23.70
CA ALA H 38 -52.20 -38.80 25.01
C ALA H 38 -53.32 -39.77 25.35
N GLU H 39 -54.54 -39.37 25.02
CA GLU H 39 -55.71 -40.18 25.29
C GLU H 39 -55.71 -41.47 24.45
N ASP H 40 -55.20 -41.41 23.21
CA ASP H 40 -55.12 -42.64 22.39
C ASP H 40 -54.14 -43.60 23.06
N LEU H 41 -53.01 -43.06 23.52
CA LEU H 41 -52.03 -43.86 24.24
C LEU H 41 -52.63 -44.45 25.51
N ASP H 42 -53.34 -43.61 26.27
CA ASP H 42 -53.95 -44.03 27.53
C ASP H 42 -54.98 -45.13 27.35
N LYS H 43 -55.68 -45.11 26.23
CA LYS H 43 -56.68 -46.12 25.94
C LYS H 43 -55.99 -47.44 25.73
N LEU H 44 -54.93 -47.44 24.92
CA LEU H 44 -54.13 -48.66 24.67
C LEU H 44 -53.57 -49.21 25.98
N ARG H 45 -52.95 -48.34 26.78
CA ARG H 45 -52.38 -48.76 28.08
C ARG H 45 -53.47 -49.31 29.01
N ASN H 46 -54.50 -48.50 29.28
CA ASN H 46 -55.59 -48.87 30.19
C ASN H 46 -56.32 -50.14 29.74
N ASP H 47 -56.29 -50.43 28.45
CA ASP H 47 -56.90 -51.68 27.96
C ASP H 47 -55.98 -52.88 28.10
N GLY H 48 -54.75 -52.64 28.56
CA GLY H 48 -53.78 -53.71 28.72
C GLY H 48 -53.43 -54.33 27.39
N TYR H 49 -53.18 -53.47 26.40
CA TYR H 49 -52.76 -53.89 25.07
C TYR H 49 -51.24 -53.85 24.96
N LEU H 50 -50.62 -52.93 25.71
CA LEU H 50 -49.20 -52.70 25.65
C LEU H 50 -48.47 -53.38 26.83
N MET H 51 -47.85 -54.53 26.57
CA MET H 51 -47.26 -55.32 27.66
C MET H 51 -46.34 -54.49 28.54
N PHE H 52 -45.52 -53.64 27.92
CA PHE H 52 -44.56 -52.80 28.62
C PHE H 52 -44.92 -51.33 28.56
N GLN H 53 -46.21 -51.06 28.34
CA GLN H 53 -46.74 -49.72 28.20
C GLN H 53 -46.09 -48.90 27.08
N GLN H 54 -45.59 -49.59 26.06
CA GLN H 54 -44.87 -48.96 24.97
C GLN H 54 -45.46 -49.38 23.65
N VAL H 55 -45.36 -48.48 22.66
CA VAL H 55 -45.60 -48.85 21.26
C VAL H 55 -44.23 -48.90 20.57
N PRO H 56 -44.13 -49.61 19.43
CA PRO H 56 -45.10 -50.23 18.54
C PRO H 56 -45.85 -51.38 19.13
N MET H 57 -47.09 -51.55 18.67
CA MET H 57 -47.84 -52.78 18.88
C MET H 57 -48.48 -53.16 17.56
N VAL H 58 -48.62 -54.47 17.35
CA VAL H 58 -49.17 -55.00 16.15
C VAL H 58 -50.09 -56.13 16.56
N GLU H 59 -51.36 -56.01 16.20
CA GLU H 59 -52.31 -57.08 16.38
C GLU H 59 -52.17 -57.99 15.19
N ILE H 60 -51.80 -59.25 15.42
CA ILE H 60 -51.56 -60.17 14.33
C ILE H 60 -51.75 -61.61 14.79
N ASP H 61 -52.33 -62.43 13.91
CA ASP H 61 -52.70 -63.81 14.23
C ASP H 61 -53.12 -64.03 15.70
N GLY H 62 -54.00 -63.15 16.20
CA GLY H 62 -54.54 -63.30 17.54
C GLY H 62 -53.72 -62.64 18.63
N MET H 63 -52.43 -62.44 18.40
CA MET H 63 -51.57 -61.84 19.41
C MET H 63 -51.59 -60.33 19.33
N LYS H 64 -51.14 -59.72 20.42
CA LYS H 64 -50.91 -58.30 20.47
C LYS H 64 -49.43 -58.13 20.82
N LEU H 65 -48.57 -58.12 19.78
CA LEU H 65 -47.12 -58.14 19.98
C LEU H 65 -46.55 -56.77 20.11
N VAL H 66 -45.76 -56.56 21.16
CA VAL H 66 -44.94 -55.36 21.29
C VAL H 66 -43.49 -55.82 21.20
N GLN H 67 -42.58 -54.86 21.12
CA GLN H 67 -41.15 -55.06 20.86
C GLN H 67 -40.87 -55.30 19.37
N THR H 68 -40.37 -54.28 18.71
CA THR H 68 -40.03 -54.30 17.27
C THR H 68 -39.50 -55.65 16.82
N ARG H 69 -38.48 -56.16 17.50
CA ARG H 69 -37.81 -57.39 17.03
C ARG H 69 -38.72 -58.60 17.13
N ALA H 70 -39.58 -58.63 18.14
CA ALA H 70 -40.55 -59.72 18.26
C ALA H 70 -41.56 -59.65 17.10
N ILE H 71 -41.97 -58.43 16.75
CA ILE H 71 -42.89 -58.24 15.65
C ILE H 71 -42.22 -58.68 14.35
N LEU H 72 -41.05 -58.09 14.07
CA LEU H 72 -40.29 -58.39 12.84
C LEU H 72 -39.98 -59.87 12.69
N ASN H 73 -39.53 -60.50 13.79
CA ASN H 73 -39.17 -61.93 13.80
C ASN H 73 -40.36 -62.82 13.42
N TYR H 74 -41.49 -62.52 14.00
CA TYR H 74 -42.70 -63.25 13.66
C TYR H 74 -43.00 -63.12 12.16
N ILE H 75 -43.05 -61.89 11.69
CA ILE H 75 -43.37 -61.58 10.30
C ILE H 75 -42.38 -62.26 9.33
N ALA H 76 -41.09 -62.11 9.61
CA ALA H 76 -40.07 -62.73 8.77
C ALA H 76 -40.17 -64.25 8.76
N SER H 77 -40.43 -64.84 9.91
CA SER H 77 -40.55 -66.30 9.99
C SER H 77 -41.78 -66.74 9.23
N LYS H 78 -42.90 -66.06 9.49
CA LYS H 78 -44.17 -66.43 8.85
C LYS H 78 -44.10 -66.48 7.31
N TYR H 79 -43.37 -65.56 6.69
CA TYR H 79 -43.36 -65.42 5.24
C TYR H 79 -41.99 -65.81 4.67
N ASN H 80 -41.31 -66.69 5.41
CA ASN H 80 -39.98 -67.18 5.03
C ASN H 80 -39.00 -66.14 4.52
N LEU H 81 -38.92 -65.00 5.21
CA LEU H 81 -37.84 -64.05 4.99
C LEU H 81 -36.78 -64.16 6.10
N TYR H 82 -36.71 -65.33 6.75
CA TYR H 82 -35.77 -65.56 7.85
C TYR H 82 -34.76 -66.68 7.52
N GLY H 83 -34.41 -66.86 6.25
CA GLY H 83 -33.40 -67.83 5.85
C GLY H 83 -33.96 -69.23 5.94
N LYS H 84 -33.16 -70.24 5.58
CA LYS H 84 -33.66 -71.62 5.56
C LYS H 84 -33.34 -72.46 6.80
N ASP H 85 -32.35 -72.05 7.60
CA ASP H 85 -31.93 -72.81 8.79
C ASP H 85 -31.11 -72.00 9.81
N ILE H 86 -30.95 -72.59 11.00
CA ILE H 86 -30.24 -71.97 12.13
C ILE H 86 -28.99 -71.21 11.73
N LYS H 87 -28.30 -71.71 10.73
CA LYS H 87 -27.03 -71.13 10.36
C LYS H 87 -27.21 -69.84 9.55
N GLU H 88 -28.25 -69.76 8.73
CA GLU H 88 -28.55 -68.53 7.99
C GLU H 88 -29.21 -67.50 8.93
N ARG H 89 -30.10 -67.98 9.78
CA ARG H 89 -30.71 -67.11 10.79
C ARG H 89 -29.65 -66.34 11.58
N ALA H 90 -28.54 -66.99 11.89
CA ALA H 90 -27.48 -66.37 12.67
C ALA H 90 -26.73 -65.34 11.86
N LEU H 91 -26.46 -65.66 10.60
CA LEU H 91 -25.89 -64.68 9.68
C LEU H 91 -26.90 -63.54 9.53
N ILE H 92 -28.17 -63.87 9.36
CA ILE H 92 -29.22 -62.85 9.23
C ILE H 92 -29.30 -61.91 10.44
N ASP H 93 -29.43 -62.49 11.64
CA ASP H 93 -29.52 -61.72 12.87
C ASP H 93 -28.29 -60.86 13.08
N MET H 94 -27.11 -61.38 12.72
CA MET H 94 -25.88 -60.61 12.91
C MET H 94 -25.95 -59.38 12.03
N TYR H 95 -26.42 -59.56 10.80
CA TYR H 95 -26.49 -58.42 9.87
C TYR H 95 -27.51 -57.36 10.30
N ILE H 96 -28.74 -57.78 10.59
CA ILE H 96 -29.84 -56.81 10.82
C ILE H 96 -29.70 -56.07 12.16
N GLU H 97 -29.02 -56.70 13.11
CA GLU H 97 -28.76 -56.06 14.41
C GLU H 97 -27.72 -54.96 14.23
N GLY H 98 -26.81 -55.18 13.28
CA GLY H 98 -25.92 -54.10 12.82
C GLY H 98 -26.74 -52.96 12.24
N ILE H 99 -27.69 -53.28 11.37
CA ILE H 99 -28.59 -52.28 10.79
C ILE H 99 -29.36 -51.60 11.90
N ALA H 100 -30.00 -52.40 12.75
CA ALA H 100 -30.78 -51.87 13.87
C ALA H 100 -30.00 -50.90 14.75
N ASP H 101 -28.71 -51.14 14.95
CA ASP H 101 -27.89 -50.27 15.78
C ASP H 101 -27.68 -48.92 15.10
N LEU H 102 -27.49 -48.95 13.78
CA LEU H 102 -27.41 -47.72 13.00
C LEU H 102 -28.80 -47.07 12.92
N GLY H 103 -29.83 -47.89 12.67
CA GLY H 103 -31.22 -47.47 12.64
C GLY H 103 -31.68 -46.82 13.94
N GLU H 104 -31.20 -47.33 15.07
CA GLU H 104 -31.52 -46.78 16.38
C GLU H 104 -31.02 -45.32 16.55
N MET H 105 -29.85 -45.05 16.02
CA MET H 105 -29.28 -43.70 16.04
C MET H 105 -30.09 -42.74 15.17
N ILE H 106 -30.52 -43.23 14.02
CA ILE H 106 -31.39 -42.48 13.11
C ILE H 106 -32.74 -42.17 13.74
N ILE H 107 -33.33 -43.15 14.40
CA ILE H 107 -34.65 -42.99 14.99
C ILE H 107 -34.66 -41.91 16.07
N MET H 108 -33.53 -41.73 16.75
CA MET H 108 -33.46 -40.80 17.86
C MET H 108 -32.91 -39.44 17.49
N LEU H 109 -32.08 -39.40 16.44
CA LEU H 109 -31.49 -38.14 15.98
C LEU H 109 -32.46 -36.95 16.00
N PRO H 110 -33.73 -37.19 15.61
CA PRO H 110 -34.74 -36.12 15.70
C PRO H 110 -35.12 -35.67 17.11
N PHE H 111 -34.77 -36.43 18.13
CA PHE H 111 -35.12 -36.06 19.50
C PHE H 111 -33.95 -35.45 20.23
N CYS H 112 -32.80 -35.36 19.57
CA CYS H 112 -31.65 -34.70 20.15
C CYS H 112 -31.96 -33.21 20.22
N PRO H 113 -31.54 -32.55 21.31
CA PRO H 113 -31.68 -31.10 21.41
C PRO H 113 -31.03 -30.38 20.22
N PRO H 114 -31.78 -29.49 19.54
CA PRO H 114 -31.46 -28.96 18.20
C PRO H 114 -29.98 -28.68 17.94
N GLU H 115 -29.24 -28.28 18.96
CA GLU H 115 -27.82 -28.01 18.86
C GLU H 115 -26.97 -29.30 18.73
N GLU H 116 -27.34 -30.33 19.48
CA GLU H 116 -26.58 -31.60 19.48
C GLU H 116 -26.71 -32.37 18.18
N LYS H 117 -27.74 -32.06 17.39
CA LYS H 117 -28.07 -32.77 16.16
C LYS H 117 -26.97 -32.72 15.11
N ASP H 118 -26.12 -31.70 15.18
CA ASP H 118 -24.97 -31.58 14.29
C ASP H 118 -23.93 -32.66 14.58
N ALA H 119 -23.38 -32.66 15.79
CA ALA H 119 -22.40 -33.67 16.20
C ALA H 119 -22.94 -35.08 15.94
N LYS H 120 -24.20 -35.29 16.34
CA LYS H 120 -24.88 -36.55 16.12
C LYS H 120 -24.79 -36.97 14.63
N LEU H 121 -25.24 -36.08 13.75
CA LEU H 121 -25.36 -36.41 12.35
C LEU H 121 -24.01 -36.79 11.73
N ALA H 122 -22.97 -36.03 12.09
CA ALA H 122 -21.61 -36.27 11.58
C ALA H 122 -21.07 -37.62 12.04
N LEU H 123 -21.40 -37.97 13.28
CA LEU H 123 -21.04 -39.26 13.85
C LEU H 123 -21.75 -40.38 13.11
N ILE H 124 -23.04 -40.21 12.86
CA ILE H 124 -23.82 -41.20 12.13
C ILE H 124 -23.11 -41.47 10.80
N LYS H 125 -22.81 -40.40 10.06
CA LYS H 125 -22.20 -40.51 8.72
C LYS H 125 -20.87 -41.25 8.72
N GLU H 126 -20.03 -40.99 9.71
CA GLU H 126 -18.72 -41.66 9.79
C GLU H 126 -18.89 -43.14 10.09
N LYS H 127 -19.86 -43.50 10.93
CA LYS H 127 -20.17 -44.90 11.18
C LYS H 127 -20.72 -45.56 9.91
N ILE H 128 -21.48 -44.79 9.12
CA ILE H 128 -21.97 -45.25 7.83
C ILE H 128 -20.79 -45.55 6.89
N LYS H 129 -19.98 -44.53 6.62
CA LYS H 129 -18.80 -44.68 5.76
C LYS H 129 -17.80 -45.67 6.36
N ASN H 130 -17.40 -45.43 7.60
CA ASN H 130 -16.28 -46.15 8.18
C ASN H 130 -16.58 -47.56 8.65
N ARG H 131 -17.81 -47.79 9.14
CA ARG H 131 -18.14 -49.06 9.80
C ARG H 131 -19.16 -49.91 9.05
N TYR H 132 -20.36 -49.39 8.87
CA TYR H 132 -21.50 -50.21 8.45
C TYR H 132 -21.47 -50.58 6.97
N PHE H 133 -21.44 -49.59 6.08
CA PHE H 133 -21.42 -49.85 4.63
C PHE H 133 -20.25 -50.78 4.23
N PRO H 134 -19.04 -50.53 4.77
CA PRO H 134 -17.93 -51.44 4.47
C PRO H 134 -18.21 -52.86 4.91
N ALA H 135 -18.93 -53.00 6.03
CA ALA H 135 -19.31 -54.31 6.54
C ALA H 135 -20.23 -55.02 5.56
N PHE H 136 -21.29 -54.35 5.10
CA PHE H 136 -22.28 -55.00 4.24
C PHE H 136 -21.74 -55.19 2.82
N GLU H 137 -20.91 -54.24 2.39
CA GLU H 137 -20.14 -54.38 1.16
C GLU H 137 -19.32 -55.67 1.23
N LYS H 138 -18.46 -55.75 2.24
CA LYS H 138 -17.65 -56.95 2.46
C LYS H 138 -18.47 -58.24 2.34
N VAL H 139 -19.72 -58.27 2.83
CA VAL H 139 -20.54 -59.50 2.74
C VAL H 139 -20.88 -59.83 1.30
N LEU H 140 -21.28 -58.80 0.55
CA LEU H 140 -21.64 -58.95 -0.85
C LEU H 140 -20.40 -59.38 -1.64
N LYS H 141 -19.27 -58.73 -1.37
CA LYS H 141 -18.01 -59.01 -2.01
C LYS H 141 -17.48 -60.41 -1.69
N SER H 142 -17.54 -60.79 -0.43
CA SER H 142 -16.95 -62.06 0.04
C SER H 142 -17.57 -63.30 -0.61
N HIS H 143 -18.86 -63.25 -0.93
CA HIS H 143 -19.50 -64.37 -1.62
C HIS H 143 -19.98 -64.01 -3.01
N GLY H 144 -19.96 -62.73 -3.39
CA GLY H 144 -20.32 -62.31 -4.75
C GLY H 144 -21.76 -62.55 -5.19
N GLN H 145 -22.57 -63.18 -4.35
CA GLN H 145 -23.95 -63.50 -4.69
C GLN H 145 -24.86 -62.27 -4.71
N ASP H 146 -26.10 -62.48 -5.16
CA ASP H 146 -27.09 -61.41 -5.35
C ASP H 146 -27.79 -60.91 -4.07
N TYR H 147 -27.73 -61.70 -3.00
CA TYR H 147 -28.40 -61.36 -1.76
C TYR H 147 -27.44 -61.53 -0.60
N LEU H 148 -27.80 -60.97 0.56
CA LEU H 148 -26.90 -61.01 1.71
C LEU H 148 -26.65 -62.42 2.21
N VAL H 149 -27.67 -63.26 2.21
CA VAL H 149 -27.61 -64.54 2.92
C VAL H 149 -28.32 -65.64 2.15
N GLY H 150 -27.69 -66.82 2.13
CA GLY H 150 -28.28 -68.03 1.54
C GLY H 150 -28.65 -67.93 0.07
N ASN H 151 -28.16 -66.89 -0.59
CA ASN H 151 -28.40 -66.67 -2.02
C ASN H 151 -29.88 -66.58 -2.45
N LYS H 152 -30.74 -66.14 -1.54
CA LYS H 152 -32.11 -65.76 -1.91
C LYS H 152 -32.61 -64.64 -0.98
N LEU H 153 -33.71 -64.00 -1.38
CA LEU H 153 -34.25 -62.85 -0.65
C LEU H 153 -34.48 -63.16 0.82
N SER H 154 -34.00 -62.28 1.71
CA SER H 154 -34.32 -62.36 3.14
C SER H 154 -34.61 -60.98 3.74
N ARG H 155 -35.08 -60.97 4.97
CA ARG H 155 -35.34 -59.71 5.68
C ARG H 155 -34.09 -58.85 5.73
N ALA H 156 -32.91 -59.47 5.77
CA ALA H 156 -31.64 -58.71 5.74
C ALA H 156 -31.57 -57.79 4.52
N ASP H 157 -32.10 -58.26 3.40
CA ASP H 157 -32.11 -57.45 2.16
C ASP H 157 -33.12 -56.34 2.29
N ILE H 158 -34.24 -56.62 2.93
CA ILE H 158 -35.26 -55.62 3.10
C ILE H 158 -34.82 -54.51 4.07
N HIS H 159 -34.28 -54.90 5.23
CA HIS H 159 -33.83 -53.94 6.24
C HIS H 159 -32.59 -53.16 5.77
N LEU H 160 -31.65 -53.84 5.13
CA LEU H 160 -30.49 -53.17 4.55
C LEU H 160 -30.91 -52.15 3.49
N VAL H 161 -31.74 -52.56 2.56
CA VAL H 161 -32.20 -51.62 1.52
C VAL H 161 -32.99 -50.45 2.13
N GLU H 162 -33.91 -50.77 3.05
CA GLU H 162 -34.63 -49.72 3.73
C GLU H 162 -33.65 -48.66 4.19
N LEU H 163 -32.64 -49.08 4.95
CA LEU H 163 -31.66 -48.14 5.52
C LEU H 163 -31.00 -47.32 4.43
N LEU H 164 -30.64 -47.99 3.33
CA LEU H 164 -30.08 -47.35 2.17
C LEU H 164 -30.95 -46.16 1.73
N TYR H 165 -32.26 -46.34 1.65
CA TYR H 165 -33.10 -45.18 1.33
C TYR H 165 -32.95 -44.05 2.36
N TYR H 166 -32.89 -44.37 3.66
CA TYR H 166 -32.71 -43.31 4.65
C TYR H 166 -31.33 -42.66 4.57
N VAL H 167 -30.32 -43.45 4.22
CA VAL H 167 -28.97 -42.92 4.06
C VAL H 167 -28.92 -41.95 2.86
N GLU H 168 -29.58 -42.33 1.76
CA GLU H 168 -29.74 -41.48 0.58
C GLU H 168 -30.28 -40.09 0.95
N GLU H 169 -31.31 -40.04 1.79
CA GLU H 169 -31.93 -38.79 2.22
C GLU H 169 -30.95 -37.89 2.96
N LEU H 170 -30.17 -38.49 3.85
CA LEU H 170 -29.06 -37.81 4.50
C LEU H 170 -27.95 -37.42 3.50
N ASP H 171 -27.64 -38.31 2.57
CA ASP H 171 -26.60 -38.05 1.57
C ASP H 171 -26.51 -39.09 0.45
N SER H 172 -26.71 -38.65 -0.78
CA SER H 172 -26.65 -39.55 -1.94
C SER H 172 -25.22 -39.93 -2.27
N SER H 173 -24.25 -39.12 -1.82
CA SER H 173 -22.84 -39.40 -2.04
C SER H 173 -22.35 -40.55 -1.14
N LEU H 174 -22.95 -40.70 0.04
CA LEU H 174 -22.49 -41.72 1.01
C LEU H 174 -22.44 -43.14 0.44
N ILE H 175 -23.41 -43.51 -0.40
CA ILE H 175 -23.38 -44.86 -1.01
C ILE H 175 -22.43 -44.94 -2.22
N SER H 176 -21.80 -43.82 -2.59
CA SER H 176 -20.96 -43.75 -3.80
C SER H 176 -20.00 -44.92 -3.94
N SER H 177 -19.06 -45.04 -3.01
CA SER H 177 -17.96 -46.00 -3.14
C SER H 177 -18.31 -47.41 -2.68
N PHE H 178 -19.58 -47.80 -2.84
CA PHE H 178 -20.07 -49.08 -2.32
C PHE H 178 -20.99 -49.72 -3.36
N PRO H 179 -20.40 -50.15 -4.48
CA PRO H 179 -21.13 -50.53 -5.70
C PRO H 179 -22.04 -51.73 -5.55
N LEU H 180 -21.66 -52.69 -4.72
CA LEU H 180 -22.45 -53.90 -4.58
C LEU H 180 -23.80 -53.58 -3.90
N LEU H 181 -23.77 -52.64 -2.94
CA LEU H 181 -24.98 -52.11 -2.28
C LEU H 181 -25.91 -51.40 -3.27
N LYS H 182 -25.34 -50.68 -4.24
CA LYS H 182 -26.16 -50.02 -5.28
C LYS H 182 -26.91 -51.04 -6.14
N ALA H 183 -26.19 -52.05 -6.60
CA ALA H 183 -26.82 -53.13 -7.39
C ALA H 183 -27.94 -53.75 -6.56
N LEU H 184 -27.67 -54.04 -5.28
CA LEU H 184 -28.69 -54.53 -4.32
C LEU H 184 -29.89 -53.61 -4.23
N LYS H 185 -29.64 -52.33 -4.02
CA LYS H 185 -30.72 -51.35 -3.91
C LYS H 185 -31.68 -51.47 -5.10
N THR H 186 -31.13 -51.32 -6.31
CA THR H 186 -31.91 -51.48 -7.54
C THR H 186 -32.63 -52.84 -7.61
N ARG H 187 -31.90 -53.93 -7.41
CA ARG H 187 -32.50 -55.28 -7.48
C ARG H 187 -33.73 -55.45 -6.61
N ILE H 188 -33.67 -54.87 -5.40
CA ILE H 188 -34.75 -55.02 -4.41
C ILE H 188 -35.89 -54.05 -4.71
N SER H 189 -35.54 -52.83 -5.08
CA SER H 189 -36.51 -51.81 -5.51
C SER H 189 -37.32 -52.22 -6.75
N ASN H 190 -36.86 -53.22 -7.50
CA ASN H 190 -37.59 -53.69 -8.68
C ASN H 190 -38.43 -54.94 -8.43
N LEU H 191 -38.34 -55.54 -7.25
CA LEU H 191 -39.29 -56.59 -6.86
C LEU H 191 -40.66 -55.92 -6.78
N PRO H 192 -41.68 -56.51 -7.43
CA PRO H 192 -43.03 -55.94 -7.48
C PRO H 192 -43.52 -55.34 -6.16
N THR H 193 -43.55 -56.19 -5.14
CA THR H 193 -44.05 -55.83 -3.80
C THR H 193 -43.36 -54.58 -3.23
N VAL H 194 -42.05 -54.46 -3.45
CA VAL H 194 -41.29 -53.32 -2.94
C VAL H 194 -41.34 -52.08 -3.84
N LYS H 195 -41.26 -52.28 -5.16
CA LYS H 195 -41.43 -51.19 -6.13
C LYS H 195 -42.76 -50.46 -5.84
N LYS H 196 -43.81 -51.24 -5.62
CA LYS H 196 -45.14 -50.76 -5.25
C LYS H 196 -45.16 -49.97 -3.94
N PHE H 197 -44.50 -50.51 -2.92
CA PHE H 197 -44.34 -49.84 -1.65
C PHE H 197 -43.54 -48.52 -1.84
N LEU H 198 -42.61 -48.48 -2.79
CA LEU H 198 -41.88 -47.24 -3.05
C LEU H 198 -42.69 -46.21 -3.86
N GLN H 199 -43.69 -46.66 -4.62
CA GLN H 199 -44.53 -45.73 -5.35
C GLN H 199 -45.32 -44.85 -4.39
N PRO H 200 -45.84 -43.70 -4.87
CA PRO H 200 -46.54 -42.78 -3.99
C PRO H 200 -47.84 -43.35 -3.49
N GLY H 201 -48.32 -42.81 -2.38
CA GLY H 201 -49.56 -43.24 -1.77
C GLY H 201 -49.54 -44.62 -1.13
N SER H 202 -48.34 -45.18 -0.94
CA SER H 202 -48.20 -46.43 -0.16
C SER H 202 -48.12 -46.07 1.32
N PRO H 203 -48.29 -47.07 2.21
CA PRO H 203 -48.14 -46.83 3.64
C PRO H 203 -46.78 -46.27 4.10
N ARG H 204 -45.78 -46.27 3.20
CA ARG H 204 -44.47 -45.66 3.49
C ARG H 204 -44.61 -44.24 3.98
N LYS H 205 -43.83 -43.88 5.00
CA LYS H 205 -43.96 -42.62 5.68
C LYS H 205 -42.78 -41.69 5.36
N PRO H 206 -42.98 -40.38 5.54
CA PRO H 206 -41.92 -39.40 5.25
C PRO H 206 -40.87 -39.29 6.34
N PRO H 207 -39.76 -38.59 6.06
CA PRO H 207 -38.76 -38.39 7.11
C PRO H 207 -39.39 -37.72 8.31
N PRO H 208 -38.83 -37.95 9.51
CA PRO H 208 -39.31 -37.16 10.62
C PRO H 208 -39.16 -35.66 10.35
N ASP H 209 -39.77 -34.86 11.20
CA ASP H 209 -39.62 -33.41 11.17
C ASP H 209 -40.10 -32.89 12.51
N GLU H 210 -39.95 -31.59 12.75
CA GLU H 210 -40.28 -31.04 14.06
C GLU H 210 -41.77 -31.14 14.43
N ILE H 211 -42.63 -31.34 13.43
CA ILE H 211 -44.05 -31.58 13.67
C ILE H 211 -44.29 -32.96 14.30
N TYR H 212 -43.73 -34.00 13.69
CA TYR H 212 -43.83 -35.36 14.22
C TYR H 212 -43.29 -35.37 15.65
N VAL H 213 -42.14 -34.73 15.85
CA VAL H 213 -41.51 -34.65 17.17
C VAL H 213 -42.42 -33.99 18.20
N ARG H 214 -42.99 -32.83 17.87
CA ARG H 214 -43.88 -32.14 18.80
C ARG H 214 -45.13 -32.98 19.09
N THR H 215 -45.61 -33.70 18.08
CA THR H 215 -46.73 -34.64 18.25
C THR H 215 -46.40 -35.69 19.32
N VAL H 216 -45.25 -36.36 19.14
CA VAL H 216 -44.82 -37.42 20.03
C VAL H 216 -44.61 -36.85 21.44
N TYR H 217 -43.78 -35.82 21.58
CA TYR H 217 -43.56 -35.19 22.89
C TYR H 217 -44.88 -34.93 23.60
N ASN H 218 -45.86 -34.41 22.87
CA ASN H 218 -47.17 -34.06 23.46
C ASN H 218 -48.04 -35.27 23.80
N ILE H 219 -47.75 -36.41 23.18
CA ILE H 219 -48.45 -37.66 23.52
C ILE H 219 -47.99 -38.17 24.88
N PHE H 220 -46.71 -37.98 25.21
CA PHE H 220 -46.15 -38.47 26.48
C PHE H 220 -46.17 -37.41 27.59
C1 BOB I . 3.25 29.16 -5.32
N1 BOB I . 1.87 30.95 -6.18
C2 BOB I . 9.67 33.26 -4.60
N2 BOB I . 7.67 32.03 -4.16
O2 BOB I . 10.39 32.27 -5.09
C3 BOB I . 10.05 36.07 -6.86
N3 BOB I . 9.83 34.51 -5.00
O11 BOB I . 2.41 28.91 -4.41
O12 BOB I . 4.10 28.33 -5.72
O31 BOB I . 10.69 36.56 -7.83
O32 BOB I . 8.86 36.43 -6.63
C40 BOB I . 7.72 32.94 0.26
C42 BOB I . 7.27 34.33 -0.25
C43 BOB I . 8.40 35.33 -0.49
C44 BOB I . 8.18 36.52 0.43
C45 BOB I . 9.35 37.48 0.41
C46 BOB I . 8.97 38.72 1.23
C47 BOB I . 7.50 39.07 1.04
C54 BOB I . 8.76 33.07 1.38
C55 BOB I . 8.42 32.18 2.56
O56 BOB I . 8.71 30.83 2.21
O60 BOB I . 6.47 34.15 -1.42
CA1 BOB I . 3.26 30.53 -5.95
CA2 BOB I . 8.60 33.00 -3.57
CA3 BOB I . 10.76 35.04 -6.00
CB1 BOB I . 4.05 31.52 -5.07
CB2 BOB I . 9.32 32.47 -2.33
CD1 BOB I . 6.37 32.23 -4.35
OE1 BOB I . 5.79 33.37 -3.97
CG1 BOB I . 5.55 31.13 -4.97
SG2 BOB I . 8.26 31.85 -1.04
C1 BOB J . -11.62 32.73 -3.73
N1 BOB J . -9.94 32.56 -1.97
C2 BOB J . -15.27 38.29 -0.38
N2 BOB J . -14.13 37.04 -1.97
O2 BOB J . -16.39 37.58 -0.49
C3 BOB J . -14.86 38.24 3.06
N3 BOB J . -14.92 38.92 0.72
O11 BOB J . -10.76 32.84 -4.64
O12 BOB J . -12.77 32.37 -3.95
O31 BOB J . -15.31 38.35 4.20
O32 BOB J . -13.87 37.51 2.78
C40 BOB J . -12.71 40.56 -4.31
C42 BOB J . -11.99 41.15 -3.11
C43 BOB J . -12.89 41.92 -2.15
C44 BOB J . -12.43 43.36 -1.96
C45 BOB J . -13.40 44.06 -1.02
C46 BOB J . -12.88 45.43 -0.59
C47 BOB J . -13.41 45.78 0.79
C54 BOB J . -13.18 41.74 -5.17
C55 BOB J . -13.04 41.40 -6.64
O56 BOB J . -14.27 41.71 -7.28
O60 BOB J . -11.28 40.06 -2.52
CA1 BOB J . -11.27 33.08 -2.31
CA2 BOB J . -14.33 38.40 -1.52
CA3 BOB J . -15.61 38.99 1.99
CB1 BOB J . -11.38 34.60 -2.18
CB2 BOB J . -15.00 39.26 -2.58
CD1 BOB J . -12.96 36.46 -1.80
OE1 BOB J . -11.95 37.12 -1.29
CG1 BOB J . -12.84 35.04 -2.25
SG2 BOB J . -14.04 39.39 -4.07
C1 BOB K . 43.46 55.67 -12.70
N1 BOB K . 44.64 53.68 -11.89
C2 BOB K . 49.03 57.90 -17.15
N2 BOB K . 46.96 57.01 -16.43
O2 BOB K . 48.80 59.06 -16.57
C3 BOB K . 52.26 57.42 -16.01
N3 BOB K . 50.26 57.46 -17.40
O11 BOB K . 42.46 54.99 -12.94
O12 BOB K . 43.38 56.91 -12.55
O31 BOB K . 53.47 57.73 -15.87
O32 BOB K . 51.69 56.56 -15.30
C40 BOB K . 46.31 54.96 -20.26
C42 BOB K . 47.68 54.31 -19.96
C43 BOB K . 48.25 53.39 -21.05
C44 BOB K . 49.18 54.09 -22.08
C45 BOB K . 50.51 53.37 -22.31
C46 BOB K . 50.37 52.11 -23.16
C47 BOB K . 51.37 51.02 -22.77
C54 BOB K . 46.04 55.36 -21.73
C55 BOB K . 44.57 55.14 -22.13
O56 BOB K . 44.04 56.36 -22.67
O60 BOB K . 48.67 55.29 -19.62
CA1 BOB K . 44.81 54.98 -12.55
CA2 BOB K . 47.91 57.01 -17.53
CA3 BOB K . 51.50 58.15 -17.11
CB1 BOB K . 45.46 54.76 -13.91
CB2 BOB K . 47.20 57.54 -18.76
CD1 BOB K . 46.68 55.92 -15.74
OE1 BOB K . 47.24 54.77 -16.03
CG1 BOB K . 45.69 56.07 -14.62
SG2 BOB K . 45.94 56.44 -19.31
C1 BOB L . 39.20 41.23 -8.42
N1 BOB L . 39.12 42.13 -10.70
C2 BOB L . 41.28 34.49 -10.99
N2 BOB L . 41.38 36.50 -9.80
O2 BOB L . 40.22 34.08 -10.30
C3 BOB L . 40.05 33.50 -14.11
N3 BOB L . 41.54 34.00 -12.19
O11 BOB L . 39.72 42.28 -7.99
O12 BOB L . 38.66 40.44 -7.65
O31 BOB L . 39.55 32.63 -14.85
O32 BOB L . 39.94 34.73 -14.34
C40 BOB L . 45.71 36.21 -8.68
C42 BOB L . 46.04 36.22 -10.17
C43 BOB L . 45.91 34.87 -10.86
C44 BOB L . 47.20 34.56 -11.61
C45 BOB L . 47.11 33.25 -12.40
C46 BOB L . 48.49 32.88 -12.95
C47 BOB L . 48.44 32.61 -14.43
C54 BOB L . 46.60 35.20 -7.94
C55 BOB L . 47.51 35.90 -6.95
O56 BOB L . 48.03 34.95 -6.03
O60 BOB L . 45.21 37.22 -10.79
CA1 BOB L . 39.14 40.91 -9.89
CA2 BOB L . 42.21 35.50 -10.41
CA3 BOB L . 40.78 32.98 -12.90
CB1 BOB L . 40.35 40.05 -10.25
CB2 BOB L . 43.04 34.82 -9.32
CD1 BOB L . 41.16 37.67 -10.39
OE1 BOB L . 41.74 37.93 -11.55
CG1 BOB L . 40.26 38.65 -9.68
SG2 BOB L . 43.99 35.94 -8.35
C1 BOB M . -1.13 -30.00 -5.85
N1 BOB M . -0.97 -28.49 -7.76
C2 BOB M . 2.00 -35.77 -9.50
N2 BOB M . 1.69 -33.95 -8.09
O2 BOB M . 1.13 -36.56 -8.85
C3 BOB M . 1.01 -36.20 -12.92
N3 BOB M . 2.22 -35.87 -10.81
O11 BOB M . -1.05 -28.97 -5.13
O12 BOB M . -1.39 -31.12 -5.38
O31 BOB M . 0.87 -36.96 -13.91
O32 BOB M . 0.72 -34.98 -12.94
C40 BOB M . 6.19 -33.78 -7.12
C42 BOB M . 6.48 -33.47 -8.60
C43 BOB M . 6.37 -34.66 -9.56
C44 BOB M . 7.45 -34.61 -10.62
C45 BOB M . 7.20 -35.65 -11.72
C46 BOB M . 8.49 -36.06 -12.40
C47 BOB M . 9.69 -35.70 -11.56
C54 BOB M . 7.25 -34.74 -6.54
C55 BOB M . 7.95 -34.17 -5.29
O56 BOB M . 8.51 -35.22 -4.49
O60 BOB M . 5.58 -32.43 -9.02
CA1 BOB M . -0.95 -29.89 -7.34
CA2 BOB M . 2.73 -34.72 -8.75
CA3 BOB M . 1.57 -36.83 -11.68
CB1 BOB M . 0.35 -30.56 -7.75
CB2 BOB M . 3.65 -35.46 -7.76
CD1 BOB M . 1.33 -32.74 -8.48
OE1 BOB M . 1.93 -32.13 -9.48
CG1 BOB M . 0.20 -32.08 -7.72
SG2 BOB M . 4.57 -34.40 -6.70
C1 BOB N . 0.79 -14.89 -8.17
N1 BOB N . 2.37 -16.75 -7.81
C2 BOB N . 6.08 -10.95 -12.15
N2 BOB N . 4.20 -12.28 -11.57
O2 BOB N . 5.62 -9.84 -11.58
C3 BOB N . 9.24 -11.14 -10.70
N3 BOB N . 7.38 -11.23 -12.26
O11 BOB N . -0.12 -15.72 -8.40
O12 BOB N . 0.55 -13.68 -7.96
O31 BOB N . 10.41 -10.80 -10.43
O32 BOB N . 8.63 -12.07 -10.09
C40 BOB N . 3.45 -13.47 -15.96
C42 BOB N . 4.76 -14.27 -15.91
C43 BOB N . 6.04 -13.46 -16.15
C44 BOB N . 6.81 -13.91 -17.39
C45 BOB N . 7.76 -12.82 -17.88
C46 BOB N . 9.09 -13.38 -18.35
C47 BOB N . 8.95 -14.80 -18.87
C54 BOB N . 3.36 -12.63 -17.26
C55 BOB N . 2.21 -13.07 -18.18
O56 BOB N . 1.03 -12.28 -17.96
O60 BOB N . 4.84 -14.89 -14.61
CA1 BOB N . 2.23 -15.33 -8.18
CA2 BOB N . 5.13 -11.97 -12.67
CA3 BOB N . 8.50 -10.41 -11.82
CB1 BOB N . 2.81 -15.13 -9.57
CB2 BOB N . 4.41 -11.38 -13.88
CD1 BOB N . 4.09 -13.50 -11.01
OE1 BOB N . 4.79 -14.52 -11.48
CG1 BOB N . 3.11 -13.66 -9.85
SG2 BOB N . 3.17 -12.46 -14.49
C1 BOB O . -24.55 -56.06 20.64
N1 BOB O . -25.56 -54.35 19.24
C2 BOB O . -18.06 -52.01 21.62
N2 BOB O . -20.07 -53.32 21.88
O2 BOB O . -17.38 -52.96 20.97
C3 BOB O . -17.37 -49.44 19.56
N3 BOB O . -17.75 -50.72 21.52
O11 BOB O . -25.47 -56.04 21.48
O12 BOB O . -23.83 -57.07 20.46
O31 BOB O . -16.62 -48.86 18.75
O32 BOB O . -18.61 -49.47 19.49
C40 BOB O . -19.88 -51.96 26.34
C42 BOB O . -20.01 -50.56 25.69
C43 BOB O . -19.88 -49.33 26.60
C44 BOB O . -18.57 -48.58 26.32
C45 BOB O . -18.47 -47.18 26.93
C46 BOB O . -17.26 -46.42 26.37
C47 BOB O . -17.64 -45.48 25.24
C54 BOB O . -18.76 -52.09 27.39
C55 BOB O . -19.23 -52.66 28.72
O56 BOB O . -19.07 -54.09 28.73
O60 BOB O . -18.98 -50.48 24.70
CA1 BOB O . -24.30 -54.85 19.78
CA2 BOB O . -19.20 -52.36 22.53
CA3 BOB O . -16.71 -50.14 20.72
CB1 BOB O . -23.56 -53.75 20.56
CB2 BOB O . -18.51 -52.96 23.78
CD1 BOB O . -21.29 -53.02 21.39
OE1 BOB O . -21.76 -51.80 21.49
CG1 BOB O . -22.08 -54.11 20.70
SG2 BOB O . -19.64 -53.23 25.12
C1 BOB P . -39.26 -51.63 20.92
N1 BOB P . -37.51 -51.63 22.65
C2 BOB P . -42.52 -45.51 23.68
N2 BOB P . -41.35 -46.95 22.25
O2 BOB P . -43.67 -46.18 23.54
C3 BOB P . -42.30 -45.17 27.24
N3 BOB P . -42.16 -44.81 24.77
O11 BOB P . -38.43 -52.05 20.10
O12 BOB P . -40.48 -51.62 20.67
O31 BOB P . -42.78 -44.81 28.33
O32 BOB P . -41.33 -45.99 27.15
C40 BOB P . -39.99 -43.21 19.80
C42 BOB P . -39.11 -42.81 20.98
C43 BOB P . -39.77 -42.07 22.14
C44 BOB P . -39.72 -40.55 22.04
C45 BOB P . -39.13 -39.84 23.26
C46 BOB P . -40.15 -38.99 24.01
C47 BOB P . -39.45 -38.16 25.08
C54 BOB P . -40.94 -42.11 19.30
C55 BOB P . -40.62 -41.76 17.86
O56 BOB P . -40.90 -42.88 17.03
O60 BOB P . -38.51 -44.03 21.46
CA1 BOB P . -38.82 -51.11 22.27
CA2 BOB P . -41.53 -45.54 22.57
CA3 BOB P . -42.92 -44.60 25.99
CB1 BOB P . -38.80 -49.57 22.25
CB2 BOB P . -42.10 -44.78 21.36
CD1 BOB P . -40.27 -47.61 22.65
OE1 BOB P . -39.30 -46.98 23.31
CG1 BOB P . -40.23 -49.06 22.30
SG2 BOB P . -40.91 -44.71 20.07
#